data_1ZUI
# 
_entry.id   1ZUI 
# 
_audit_conform.dict_name       mmcif_pdbx.dic 
_audit_conform.dict_version    5.388 
_audit_conform.dict_location   http://mmcif.pdb.org/dictionaries/ascii/mmcif_pdbx.dic 
# 
loop_
_database_2.database_id 
_database_2.database_code 
_database_2.pdbx_database_accession 
_database_2.pdbx_DOI 
PDB   1ZUI         pdb_00001zui 10.2210/pdb1zui/pdb 
RCSB  RCSB033133   ?            ?                   
WWPDB D_1000033133 ?            ?                   
# 
loop_
_pdbx_audit_revision_history.ordinal 
_pdbx_audit_revision_history.data_content_type 
_pdbx_audit_revision_history.major_revision 
_pdbx_audit_revision_history.minor_revision 
_pdbx_audit_revision_history.revision_date 
1 'Structure model' 1 0 2006-05-31 
2 'Structure model' 1 1 2008-04-30 
3 'Structure model' 1 2 2011-07-13 
4 'Structure model' 1 3 2017-10-11 
5 'Structure model' 1 4 2024-03-13 
# 
_pdbx_audit_revision_details.ordinal             1 
_pdbx_audit_revision_details.revision_ordinal    1 
_pdbx_audit_revision_details.data_content_type   'Structure model' 
_pdbx_audit_revision_details.provider            repository 
_pdbx_audit_revision_details.type                'Initial release' 
_pdbx_audit_revision_details.description         ? 
_pdbx_audit_revision_details.details             ? 
# 
loop_
_pdbx_audit_revision_group.ordinal 
_pdbx_audit_revision_group.revision_ordinal 
_pdbx_audit_revision_group.data_content_type 
_pdbx_audit_revision_group.group 
1 2 'Structure model' 'Version format compliance' 
2 3 'Structure model' 'Source and taxonomy'       
3 3 'Structure model' 'Version format compliance' 
4 4 'Structure model' 'Refinement description'    
5 5 'Structure model' 'Data collection'           
6 5 'Structure model' 'Database references'       
7 5 'Structure model' 'Derived calculations'      
# 
loop_
_pdbx_audit_revision_category.ordinal 
_pdbx_audit_revision_category.revision_ordinal 
_pdbx_audit_revision_category.data_content_type 
_pdbx_audit_revision_category.category 
1 4 'Structure model' software           
2 5 'Structure model' chem_comp_atom     
3 5 'Structure model' chem_comp_bond     
4 5 'Structure model' database_2         
5 5 'Structure model' struct_ref_seq_dif 
6 5 'Structure model' struct_site        
# 
loop_
_pdbx_audit_revision_item.ordinal 
_pdbx_audit_revision_item.revision_ordinal 
_pdbx_audit_revision_item.data_content_type 
_pdbx_audit_revision_item.item 
1 5 'Structure model' '_database_2.pdbx_DOI'                
2 5 'Structure model' '_database_2.pdbx_database_accession' 
3 5 'Structure model' '_struct_ref_seq_dif.details'         
4 5 'Structure model' '_struct_site.pdbx_auth_asym_id'      
5 5 'Structure model' '_struct_site.pdbx_auth_comp_id'      
6 5 'Structure model' '_struct_site.pdbx_auth_seq_id'       
# 
_pdbx_database_status.entry_id                        1ZUI 
_pdbx_database_status.deposit_site                    RCSB 
_pdbx_database_status.process_site                    PDBJ 
_pdbx_database_status.recvd_initial_deposition_date   2005-05-31 
_pdbx_database_status.status_code                     REL 
_pdbx_database_status.status_code_sf                  REL 
_pdbx_database_status.status_code_mr                  ? 
_pdbx_database_status.SG_entry                        ? 
_pdbx_database_status.pdb_format_compatible           Y 
_pdbx_database_status.status_code_cs                  ? 
_pdbx_database_status.methods_development_category    ? 
_pdbx_database_status.status_code_nmr_data            ? 
# 
loop_
_audit_author.name 
_audit_author.pdbx_ordinal 
'Cheng, W.C.' 1 
'Chang, Y.N.' 2 
'Wang, W.C.'  3 
# 
_citation.id                        primary 
_citation.title                     'Structural basis for shikimate-binding specificity of Helicobacter pylori shikimate kinase' 
_citation.journal_abbrev            J.Bacteriol. 
_citation.journal_volume            187 
_citation.page_first                8156 
_citation.page_last                 8163 
_citation.year                      2005 
_citation.journal_id_ASTM           JOBAAY 
_citation.country                   US 
_citation.journal_id_ISSN           0021-9193 
_citation.journal_id_CSD            0767 
_citation.book_publisher            ? 
_citation.pdbx_database_id_PubMed   16291688 
_citation.pdbx_database_id_DOI      10.1128/JB.187.23.8156-8163.2005 
# 
loop_
_citation_author.citation_id 
_citation_author.name 
_citation_author.ordinal 
_citation_author.identifier_ORCID 
primary 'Cheng, W.C.' 1 ? 
primary 'Chang, Y.N.' 2 ? 
primary 'Wang, W.C.'  3 ? 
# 
loop_
_entity.id 
_entity.type 
_entity.src_method 
_entity.pdbx_description 
_entity.formula_weight 
_entity.pdbx_number_of_molecules 
_entity.pdbx_ec 
_entity.pdbx_mutation 
_entity.pdbx_fragment 
_entity.details 
1 polymer     man 'Shikimate kinase'                                            19265.336 1  2.7.1.71 ? ? ? 
2 non-polymer syn 'PHOSPHATE ION'                                               94.971    1  ?        ? ? ? 
3 non-polymer syn '(3R,4S,5R)-3,4,5-TRIHYDROXYCYCLOHEX-1-ENE-1-CARBOXYLIC ACID' 174.151   1  ?        ? ? ? 
4 water       nat water                                                         18.015    66 ?        ? ? ? 
# 
_entity_poly.entity_id                      1 
_entity_poly.type                           'polypeptide(L)' 
_entity_poly.nstd_linkage                   no 
_entity_poly.nstd_monomer                   no 
_entity_poly.pdbx_seq_one_letter_code       
;HHHHHHMQHLVLIGFMGSGKSSLAQELGLALKLEVLDTDMIISERVGLSVREIFEELGEDNFRMFEKNLIDELKTLKTPH
VISTGGGIVMHENLKGLGTTFYLKMDFETLIKRLNQKEREKRPLLNNLTQAKELFEKRQALYEKNASFIIDARGGLNNSL
KQVLQFIA
;
_entity_poly.pdbx_seq_one_letter_code_can   
;HHHHHHMQHLVLIGFMGSGKSSLAQELGLALKLEVLDTDMIISERVGLSVREIFEELGEDNFRMFEKNLIDELKTLKTPH
VISTGGGIVMHENLKGLGTTFYLKMDFETLIKRLNQKEREKRPLLNNLTQAKELFEKRQALYEKNASFIIDARGGLNNSL
KQVLQFIA
;
_entity_poly.pdbx_strand_id                 A 
_entity_poly.pdbx_target_identifier         ? 
# 
loop_
_pdbx_entity_nonpoly.entity_id 
_pdbx_entity_nonpoly.name 
_pdbx_entity_nonpoly.comp_id 
2 'PHOSPHATE ION'                                               PO4 
3 '(3R,4S,5R)-3,4,5-TRIHYDROXYCYCLOHEX-1-ENE-1-CARBOXYLIC ACID' SKM 
4 water                                                         HOH 
# 
loop_
_entity_poly_seq.entity_id 
_entity_poly_seq.num 
_entity_poly_seq.mon_id 
_entity_poly_seq.hetero 
1 1   HIS n 
1 2   HIS n 
1 3   HIS n 
1 4   HIS n 
1 5   HIS n 
1 6   HIS n 
1 7   MET n 
1 8   GLN n 
1 9   HIS n 
1 10  LEU n 
1 11  VAL n 
1 12  LEU n 
1 13  ILE n 
1 14  GLY n 
1 15  PHE n 
1 16  MET n 
1 17  GLY n 
1 18  SER n 
1 19  GLY n 
1 20  LYS n 
1 21  SER n 
1 22  SER n 
1 23  LEU n 
1 24  ALA n 
1 25  GLN n 
1 26  GLU n 
1 27  LEU n 
1 28  GLY n 
1 29  LEU n 
1 30  ALA n 
1 31  LEU n 
1 32  LYS n 
1 33  LEU n 
1 34  GLU n 
1 35  VAL n 
1 36  LEU n 
1 37  ASP n 
1 38  THR n 
1 39  ASP n 
1 40  MET n 
1 41  ILE n 
1 42  ILE n 
1 43  SER n 
1 44  GLU n 
1 45  ARG n 
1 46  VAL n 
1 47  GLY n 
1 48  LEU n 
1 49  SER n 
1 50  VAL n 
1 51  ARG n 
1 52  GLU n 
1 53  ILE n 
1 54  PHE n 
1 55  GLU n 
1 56  GLU n 
1 57  LEU n 
1 58  GLY n 
1 59  GLU n 
1 60  ASP n 
1 61  ASN n 
1 62  PHE n 
1 63  ARG n 
1 64  MET n 
1 65  PHE n 
1 66  GLU n 
1 67  LYS n 
1 68  ASN n 
1 69  LEU n 
1 70  ILE n 
1 71  ASP n 
1 72  GLU n 
1 73  LEU n 
1 74  LYS n 
1 75  THR n 
1 76  LEU n 
1 77  LYS n 
1 78  THR n 
1 79  PRO n 
1 80  HIS n 
1 81  VAL n 
1 82  ILE n 
1 83  SER n 
1 84  THR n 
1 85  GLY n 
1 86  GLY n 
1 87  GLY n 
1 88  ILE n 
1 89  VAL n 
1 90  MET n 
1 91  HIS n 
1 92  GLU n 
1 93  ASN n 
1 94  LEU n 
1 95  LYS n 
1 96  GLY n 
1 97  LEU n 
1 98  GLY n 
1 99  THR n 
1 100 THR n 
1 101 PHE n 
1 102 TYR n 
1 103 LEU n 
1 104 LYS n 
1 105 MET n 
1 106 ASP n 
1 107 PHE n 
1 108 GLU n 
1 109 THR n 
1 110 LEU n 
1 111 ILE n 
1 112 LYS n 
1 113 ARG n 
1 114 LEU n 
1 115 ASN n 
1 116 GLN n 
1 117 LYS n 
1 118 GLU n 
1 119 ARG n 
1 120 GLU n 
1 121 LYS n 
1 122 ARG n 
1 123 PRO n 
1 124 LEU n 
1 125 LEU n 
1 126 ASN n 
1 127 ASN n 
1 128 LEU n 
1 129 THR n 
1 130 GLN n 
1 131 ALA n 
1 132 LYS n 
1 133 GLU n 
1 134 LEU n 
1 135 PHE n 
1 136 GLU n 
1 137 LYS n 
1 138 ARG n 
1 139 GLN n 
1 140 ALA n 
1 141 LEU n 
1 142 TYR n 
1 143 GLU n 
1 144 LYS n 
1 145 ASN n 
1 146 ALA n 
1 147 SER n 
1 148 PHE n 
1 149 ILE n 
1 150 ILE n 
1 151 ASP n 
1 152 ALA n 
1 153 ARG n 
1 154 GLY n 
1 155 GLY n 
1 156 LEU n 
1 157 ASN n 
1 158 ASN n 
1 159 SER n 
1 160 LEU n 
1 161 LYS n 
1 162 GLN n 
1 163 VAL n 
1 164 LEU n 
1 165 GLN n 
1 166 PHE n 
1 167 ILE n 
1 168 ALA n 
# 
_entity_src_gen.entity_id                          1 
_entity_src_gen.pdbx_src_id                        1 
_entity_src_gen.pdbx_alt_source_flag               sample 
_entity_src_gen.pdbx_seq_type                      ? 
_entity_src_gen.pdbx_beg_seq_num                   ? 
_entity_src_gen.pdbx_end_seq_num                   ? 
_entity_src_gen.gene_src_common_name               ? 
_entity_src_gen.gene_src_genus                     Helicobacter 
_entity_src_gen.pdbx_gene_src_gene                 AroK 
_entity_src_gen.gene_src_species                   'Helicobacter pylori' 
_entity_src_gen.gene_src_strain                    26695 
_entity_src_gen.gene_src_tissue                    ? 
_entity_src_gen.gene_src_tissue_fraction           ? 
_entity_src_gen.gene_src_details                   ? 
_entity_src_gen.pdbx_gene_src_fragment             ? 
_entity_src_gen.pdbx_gene_src_scientific_name      'Helicobacter pylori' 
_entity_src_gen.pdbx_gene_src_ncbi_taxonomy_id     85962 
_entity_src_gen.pdbx_gene_src_variant              ? 
_entity_src_gen.pdbx_gene_src_cell_line            ? 
_entity_src_gen.pdbx_gene_src_atcc                 ? 
_entity_src_gen.pdbx_gene_src_organ                ? 
_entity_src_gen.pdbx_gene_src_organelle            ? 
_entity_src_gen.pdbx_gene_src_cell                 ? 
_entity_src_gen.pdbx_gene_src_cellular_location    ? 
_entity_src_gen.host_org_common_name               ? 
_entity_src_gen.pdbx_host_org_scientific_name      'Escherichia coli' 
_entity_src_gen.pdbx_host_org_ncbi_taxonomy_id     562 
_entity_src_gen.host_org_genus                     Escherichia 
_entity_src_gen.pdbx_host_org_gene                 ? 
_entity_src_gen.pdbx_host_org_organ                ? 
_entity_src_gen.host_org_species                   ? 
_entity_src_gen.pdbx_host_org_tissue               ? 
_entity_src_gen.pdbx_host_org_tissue_fraction      ? 
_entity_src_gen.pdbx_host_org_strain               JM109 
_entity_src_gen.pdbx_host_org_variant              ? 
_entity_src_gen.pdbx_host_org_cell_line            ? 
_entity_src_gen.pdbx_host_org_atcc                 ? 
_entity_src_gen.pdbx_host_org_culture_collection   ? 
_entity_src_gen.pdbx_host_org_cell                 ? 
_entity_src_gen.pdbx_host_org_organelle            ? 
_entity_src_gen.pdbx_host_org_cellular_location    ? 
_entity_src_gen.pdbx_host_org_vector_type          PLASMID 
_entity_src_gen.pdbx_host_org_vector               ? 
_entity_src_gen.host_org_details                   ? 
_entity_src_gen.expression_system_id               ? 
_entity_src_gen.plasmid_name                       pQE30 
_entity_src_gen.plasmid_details                    ? 
_entity_src_gen.pdbx_description                   ? 
# 
loop_
_chem_comp.id 
_chem_comp.type 
_chem_comp.mon_nstd_flag 
_chem_comp.name 
_chem_comp.pdbx_synonyms 
_chem_comp.formula 
_chem_comp.formula_weight 
ALA 'L-peptide linking' y ALANINE                                                       ?         'C3 H7 N O2'     89.093  
ARG 'L-peptide linking' y ARGININE                                                      ?         'C6 H15 N4 O2 1' 175.209 
ASN 'L-peptide linking' y ASPARAGINE                                                    ?         'C4 H8 N2 O3'    132.118 
ASP 'L-peptide linking' y 'ASPARTIC ACID'                                               ?         'C4 H7 N O4'     133.103 
GLN 'L-peptide linking' y GLUTAMINE                                                     ?         'C5 H10 N2 O3'   146.144 
GLU 'L-peptide linking' y 'GLUTAMIC ACID'                                               ?         'C5 H9 N O4'     147.129 
GLY 'peptide linking'   y GLYCINE                                                       ?         'C2 H5 N O2'     75.067  
HIS 'L-peptide linking' y HISTIDINE                                                     ?         'C6 H10 N3 O2 1' 156.162 
HOH non-polymer         . WATER                                                         ?         'H2 O'           18.015  
ILE 'L-peptide linking' y ISOLEUCINE                                                    ?         'C6 H13 N O2'    131.173 
LEU 'L-peptide linking' y LEUCINE                                                       ?         'C6 H13 N O2'    131.173 
LYS 'L-peptide linking' y LYSINE                                                        ?         'C6 H15 N2 O2 1' 147.195 
MET 'L-peptide linking' y METHIONINE                                                    ?         'C5 H11 N O2 S'  149.211 
PHE 'L-peptide linking' y PHENYLALANINE                                                 ?         'C9 H11 N O2'    165.189 
PO4 non-polymer         . 'PHOSPHATE ION'                                               ?         'O4 P -3'        94.971  
PRO 'L-peptide linking' y PROLINE                                                       ?         'C5 H9 N O2'     115.130 
SER 'L-peptide linking' y SERINE                                                        ?         'C3 H7 N O3'     105.093 
SKM non-polymer         . '(3R,4S,5R)-3,4,5-TRIHYDROXYCYCLOHEX-1-ENE-1-CARBOXYLIC ACID' SHIKIMATE 'C7 H10 O5'      174.151 
THR 'L-peptide linking' y THREONINE                                                     ?         'C4 H9 N O3'     119.119 
TYR 'L-peptide linking' y TYROSINE                                                      ?         'C9 H11 N O3'    181.189 
VAL 'L-peptide linking' y VALINE                                                        ?         'C5 H11 N O2'    117.146 
# 
loop_
_pdbx_poly_seq_scheme.asym_id 
_pdbx_poly_seq_scheme.entity_id 
_pdbx_poly_seq_scheme.seq_id 
_pdbx_poly_seq_scheme.mon_id 
_pdbx_poly_seq_scheme.ndb_seq_num 
_pdbx_poly_seq_scheme.pdb_seq_num 
_pdbx_poly_seq_scheme.auth_seq_num 
_pdbx_poly_seq_scheme.pdb_mon_id 
_pdbx_poly_seq_scheme.auth_mon_id 
_pdbx_poly_seq_scheme.pdb_strand_id 
_pdbx_poly_seq_scheme.pdb_ins_code 
_pdbx_poly_seq_scheme.hetero 
A 1 1   HIS 1   -5  ?   ?   ?   A . n 
A 1 2   HIS 2   -4  ?   ?   ?   A . n 
A 1 3   HIS 3   -3  ?   ?   ?   A . n 
A 1 4   HIS 4   -2  ?   ?   ?   A . n 
A 1 5   HIS 5   -1  ?   ?   ?   A . n 
A 1 6   HIS 6   0   ?   ?   ?   A . n 
A 1 7   MET 7   1   ?   ?   ?   A . n 
A 1 8   GLN 8   2   2   GLN GLN A . n 
A 1 9   HIS 9   3   3   HIS HIS A . n 
A 1 10  LEU 10  4   4   LEU LEU A . n 
A 1 11  VAL 11  5   5   VAL VAL A . n 
A 1 12  LEU 12  6   6   LEU LEU A . n 
A 1 13  ILE 13  7   7   ILE ILE A . n 
A 1 14  GLY 14  8   8   GLY GLY A . n 
A 1 15  PHE 15  9   9   PHE PHE A . n 
A 1 16  MET 16  10  10  MET MET A . n 
A 1 17  GLY 17  11  11  GLY GLY A . n 
A 1 18  SER 18  12  12  SER SER A . n 
A 1 19  GLY 19  13  13  GLY GLY A . n 
A 1 20  LYS 20  14  14  LYS LYS A . n 
A 1 21  SER 21  15  15  SER SER A . n 
A 1 22  SER 22  16  16  SER SER A . n 
A 1 23  LEU 23  17  17  LEU LEU A . n 
A 1 24  ALA 24  18  18  ALA ALA A . n 
A 1 25  GLN 25  19  19  GLN GLN A . n 
A 1 26  GLU 26  20  20  GLU GLU A . n 
A 1 27  LEU 27  21  21  LEU LEU A . n 
A 1 28  GLY 28  22  22  GLY GLY A . n 
A 1 29  LEU 29  23  23  LEU LEU A . n 
A 1 30  ALA 30  24  24  ALA ALA A . n 
A 1 31  LEU 31  25  25  LEU LEU A . n 
A 1 32  LYS 32  26  26  LYS LYS A . n 
A 1 33  LEU 33  27  27  LEU LEU A . n 
A 1 34  GLU 34  28  28  GLU GLU A . n 
A 1 35  VAL 35  29  29  VAL VAL A . n 
A 1 36  LEU 36  30  30  LEU LEU A . n 
A 1 37  ASP 37  31  31  ASP ASP A . n 
A 1 38  THR 38  32  32  THR THR A . n 
A 1 39  ASP 39  33  33  ASP ASP A . n 
A 1 40  MET 40  34  34  MET MET A . n 
A 1 41  ILE 41  35  35  ILE ILE A . n 
A 1 42  ILE 42  36  36  ILE ILE A . n 
A 1 43  SER 43  37  37  SER SER A . n 
A 1 44  GLU 44  38  38  GLU GLU A . n 
A 1 45  ARG 45  39  39  ARG ARG A . n 
A 1 46  VAL 46  40  40  VAL VAL A . n 
A 1 47  GLY 47  41  41  GLY GLY A . n 
A 1 48  LEU 48  42  42  LEU LEU A . n 
A 1 49  SER 49  43  43  SER SER A . n 
A 1 50  VAL 50  44  44  VAL VAL A . n 
A 1 51  ARG 51  45  45  ARG ARG A . n 
A 1 52  GLU 52  46  46  GLU GLU A . n 
A 1 53  ILE 53  47  47  ILE ILE A . n 
A 1 54  PHE 54  48  48  PHE PHE A . n 
A 1 55  GLU 55  49  49  GLU GLU A . n 
A 1 56  GLU 56  50  50  GLU GLU A . n 
A 1 57  LEU 57  51  51  LEU LEU A . n 
A 1 58  GLY 58  52  52  GLY GLY A . n 
A 1 59  GLU 59  53  53  GLU GLU A . n 
A 1 60  ASP 60  54  54  ASP ASP A . n 
A 1 61  ASN 61  55  55  ASN ASN A . n 
A 1 62  PHE 62  56  56  PHE PHE A . n 
A 1 63  ARG 63  57  57  ARG ARG A . n 
A 1 64  MET 64  58  58  MET MET A . n 
A 1 65  PHE 65  59  59  PHE PHE A . n 
A 1 66  GLU 66  60  60  GLU GLU A . n 
A 1 67  LYS 67  61  61  LYS LYS A . n 
A 1 68  ASN 68  62  62  ASN ASN A . n 
A 1 69  LEU 69  63  63  LEU LEU A . n 
A 1 70  ILE 70  64  64  ILE ILE A . n 
A 1 71  ASP 71  65  65  ASP ASP A . n 
A 1 72  GLU 72  66  66  GLU GLU A . n 
A 1 73  LEU 73  67  67  LEU LEU A . n 
A 1 74  LYS 74  68  68  LYS LYS A . n 
A 1 75  THR 75  69  69  THR THR A . n 
A 1 76  LEU 76  70  70  LEU LEU A . n 
A 1 77  LYS 77  71  71  LYS LYS A . n 
A 1 78  THR 78  72  72  THR THR A . n 
A 1 79  PRO 79  73  73  PRO PRO A . n 
A 1 80  HIS 80  74  74  HIS HIS A . n 
A 1 81  VAL 81  75  75  VAL VAL A . n 
A 1 82  ILE 82  76  76  ILE ILE A . n 
A 1 83  SER 83  77  77  SER SER A . n 
A 1 84  THR 84  78  78  THR THR A . n 
A 1 85  GLY 85  79  79  GLY GLY A . n 
A 1 86  GLY 86  80  80  GLY GLY A . n 
A 1 87  GLY 87  81  81  GLY GLY A . n 
A 1 88  ILE 88  82  82  ILE ILE A . n 
A 1 89  VAL 89  83  83  VAL VAL A . n 
A 1 90  MET 90  84  84  MET MET A . n 
A 1 91  HIS 91  85  85  HIS HIS A . n 
A 1 92  GLU 92  86  86  GLU GLU A . n 
A 1 93  ASN 93  87  87  ASN ASN A . n 
A 1 94  LEU 94  88  88  LEU LEU A . n 
A 1 95  LYS 95  89  89  LYS LYS A . n 
A 1 96  GLY 96  90  90  GLY GLY A . n 
A 1 97  LEU 97  91  91  LEU LEU A . n 
A 1 98  GLY 98  92  92  GLY GLY A . n 
A 1 99  THR 99  93  93  THR THR A . n 
A 1 100 THR 100 94  94  THR THR A . n 
A 1 101 PHE 101 95  95  PHE PHE A . n 
A 1 102 TYR 102 96  96  TYR TYR A . n 
A 1 103 LEU 103 97  97  LEU LEU A . n 
A 1 104 LYS 104 98  98  LYS LYS A . n 
A 1 105 MET 105 99  99  MET MET A . n 
A 1 106 ASP 106 100 100 ASP ASP A . n 
A 1 107 PHE 107 101 101 PHE PHE A . n 
A 1 108 GLU 108 102 102 GLU GLU A . n 
A 1 109 THR 109 103 103 THR THR A . n 
A 1 110 LEU 110 104 104 LEU LEU A . n 
A 1 111 ILE 111 105 105 ILE ILE A . n 
A 1 112 LYS 112 106 106 LYS LYS A . n 
A 1 113 ARG 113 107 107 ARG ARG A . n 
A 1 114 LEU 114 108 108 LEU LEU A . n 
A 1 115 ASN 115 109 109 ASN ASN A . n 
A 1 116 GLN 116 110 110 GLN GLN A . n 
A 1 117 LYS 117 111 ?   ?   ?   A . n 
A 1 118 GLU 118 112 ?   ?   ?   A . n 
A 1 119 ARG 119 113 113 ARG ARG A . n 
A 1 120 GLU 120 114 114 GLU GLU A . n 
A 1 121 LYS 121 115 115 LYS LYS A . n 
A 1 122 ARG 122 116 116 ARG ARG A . n 
A 1 123 PRO 123 117 117 PRO PRO A . n 
A 1 124 LEU 124 118 118 LEU LEU A . n 
A 1 125 LEU 125 119 119 LEU LEU A . n 
A 1 126 ASN 126 120 120 ASN ASN A . n 
A 1 127 ASN 127 121 121 ASN ASN A . n 
A 1 128 LEU 128 122 122 LEU LEU A . n 
A 1 129 THR 129 123 123 THR THR A . n 
A 1 130 GLN 130 124 124 GLN GLN A . n 
A 1 131 ALA 131 125 125 ALA ALA A . n 
A 1 132 LYS 132 126 126 LYS LYS A . n 
A 1 133 GLU 133 127 127 GLU GLU A . n 
A 1 134 LEU 134 128 128 LEU LEU A . n 
A 1 135 PHE 135 129 129 PHE PHE A . n 
A 1 136 GLU 136 130 130 GLU GLU A . n 
A 1 137 LYS 137 131 131 LYS LYS A . n 
A 1 138 ARG 138 132 132 ARG ARG A . n 
A 1 139 GLN 139 133 133 GLN GLN A . n 
A 1 140 ALA 140 134 134 ALA ALA A . n 
A 1 141 LEU 141 135 135 LEU LEU A . n 
A 1 142 TYR 142 136 136 TYR TYR A . n 
A 1 143 GLU 143 137 137 GLU GLU A . n 
A 1 144 LYS 144 138 138 LYS LYS A . n 
A 1 145 ASN 145 139 139 ASN ASN A . n 
A 1 146 ALA 146 140 140 ALA ALA A . n 
A 1 147 SER 147 141 141 SER SER A . n 
A 1 148 PHE 148 142 142 PHE PHE A . n 
A 1 149 ILE 149 143 143 ILE ILE A . n 
A 1 150 ILE 150 144 144 ILE ILE A . n 
A 1 151 ASP 151 145 145 ASP ASP A . n 
A 1 152 ALA 152 146 146 ALA ALA A . n 
A 1 153 ARG 153 147 147 ARG ARG A . n 
A 1 154 GLY 154 148 148 GLY GLY A . n 
A 1 155 GLY 155 149 149 GLY GLY A . n 
A 1 156 LEU 156 150 150 LEU LEU A . n 
A 1 157 ASN 157 151 151 ASN ASN A . n 
A 1 158 ASN 158 152 152 ASN ASN A . n 
A 1 159 SER 159 153 153 SER SER A . n 
A 1 160 LEU 160 154 154 LEU LEU A . n 
A 1 161 LYS 161 155 155 LYS LYS A . n 
A 1 162 GLN 162 156 156 GLN GLN A . n 
A 1 163 VAL 163 157 157 VAL VAL A . n 
A 1 164 LEU 164 158 158 LEU LEU A . n 
A 1 165 GLN 165 159 159 GLN GLN A . n 
A 1 166 PHE 166 160 160 PHE PHE A . n 
A 1 167 ILE 167 161 161 ILE ILE A . n 
A 1 168 ALA 168 162 ?   ?   ?   A . n 
# 
loop_
_pdbx_nonpoly_scheme.asym_id 
_pdbx_nonpoly_scheme.entity_id 
_pdbx_nonpoly_scheme.mon_id 
_pdbx_nonpoly_scheme.ndb_seq_num 
_pdbx_nonpoly_scheme.pdb_seq_num 
_pdbx_nonpoly_scheme.auth_seq_num 
_pdbx_nonpoly_scheme.pdb_mon_id 
_pdbx_nonpoly_scheme.auth_mon_id 
_pdbx_nonpoly_scheme.pdb_strand_id 
_pdbx_nonpoly_scheme.pdb_ins_code 
B 2 PO4 1  1001 1001 PO4 PO4 A . 
C 3 SKM 1  2001 2001 SKM SKM A . 
D 4 HOH 1  2002 1    HOH HOH A . 
D 4 HOH 2  2003 2    HOH HOH A . 
D 4 HOH 3  2004 3    HOH HOH A . 
D 4 HOH 4  2005 4    HOH HOH A . 
D 4 HOH 5  2006 5    HOH HOH A . 
D 4 HOH 6  2007 6    HOH HOH A . 
D 4 HOH 7  2008 7    HOH HOH A . 
D 4 HOH 8  2009 8    HOH HOH A . 
D 4 HOH 9  2010 9    HOH HOH A . 
D 4 HOH 10 2011 10   HOH HOH A . 
D 4 HOH 11 2012 11   HOH HOH A . 
D 4 HOH 12 2013 12   HOH HOH A . 
D 4 HOH 13 2014 13   HOH HOH A . 
D 4 HOH 14 2015 14   HOH HOH A . 
D 4 HOH 15 2016 15   HOH HOH A . 
D 4 HOH 16 2017 16   HOH HOH A . 
D 4 HOH 17 2018 17   HOH HOH A . 
D 4 HOH 18 2019 18   HOH HOH A . 
D 4 HOH 19 2020 19   HOH HOH A . 
D 4 HOH 20 2021 20   HOH HOH A . 
D 4 HOH 21 2022 21   HOH HOH A . 
D 4 HOH 22 2023 22   HOH HOH A . 
D 4 HOH 23 2024 23   HOH HOH A . 
D 4 HOH 24 2025 24   HOH HOH A . 
D 4 HOH 25 2026 25   HOH HOH A . 
D 4 HOH 26 2027 26   HOH HOH A . 
D 4 HOH 27 2028 27   HOH HOH A . 
D 4 HOH 28 2029 28   HOH HOH A . 
D 4 HOH 29 2030 29   HOH HOH A . 
D 4 HOH 30 2031 30   HOH HOH A . 
D 4 HOH 31 2032 31   HOH HOH A . 
D 4 HOH 32 2033 32   HOH HOH A . 
D 4 HOH 33 2034 33   HOH HOH A . 
D 4 HOH 34 2035 34   HOH HOH A . 
D 4 HOH 35 2036 35   HOH HOH A . 
D 4 HOH 36 2037 36   HOH HOH A . 
D 4 HOH 37 2038 37   HOH HOH A . 
D 4 HOH 38 2039 38   HOH HOH A . 
D 4 HOH 39 2040 39   HOH HOH A . 
D 4 HOH 40 2041 40   HOH HOH A . 
D 4 HOH 41 2042 41   HOH HOH A . 
D 4 HOH 42 2043 42   HOH HOH A . 
D 4 HOH 43 2044 43   HOH HOH A . 
D 4 HOH 44 2045 44   HOH HOH A . 
D 4 HOH 45 2046 45   HOH HOH A . 
D 4 HOH 46 2047 46   HOH HOH A . 
D 4 HOH 47 2048 47   HOH HOH A . 
D 4 HOH 48 2049 48   HOH HOH A . 
D 4 HOH 49 2050 49   HOH HOH A . 
D 4 HOH 50 2051 50   HOH HOH A . 
D 4 HOH 51 2052 51   HOH HOH A . 
D 4 HOH 52 2053 52   HOH HOH A . 
D 4 HOH 53 2054 53   HOH HOH A . 
D 4 HOH 54 2055 54   HOH HOH A . 
D 4 HOH 55 2056 55   HOH HOH A . 
D 4 HOH 56 2057 56   HOH HOH A . 
D 4 HOH 57 2058 57   HOH HOH A . 
D 4 HOH 58 2059 58   HOH HOH A . 
D 4 HOH 59 2060 59   HOH HOH A . 
D 4 HOH 60 2061 60   HOH HOH A . 
D 4 HOH 61 2062 61   HOH HOH A . 
D 4 HOH 62 2063 62   HOH HOH A . 
D 4 HOH 63 2064 63   HOH HOH A . 
D 4 HOH 64 2065 64   HOH HOH A . 
D 4 HOH 65 2066 65   HOH HOH A . 
D 4 HOH 66 2067 66   HOH HOH A . 
# 
loop_
_software.name 
_software.version 
_software.date 
_software.type 
_software.contact_author 
_software.contact_author_email 
_software.classification 
_software.location 
_software.language 
_software.citation_id 
_software.pdbx_ordinal 
DENZO       .     ?               package 'Zbyszek Otwinowski' zbyszek@mix.swmed.edu    'data reduction'  
http://www.lnls.br/infra/linhasluz/denzo-hkl.htm ?       ? 1 
SCALEPACK   .     ?               package 'Zbyszek Otwinowski' zbyszek@mix.swmed.edu    'data scaling'    
http://www.lnls.br/infra/linhasluz/denzo-hkl.htm ?       ? 2 
MOLREP      .     ?               program 'A. Vagin'           alexei@ysbl.york.ac.uk   phasing           
http://www.ccp4.ac.uk/dist/html/molrep.html      Fortran ? 3 
REFMAC      .     ?               program 'Murshudov, G.N.'    ccp4@dl.ac.uk            refinement        
http://www.ccp4.ac.uk/main.html                  Fortran ? 4 
PDB_EXTRACT 1.601 'Jan. 30, 2005' package PDB                  sw-help@rcsb.rutgers.edu 'data extraction' 
http://pdb.rutgers.edu/software/                 C++     ? 5 
# 
_cell.entry_id           1ZUI 
_cell.length_a           97.286 
_cell.length_b           97.286 
_cell.length_c           46.909 
_cell.angle_alpha        90.00 
_cell.angle_beta         90.00 
_cell.angle_gamma        120.00 
_cell.Z_PDB              6 
_cell.pdbx_unique_axis   ? 
_cell.length_a_esd       ? 
_cell.length_b_esd       ? 
_cell.length_c_esd       ? 
_cell.angle_alpha_esd    ? 
_cell.angle_beta_esd     ? 
_cell.angle_gamma_esd    ? 
# 
_symmetry.entry_id                         1ZUI 
_symmetry.space_group_name_H-M             'P 61' 
_symmetry.pdbx_full_space_group_name_H-M   ? 
_symmetry.cell_setting                     ? 
_symmetry.Int_Tables_number                169 
_symmetry.space_group_name_Hall            ? 
# 
_exptl.entry_id          1ZUI 
_exptl.crystals_number   2 
_exptl.method            'X-RAY DIFFRACTION' 
# 
_exptl_crystal.id                    1 
_exptl_crystal.density_Matthews      3.6 
_exptl_crystal.density_meas          ? 
_exptl_crystal.density_percent_sol   65.2 
_exptl_crystal.description           ? 
_exptl_crystal.F_000                 ? 
_exptl_crystal.preparation           ? 
# 
_exptl_crystal_grow.crystal_id      1 
_exptl_crystal_grow.method          'VAPOR DIFFUSION, HANGING DROP' 
_exptl_crystal_grow.pH              6.5 
_exptl_crystal_grow.temp            293 
_exptl_crystal_grow.temp_details    ? 
_exptl_crystal_grow.pdbx_details    'Lithium sulfate, sodium cacodylate, pH 6.5, VAPOR DIFFUSION, HANGING DROP, temperature 293K' 
_exptl_crystal_grow.pdbx_pH_range   . 
# 
_diffrn.id                     1 
_diffrn.ambient_temp           100 
_diffrn.ambient_temp_details   ? 
_diffrn.crystal_id             1 
# 
_diffrn_detector.diffrn_id              1 
_diffrn_detector.detector               'IMAGE PLATE' 
_diffrn_detector.type                   'RIGAKU RAXIS IV' 
_diffrn_detector.pdbx_collection_date   2004-11-22 
_diffrn_detector.details                ? 
# 
_diffrn_radiation.diffrn_id                        1 
_diffrn_radiation.wavelength_id                    1 
_diffrn_radiation.pdbx_diffrn_protocol             'SINGLE WAVELENGTH' 
_diffrn_radiation.monochromator                    ? 
_diffrn_radiation.pdbx_monochromatic_or_laue_m_l   M 
_diffrn_radiation.pdbx_scattering_type             x-ray 
# 
_diffrn_radiation_wavelength.id           1 
_diffrn_radiation_wavelength.wavelength   1.5418 
_diffrn_radiation_wavelength.wt           1.0 
# 
_diffrn_source.diffrn_id                   1 
_diffrn_source.source                      'ROTATING ANODE' 
_diffrn_source.type                        'RIGAKU RU300' 
_diffrn_source.pdbx_wavelength             ? 
_diffrn_source.pdbx_wavelength_list        1.5418 
_diffrn_source.pdbx_synchrotron_site       ? 
_diffrn_source.pdbx_synchrotron_beamline   ? 
# 
_reflns.entry_id                     1ZUI 
_reflns.d_resolution_low             84.510 
_reflns.d_resolution_high            2.30 
_reflns.number_obs                   11417 
_reflns.percent_possible_obs         99.700 
_reflns.pdbx_Rmerge_I_obs            0.093 
_reflns.pdbx_chi_squared             1.130 
_reflns.pdbx_redundancy              ? 
_reflns.pdbx_scaling_rejects         ? 
_reflns.pdbx_netI_over_sigmaI        ? 
_reflns.pdbx_Rsym_value              ? 
_reflns.observed_criterion_sigma_F   1.0 
_reflns.observed_criterion_sigma_I   1.0 
_reflns.number_all                   11460 
_reflns.B_iso_Wilson_estimate        ? 
_reflns.R_free_details               ? 
_reflns.limit_h_max                  ? 
_reflns.limit_h_min                  ? 
_reflns.limit_k_max                  ? 
_reflns.limit_k_min                  ? 
_reflns.limit_l_max                  ? 
_reflns.limit_l_min                  ? 
_reflns.observed_criterion_F_max     ? 
_reflns.observed_criterion_F_min     ? 
_reflns.pdbx_ordinal                 1 
_reflns.pdbx_diffrn_id               1 
# 
_reflns_shell.d_res_low              2.38 
_reflns_shell.d_res_high             2.30 
_reflns_shell.number_measured_obs    1116 
_reflns_shell.percent_possible_obs   97.900 
_reflns_shell.Rmerge_I_obs           0.451 
_reflns_shell.pdbx_chi_squared       0.997 
_reflns_shell.pdbx_redundancy        ? 
_reflns_shell.number_unique_obs      ? 
_reflns_shell.meanI_over_sigI_obs    ? 
_reflns_shell.pdbx_Rsym_value        ? 
_reflns_shell.percent_possible_all   97.9 
_reflns_shell.number_unique_all      ? 
_reflns_shell.number_measured_all    ? 
_reflns_shell.pdbx_ordinal           1 
_reflns_shell.pdbx_diffrn_id         1 
# 
_refine.ls_d_res_high                            2.300 
_refine.ls_d_res_low                             30.00 
_refine.ls_percent_reflns_obs                    99.560 
_refine.ls_number_reflns_obs                     10842 
_refine.pdbx_ls_cross_valid_method               THROUGHOUT 
_refine.pdbx_R_Free_selection_details            RANDOM 
_refine.ls_R_factor_obs                          0.207 
_refine.ls_R_factor_R_work                       0.203 
_refine.ls_R_factor_R_free                       0.28 
_refine.ls_percent_reflns_R_free                 4.800 
_refine.ls_number_reflns_R_free                  548 
_refine.B_iso_mean                               50.345 
_refine.aniso_B[1][1]                            -4.82 
_refine.aniso_B[2][2]                            -4.82 
_refine.aniso_B[3][3]                            7.23 
_refine.aniso_B[1][2]                            -2.41 
_refine.aniso_B[1][3]                            0.000 
_refine.aniso_B[2][3]                            0.000 
_refine.correlation_coeff_Fo_to_Fc               0.949 
_refine.correlation_coeff_Fo_to_Fc_free          0.902 
_refine.pdbx_overall_ESU_R                       0.236 
_refine.pdbx_overall_ESU_R_Free                  0.231 
_refine.overall_SU_ML                            0.185 
_refine.overall_SU_B                             8.083 
_refine.solvent_model_details                    'BABINET MODEL WITH MASK' 
_refine.pdbx_solvent_vdw_probe_radii             1.400 
_refine.pdbx_solvent_ion_probe_radii             0.800 
_refine.pdbx_solvent_shrinkage_radii             0.800 
_refine.pdbx_stereochemistry_target_values       'MAXIMUM LIKELIHOOD' 
_refine.entry_id                                 1ZUI 
_refine.pdbx_ls_sigma_F                          2.0 
_refine.pdbx_ls_sigma_I                          ? 
_refine.ls_number_reflns_all                     11460 
_refine.ls_R_factor_all                          0.207 
_refine.ls_redundancy_reflns_obs                 ? 
_refine.pdbx_data_cutoff_high_absF               ? 
_refine.pdbx_data_cutoff_low_absF                ? 
_refine.ls_number_parameters                     ? 
_refine.ls_number_restraints                     ? 
_refine.ls_R_factor_R_free_error                 ? 
_refine.ls_R_factor_R_free_error_details         ? 
_refine.pdbx_method_to_determine_struct          'MOLECULAR REPLACEMENT' 
_refine.pdbx_starting_model                      ? 
_refine.pdbx_stereochem_target_val_spec_case     ? 
_refine.solvent_model_param_bsol                 ? 
_refine.solvent_model_param_ksol                 ? 
_refine.occupancy_max                            ? 
_refine.occupancy_min                            ? 
_refine.pdbx_isotropic_thermal_model             ? 
_refine.details                                  ? 
_refine.B_iso_min                                ? 
_refine.B_iso_max                                ? 
_refine.overall_SU_R_Cruickshank_DPI             ? 
_refine.overall_SU_R_free                        ? 
_refine.pdbx_data_cutoff_high_rms_absF           ? 
_refine.ls_wR_factor_R_free                      ? 
_refine.ls_wR_factor_R_work                      ? 
_refine.overall_FOM_free_R_set                   ? 
_refine.overall_FOM_work_R_set                   ? 
_refine.pdbx_refine_id                           'X-RAY DIFFRACTION' 
_refine.pdbx_diffrn_id                           1 
_refine.pdbx_TLS_residual_ADP_flag               ? 
_refine.pdbx_overall_phase_error                 ? 
_refine.pdbx_overall_SU_R_free_Cruickshank_DPI   ? 
_refine.pdbx_overall_SU_R_Blow_DPI               ? 
_refine.pdbx_overall_SU_R_free_Blow_DPI          ? 
# 
_refine_hist.pdbx_refine_id                   'X-RAY DIFFRACTION' 
_refine_hist.cycle_id                         LAST 
_refine_hist.pdbx_number_atoms_protein        1261 
_refine_hist.pdbx_number_atoms_nucleic_acid   0 
_refine_hist.pdbx_number_atoms_ligand         17 
_refine_hist.number_atoms_solvent             66 
_refine_hist.number_atoms_total               1344 
_refine_hist.d_res_high                       2.300 
_refine_hist.d_res_low                        30.00 
# 
loop_
_refine_ls_restr.type 
_refine_ls_restr.dev_ideal 
_refine_ls_restr.dev_ideal_target 
_refine_ls_restr.weight 
_refine_ls_restr.number 
_refine_ls_restr.pdbx_refine_id 
_refine_ls_restr.pdbx_restraint_function 
r_bond_refined_d             0.042  0.022 ? 1291 'X-RAY DIFFRACTION' ? 
r_bond_other_d               ?      ?     ? ?    'X-RAY DIFFRACTION' ? 
r_angle_refined_deg          3.250  2.001 ? 1728 'X-RAY DIFFRACTION' ? 
r_angle_other_deg            ?      ?     ? ?    'X-RAY DIFFRACTION' ? 
r_dihedral_angle_1_deg       10.268 5.000 ? 156  'X-RAY DIFFRACTION' ? 
r_dihedral_angle_2_deg       ?      ?     ? ?    'X-RAY DIFFRACTION' ? 
r_dihedral_angle_3_deg       ?      ?     ? ?    'X-RAY DIFFRACTION' ? 
r_dihedral_angle_4_deg       ?      ?     ? ?    'X-RAY DIFFRACTION' ? 
r_chiral_restr               0.243  0.200 ? 201  'X-RAY DIFFRACTION' ? 
r_gen_planes_refined         0.015  0.020 ? 927  'X-RAY DIFFRACTION' ? 
r_gen_planes_other           ?      ?     ? ?    'X-RAY DIFFRACTION' ? 
r_nbd_refined                0.299  0.200 ? 704  'X-RAY DIFFRACTION' ? 
r_nbd_other                  ?      ?     ? ?    'X-RAY DIFFRACTION' ? 
r_nbtor_refined              ?      ?     ? ?    'X-RAY DIFFRACTION' ? 
r_nbtor_other                ?      ?     ? ?    'X-RAY DIFFRACTION' ? 
r_xyhbond_nbd_refined        0.213  0.200 ? 79   'X-RAY DIFFRACTION' ? 
r_xyhbond_nbd_other          ?      ?     ? ?    'X-RAY DIFFRACTION' ? 
r_metal_ion_refined          ?      ?     ? ?    'X-RAY DIFFRACTION' ? 
r_metal_ion_other            ?      ?     ? ?    'X-RAY DIFFRACTION' ? 
r_symmetry_vdw_refined       0.254  0.200 ? 17   'X-RAY DIFFRACTION' ? 
r_symmetry_vdw_other         ?      ?     ? ?    'X-RAY DIFFRACTION' ? 
r_symmetry_hbond_refined     ?      ?     ? ?    'X-RAY DIFFRACTION' ? 
r_symmetry_hbond_other       ?      ?     ? ?    'X-RAY DIFFRACTION' ? 
r_symmetry_metal_ion_refined ?      ?     ? ?    'X-RAY DIFFRACTION' ? 
r_symmetry_metal_ion_other   ?      ?     ? ?    'X-RAY DIFFRACTION' ? 
r_mcbond_it                  1.626  1.500 ? 777  'X-RAY DIFFRACTION' ? 
r_mcbond_other               ?      ?     ? ?    'X-RAY DIFFRACTION' ? 
r_mcangle_it                 3.018  2.000 ? 1245 'X-RAY DIFFRACTION' ? 
r_scbond_it                  5.479  3.000 ? 514  'X-RAY DIFFRACTION' ? 
r_scangle_it                 8.113  4.500 ? 483  'X-RAY DIFFRACTION' ? 
r_rigid_bond_restr           ?      ?     ? ?    'X-RAY DIFFRACTION' ? 
r_sphericity_free            ?      ?     ? ?    'X-RAY DIFFRACTION' ? 
r_sphericity_bonded          ?      ?     ? ?    'X-RAY DIFFRACTION' ? 
# 
_refine_ls_shell.d_res_high                       2.300 
_refine_ls_shell.d_res_low                        2.360 
_refine_ls_shell.pdbx_total_number_of_bins_used   20 
_refine_ls_shell.percent_reflns_obs               ? 
_refine_ls_shell.number_reflns_R_work             795 
_refine_ls_shell.R_factor_R_work                  0.327 
_refine_ls_shell.R_factor_R_free                  0.324 
_refine_ls_shell.percent_reflns_R_free            ? 
_refine_ls_shell.number_reflns_R_free             32 
_refine_ls_shell.R_factor_R_free_error            ? 
_refine_ls_shell.number_reflns_obs                ? 
_refine_ls_shell.redundancy_reflns_obs            ? 
_refine_ls_shell.number_reflns_all                ? 
_refine_ls_shell.R_factor_all                     ? 
_refine_ls_shell.pdbx_refine_id                   'X-RAY DIFFRACTION' 
# 
_struct.entry_id                  1ZUI 
_struct.title                     'Structural Basis for Shikimate-binding Specificity of Helicobacter pylori Shikimate Kinase' 
_struct.pdbx_model_details        ? 
_struct.pdbx_CASP_flag            ? 
_struct.pdbx_model_type_details   ? 
# 
_struct_keywords.entry_id        1ZUI 
_struct_keywords.pdbx_keywords   TRANSFERASE 
_struct_keywords.text            'alpha-beta protein, TRANSFERASE' 
# 
loop_
_struct_asym.id 
_struct_asym.pdbx_blank_PDB_chainid_flag 
_struct_asym.pdbx_modified 
_struct_asym.entity_id 
_struct_asym.details 
A N N 1 ? 
B N N 2 ? 
C N N 3 ? 
D N N 4 ? 
# 
_struct_ref.id                         1 
_struct_ref.db_name                    UNP 
_struct_ref.db_code                    AROK_HELPY 
_struct_ref.pdbx_db_accession          P56073 
_struct_ref.entity_id                  1 
_struct_ref.pdbx_align_begin           1 
_struct_ref.pdbx_db_isoform            ? 
_struct_ref.pdbx_seq_one_letter_code   ? 
# 
_struct_ref_seq.align_id                      1 
_struct_ref_seq.ref_id                        1 
_struct_ref_seq.pdbx_PDB_id_code              1ZUI 
_struct_ref_seq.pdbx_strand_id                A 
_struct_ref_seq.seq_align_beg                 7 
_struct_ref_seq.pdbx_seq_align_beg_ins_code   ? 
_struct_ref_seq.seq_align_end                 168 
_struct_ref_seq.pdbx_seq_align_end_ins_code   ? 
_struct_ref_seq.pdbx_db_accession             P56073 
_struct_ref_seq.db_align_beg                  1 
_struct_ref_seq.pdbx_db_align_beg_ins_code    ? 
_struct_ref_seq.db_align_end                  162 
_struct_ref_seq.pdbx_db_align_end_ins_code    ? 
_struct_ref_seq.pdbx_auth_seq_align_beg       1 
_struct_ref_seq.pdbx_auth_seq_align_end       162 
# 
loop_
_struct_ref_seq_dif.align_id 
_struct_ref_seq_dif.pdbx_pdb_id_code 
_struct_ref_seq_dif.mon_id 
_struct_ref_seq_dif.pdbx_pdb_strand_id 
_struct_ref_seq_dif.seq_num 
_struct_ref_seq_dif.pdbx_pdb_ins_code 
_struct_ref_seq_dif.pdbx_seq_db_name 
_struct_ref_seq_dif.pdbx_seq_db_accession_code 
_struct_ref_seq_dif.db_mon_id 
_struct_ref_seq_dif.pdbx_seq_db_seq_num 
_struct_ref_seq_dif.details 
_struct_ref_seq_dif.pdbx_auth_seq_num 
_struct_ref_seq_dif.pdbx_ordinal 
1 1ZUI HIS A 1 ? UNP P56073 ? ? 'expression tag' -5 1 
1 1ZUI HIS A 2 ? UNP P56073 ? ? 'expression tag' -4 2 
1 1ZUI HIS A 3 ? UNP P56073 ? ? 'expression tag' -3 3 
1 1ZUI HIS A 4 ? UNP P56073 ? ? 'expression tag' -2 4 
1 1ZUI HIS A 5 ? UNP P56073 ? ? 'expression tag' -1 5 
1 1ZUI HIS A 6 ? UNP P56073 ? ? 'expression tag' 0  6 
# 
_pdbx_struct_assembly.id                   1 
_pdbx_struct_assembly.details              author_defined_assembly 
_pdbx_struct_assembly.method_details       ? 
_pdbx_struct_assembly.oligomeric_details   monomeric 
_pdbx_struct_assembly.oligomeric_count     1 
# 
_pdbx_struct_assembly_gen.assembly_id       1 
_pdbx_struct_assembly_gen.oper_expression   1 
_pdbx_struct_assembly_gen.asym_id_list      A,B,C,D 
# 
_pdbx_struct_oper_list.id                   1 
_pdbx_struct_oper_list.type                 'identity operation' 
_pdbx_struct_oper_list.name                 1_555 
_pdbx_struct_oper_list.symmetry_operation   x,y,z 
_pdbx_struct_oper_list.matrix[1][1]         1.0000000000 
_pdbx_struct_oper_list.matrix[1][2]         0.0000000000 
_pdbx_struct_oper_list.matrix[1][3]         0.0000000000 
_pdbx_struct_oper_list.vector[1]            0.0000000000 
_pdbx_struct_oper_list.matrix[2][1]         0.0000000000 
_pdbx_struct_oper_list.matrix[2][2]         1.0000000000 
_pdbx_struct_oper_list.matrix[2][3]         0.0000000000 
_pdbx_struct_oper_list.vector[2]            0.0000000000 
_pdbx_struct_oper_list.matrix[3][1]         0.0000000000 
_pdbx_struct_oper_list.matrix[3][2]         0.0000000000 
_pdbx_struct_oper_list.matrix[3][3]         1.0000000000 
_pdbx_struct_oper_list.vector[3]            0.0000000000 
# 
_struct_biol.id   1 
# 
loop_
_struct_conf.conf_type_id 
_struct_conf.id 
_struct_conf.pdbx_PDB_helix_id 
_struct_conf.beg_label_comp_id 
_struct_conf.beg_label_asym_id 
_struct_conf.beg_label_seq_id 
_struct_conf.pdbx_beg_PDB_ins_code 
_struct_conf.end_label_comp_id 
_struct_conf.end_label_asym_id 
_struct_conf.end_label_seq_id 
_struct_conf.pdbx_end_PDB_ins_code 
_struct_conf.beg_auth_comp_id 
_struct_conf.beg_auth_asym_id 
_struct_conf.beg_auth_seq_id 
_struct_conf.end_auth_comp_id 
_struct_conf.end_auth_asym_id 
_struct_conf.end_auth_seq_id 
_struct_conf.pdbx_PDB_helix_class 
_struct_conf.details 
_struct_conf.pdbx_PDB_helix_length 
HELX_P HELX_P1 1 GLY A 19  ? LYS A 32  ? GLY A 13  LYS A 26  1 ? 14 
HELX_P HELX_P2 2 THR A 38  ? GLY A 47  ? THR A 32  GLY A 41  1 ? 10 
HELX_P HELX_P3 3 SER A 49  ? GLY A 58  ? SER A 43  GLY A 52  1 ? 10 
HELX_P HELX_P4 4 GLY A 58  ? LYS A 74  ? GLY A 52  LYS A 68  1 ? 17 
HELX_P HELX_P5 5 GLY A 87  ? LYS A 95  ? GLY A 81  LYS A 89  5 ? 9  
HELX_P HELX_P6 6 ASP A 106 ? LEU A 114 ? ASP A 100 LEU A 108 1 ? 9  
HELX_P HELX_P7 7 ARG A 122 ? ASN A 126 ? ARG A 116 ASN A 120 5 ? 5  
HELX_P HELX_P8 8 ASN A 127 ? ALA A 146 ? ASN A 121 ALA A 140 1 ? 20 
HELX_P HELX_P9 9 GLY A 155 ? PHE A 166 ? GLY A 149 PHE A 160 1 ? 12 
# 
_struct_conf_type.id          HELX_P 
_struct_conf_type.criteria    ? 
_struct_conf_type.reference   ? 
# 
_struct_sheet.id               A 
_struct_sheet.type             ? 
_struct_sheet.number_strands   5 
_struct_sheet.details          ? 
# 
loop_
_struct_sheet_order.sheet_id 
_struct_sheet_order.range_id_1 
_struct_sheet_order.range_id_2 
_struct_sheet_order.offset 
_struct_sheet_order.sense 
A 1 2 ? parallel 
A 2 3 ? parallel 
A 3 4 ? parallel 
A 4 5 ? parallel 
# 
loop_
_struct_sheet_range.sheet_id 
_struct_sheet_range.id 
_struct_sheet_range.beg_label_comp_id 
_struct_sheet_range.beg_label_asym_id 
_struct_sheet_range.beg_label_seq_id 
_struct_sheet_range.pdbx_beg_PDB_ins_code 
_struct_sheet_range.end_label_comp_id 
_struct_sheet_range.end_label_asym_id 
_struct_sheet_range.end_label_seq_id 
_struct_sheet_range.pdbx_end_PDB_ins_code 
_struct_sheet_range.beg_auth_comp_id 
_struct_sheet_range.beg_auth_asym_id 
_struct_sheet_range.beg_auth_seq_id 
_struct_sheet_range.end_auth_comp_id 
_struct_sheet_range.end_auth_asym_id 
_struct_sheet_range.end_auth_seq_id 
A 1 GLU A 34  ? ASP A 37  ? GLU A 28  ASP A 31  
A 2 HIS A 80  ? SER A 83  ? HIS A 74  SER A 77  
A 3 HIS A 9   ? ILE A 13  ? HIS A 3   ILE A 7   
A 4 GLY A 98  ? LYS A 104 ? GLY A 92  LYS A 98  
A 5 PHE A 148 ? ASP A 151 ? PHE A 142 ASP A 145 
# 
loop_
_pdbx_struct_sheet_hbond.sheet_id 
_pdbx_struct_sheet_hbond.range_id_1 
_pdbx_struct_sheet_hbond.range_id_2 
_pdbx_struct_sheet_hbond.range_1_label_atom_id 
_pdbx_struct_sheet_hbond.range_1_label_comp_id 
_pdbx_struct_sheet_hbond.range_1_label_asym_id 
_pdbx_struct_sheet_hbond.range_1_label_seq_id 
_pdbx_struct_sheet_hbond.range_1_PDB_ins_code 
_pdbx_struct_sheet_hbond.range_1_auth_atom_id 
_pdbx_struct_sheet_hbond.range_1_auth_comp_id 
_pdbx_struct_sheet_hbond.range_1_auth_asym_id 
_pdbx_struct_sheet_hbond.range_1_auth_seq_id 
_pdbx_struct_sheet_hbond.range_2_label_atom_id 
_pdbx_struct_sheet_hbond.range_2_label_comp_id 
_pdbx_struct_sheet_hbond.range_2_label_asym_id 
_pdbx_struct_sheet_hbond.range_2_label_seq_id 
_pdbx_struct_sheet_hbond.range_2_PDB_ins_code 
_pdbx_struct_sheet_hbond.range_2_auth_atom_id 
_pdbx_struct_sheet_hbond.range_2_auth_comp_id 
_pdbx_struct_sheet_hbond.range_2_auth_asym_id 
_pdbx_struct_sheet_hbond.range_2_auth_seq_id 
A 1 2 N LEU A 36  ? N LEU A 30 O VAL A 81  ? O VAL A 75  
A 2 3 O ILE A 82  ? O ILE A 76 N LEU A 10  ? N LEU A 4   
A 3 4 N ILE A 13  ? N ILE A 7  O LEU A 103 ? O LEU A 97  
A 4 5 N TYR A 102 ? N TYR A 96 O ILE A 150 ? O ILE A 144 
# 
loop_
_struct_site.id 
_struct_site.pdbx_evidence_code 
_struct_site.pdbx_auth_asym_id 
_struct_site.pdbx_auth_comp_id 
_struct_site.pdbx_auth_seq_id 
_struct_site.pdbx_auth_ins_code 
_struct_site.pdbx_num_residues 
_struct_site.details 
AC1 Software A PO4 1001 ? 5  'BINDING SITE FOR RESIDUE PO4 A 1001' 
AC2 Software A SKM 2001 ? 14 'BINDING SITE FOR RESIDUE SKM A 2001' 
# 
loop_
_struct_site_gen.id 
_struct_site_gen.site_id 
_struct_site_gen.pdbx_num_res 
_struct_site_gen.label_comp_id 
_struct_site_gen.label_asym_id 
_struct_site_gen.label_seq_id 
_struct_site_gen.pdbx_auth_ins_code 
_struct_site_gen.auth_comp_id 
_struct_site_gen.auth_asym_id 
_struct_site_gen.auth_seq_id 
_struct_site_gen.label_atom_id 
_struct_site_gen.label_alt_id 
_struct_site_gen.symmetry 
_struct_site_gen.details 
1  AC1 5  GLY A 17  ? GLY A 11   . ? 1_555 ? 
2  AC1 5  GLY A 19  ? GLY A 13   . ? 1_555 ? 
3  AC1 5  LYS A 20  ? LYS A 14   . ? 1_555 ? 
4  AC1 5  SER A 21  ? SER A 15   . ? 1_555 ? 
5  AC1 5  HOH D .   ? HOH A 2014 . ? 1_555 ? 
6  AC2 14 MET A 16  ? MET A 10   . ? 1_555 ? 
7  AC2 14 ASP A 39  ? ASP A 33   . ? 1_555 ? 
8  AC2 14 VAL A 50  ? VAL A 44   . ? 1_555 ? 
9  AC2 14 PHE A 54  ? PHE A 48   . ? 1_555 ? 
10 AC2 14 ARG A 63  ? ARG A 57   . ? 1_555 ? 
11 AC2 14 GLY A 85  ? GLY A 79   . ? 1_555 ? 
12 AC2 14 GLY A 86  ? GLY A 80   . ? 1_555 ? 
13 AC2 14 GLY A 87  ? GLY A 81   . ? 1_555 ? 
14 AC2 14 GLU A 120 ? GLU A 114  . ? 1_555 ? 
15 AC2 14 ARG A 122 ? ARG A 116  . ? 1_555 ? 
16 AC2 14 ARG A 138 ? ARG A 132  . ? 1_555 ? 
17 AC2 14 HOH D .   ? HOH A 2003 . ? 1_555 ? 
18 AC2 14 HOH D .   ? HOH A 2004 . ? 1_555 ? 
19 AC2 14 HOH D .   ? HOH A 2012 . ? 1_555 ? 
# 
loop_
_pdbx_validate_close_contact.id 
_pdbx_validate_close_contact.PDB_model_num 
_pdbx_validate_close_contact.auth_atom_id_1 
_pdbx_validate_close_contact.auth_asym_id_1 
_pdbx_validate_close_contact.auth_comp_id_1 
_pdbx_validate_close_contact.auth_seq_id_1 
_pdbx_validate_close_contact.PDB_ins_code_1 
_pdbx_validate_close_contact.label_alt_id_1 
_pdbx_validate_close_contact.auth_atom_id_2 
_pdbx_validate_close_contact.auth_asym_id_2 
_pdbx_validate_close_contact.auth_comp_id_2 
_pdbx_validate_close_contact.auth_seq_id_2 
_pdbx_validate_close_contact.PDB_ins_code_2 
_pdbx_validate_close_contact.label_alt_id_2 
_pdbx_validate_close_contact.dist 
1 1 CE  A LYS 71   ? ? O   A HOH 2067 ? ? 1.95 
2 1 O   A HOH 2005 ? ? O   A HOH 2040 ? ? 2.02 
3 1 OD2 A ASP 100  ? ? OG1 A THR 103  ? ? 2.15 
4 1 CE  A LYS 71   ? ? O   A HOH 2063 ? ? 2.19 
# 
loop_
_pdbx_validate_rmsd_bond.id 
_pdbx_validate_rmsd_bond.PDB_model_num 
_pdbx_validate_rmsd_bond.auth_atom_id_1 
_pdbx_validate_rmsd_bond.auth_asym_id_1 
_pdbx_validate_rmsd_bond.auth_comp_id_1 
_pdbx_validate_rmsd_bond.auth_seq_id_1 
_pdbx_validate_rmsd_bond.PDB_ins_code_1 
_pdbx_validate_rmsd_bond.label_alt_id_1 
_pdbx_validate_rmsd_bond.auth_atom_id_2 
_pdbx_validate_rmsd_bond.auth_asym_id_2 
_pdbx_validate_rmsd_bond.auth_comp_id_2 
_pdbx_validate_rmsd_bond.auth_seq_id_2 
_pdbx_validate_rmsd_bond.PDB_ins_code_2 
_pdbx_validate_rmsd_bond.label_alt_id_2 
_pdbx_validate_rmsd_bond.bond_value 
_pdbx_validate_rmsd_bond.bond_target_value 
_pdbx_validate_rmsd_bond.bond_deviation 
_pdbx_validate_rmsd_bond.bond_standard_deviation 
_pdbx_validate_rmsd_bond.linker_flag 
1 1 CG A GLU 20  ? ? CD  A GLU 20  ? ? 1.656 1.515 0.141 0.015 N 
2 1 CD A GLU 38  ? ? OE1 A GLU 38  ? ? 1.366 1.252 0.114 0.011 N 
3 1 CD A GLU 38  ? ? OE2 A GLU 38  ? ? 1.344 1.252 0.092 0.011 N 
4 1 CD A GLU 49  ? ? OE1 A GLU 49  ? ? 1.322 1.252 0.070 0.011 N 
5 1 CZ A PHE 59  ? ? CE2 A PHE 59  ? ? 1.496 1.369 0.127 0.019 N 
6 1 CB A VAL 75  ? ? CG2 A VAL 75  ? ? 1.650 1.524 0.126 0.021 N 
7 1 CD A GLU 137 ? ? OE2 A GLU 137 ? ? 1.346 1.252 0.094 0.011 N 
8 1 CB A VAL 157 ? ? CG1 A VAL 157 ? ? 1.667 1.524 0.143 0.021 N 
# 
loop_
_pdbx_validate_rmsd_angle.id 
_pdbx_validate_rmsd_angle.PDB_model_num 
_pdbx_validate_rmsd_angle.auth_atom_id_1 
_pdbx_validate_rmsd_angle.auth_asym_id_1 
_pdbx_validate_rmsd_angle.auth_comp_id_1 
_pdbx_validate_rmsd_angle.auth_seq_id_1 
_pdbx_validate_rmsd_angle.PDB_ins_code_1 
_pdbx_validate_rmsd_angle.label_alt_id_1 
_pdbx_validate_rmsd_angle.auth_atom_id_2 
_pdbx_validate_rmsd_angle.auth_asym_id_2 
_pdbx_validate_rmsd_angle.auth_comp_id_2 
_pdbx_validate_rmsd_angle.auth_seq_id_2 
_pdbx_validate_rmsd_angle.PDB_ins_code_2 
_pdbx_validate_rmsd_angle.label_alt_id_2 
_pdbx_validate_rmsd_angle.auth_atom_id_3 
_pdbx_validate_rmsd_angle.auth_asym_id_3 
_pdbx_validate_rmsd_angle.auth_comp_id_3 
_pdbx_validate_rmsd_angle.auth_seq_id_3 
_pdbx_validate_rmsd_angle.PDB_ins_code_3 
_pdbx_validate_rmsd_angle.label_alt_id_3 
_pdbx_validate_rmsd_angle.angle_value 
_pdbx_validate_rmsd_angle.angle_target_value 
_pdbx_validate_rmsd_angle.angle_deviation 
_pdbx_validate_rmsd_angle.angle_standard_deviation 
_pdbx_validate_rmsd_angle.linker_flag 
1  1 OE1 A GLU 20  ? ? CD A GLU 20  ? ? OE2 A GLU 20  ? ? 114.61 123.30 -8.69  1.20 N 
2  1 CB  A ASP 31  ? ? CG A ASP 31  ? ? OD2 A ASP 31  ? ? 123.72 118.30 5.42   0.90 N 
3  1 CG  A MET 34  ? ? SD A MET 34  ? ? CE  A MET 34  ? ? 127.60 100.20 27.40  1.60 N 
4  1 NE  A ARG 39  ? ? CZ A ARG 39  ? ? NH1 A ARG 39  ? ? 113.02 120.30 -7.28  0.50 N 
5  1 NE  A ARG 39  ? ? CZ A ARG 39  ? ? NH2 A ARG 39  ? ? 127.37 120.30 7.07   0.50 N 
6  1 NE  A ARG 57  ? ? CZ A ARG 57  ? ? NH1 A ARG 57  ? ? 125.74 120.30 5.44   0.50 N 
7  1 NE  A ARG 57  ? ? CZ A ARG 57  ? ? NH2 A ARG 57  ? ? 114.41 120.30 -5.89  0.50 N 
8  1 CD  A LYS 71  ? ? CE A LYS 71  ? ? NZ  A LYS 71  ? ? 84.18  111.70 -27.52 2.30 N 
9  1 N   A THR 78  ? ? CA A THR 78  ? ? CB  A THR 78  ? ? 94.80  110.30 -15.50 1.90 N 
10 1 CB  A ASP 100 ? ? CG A ASP 100 ? ? OD2 A ASP 100 ? ? 124.03 118.30 5.73   0.90 N 
11 1 CB  A LEU 104 ? ? CG A LEU 104 ? ? CD2 A LEU 104 ? ? 94.38  111.00 -16.62 1.70 N 
12 1 NE  A ARG 132 ? ? CZ A ARG 132 ? ? NH1 A ARG 132 ? ? 114.97 120.30 -5.33  0.50 N 
13 1 CB  A ASP 145 ? ? CG A ASP 145 ? ? OD2 A ASP 145 ? ? 125.24 118.30 6.94   0.90 N 
14 1 CB  A LEU 154 ? ? CG A LEU 154 ? ? CD2 A LEU 154 ? ? 122.47 111.00 11.47  1.70 N 
# 
loop_
_pdbx_validate_torsion.id 
_pdbx_validate_torsion.PDB_model_num 
_pdbx_validate_torsion.auth_comp_id 
_pdbx_validate_torsion.auth_asym_id 
_pdbx_validate_torsion.auth_seq_id 
_pdbx_validate_torsion.PDB_ins_code 
_pdbx_validate_torsion.label_alt_id 
_pdbx_validate_torsion.phi 
_pdbx_validate_torsion.psi 
1 1 HIS A 3   ? ? -47.86 152.37 
2 1 LYS A 26  ? ? 26.60  67.73  
3 1 ARG A 116 ? ? -10.06 131.61 
# 
loop_
_pdbx_validate_peptide_omega.id 
_pdbx_validate_peptide_omega.PDB_model_num 
_pdbx_validate_peptide_omega.auth_comp_id_1 
_pdbx_validate_peptide_omega.auth_asym_id_1 
_pdbx_validate_peptide_omega.auth_seq_id_1 
_pdbx_validate_peptide_omega.PDB_ins_code_1 
_pdbx_validate_peptide_omega.label_alt_id_1 
_pdbx_validate_peptide_omega.auth_comp_id_2 
_pdbx_validate_peptide_omega.auth_asym_id_2 
_pdbx_validate_peptide_omega.auth_seq_id_2 
_pdbx_validate_peptide_omega.PDB_ins_code_2 
_pdbx_validate_peptide_omega.label_alt_id_2 
_pdbx_validate_peptide_omega.omega 
1 1 GLN A 2   ? ? HIS A 3   ? ? 142.36 
2 1 LEU A 108 ? ? ASN A 109 ? ? 146.69 
3 1 LYS A 115 ? ? ARG A 116 ? ? 149.13 
# 
_pdbx_phasing_MR.entry_id                     1ZUI 
_pdbx_phasing_MR.method_rotation              ? 
_pdbx_phasing_MR.method_translation           ? 
_pdbx_phasing_MR.model_details                ? 
_pdbx_phasing_MR.R_factor                     0.420 
_pdbx_phasing_MR.R_rigid_body                 ? 
_pdbx_phasing_MR.correlation_coeff_Fo_to_Fc   0.652 
_pdbx_phasing_MR.correlation_coeff_Io_to_Ic   ? 
_pdbx_phasing_MR.d_res_high_rotation          3.000 
_pdbx_phasing_MR.d_res_low_rotation           20.920 
_pdbx_phasing_MR.d_res_high_translation       3.000 
_pdbx_phasing_MR.d_res_low_translation        20.920 
_pdbx_phasing_MR.packing                      ? 
_pdbx_phasing_MR.reflns_percent_rotation      ? 
_pdbx_phasing_MR.reflns_percent_translation   ? 
_pdbx_phasing_MR.sigma_F_rotation             ? 
_pdbx_phasing_MR.sigma_F_translation          ? 
_pdbx_phasing_MR.sigma_I_rotation             ? 
_pdbx_phasing_MR.sigma_I_translation          ? 
# 
loop_
_pdbx_unobs_or_zero_occ_residues.id 
_pdbx_unobs_or_zero_occ_residues.PDB_model_num 
_pdbx_unobs_or_zero_occ_residues.polymer_flag 
_pdbx_unobs_or_zero_occ_residues.occupancy_flag 
_pdbx_unobs_or_zero_occ_residues.auth_asym_id 
_pdbx_unobs_or_zero_occ_residues.auth_comp_id 
_pdbx_unobs_or_zero_occ_residues.auth_seq_id 
_pdbx_unobs_or_zero_occ_residues.PDB_ins_code 
_pdbx_unobs_or_zero_occ_residues.label_asym_id 
_pdbx_unobs_or_zero_occ_residues.label_comp_id 
_pdbx_unobs_or_zero_occ_residues.label_seq_id 
1  1 Y 1 A HIS -5  ? A HIS 1   
2  1 Y 1 A HIS -4  ? A HIS 2   
3  1 Y 1 A HIS -3  ? A HIS 3   
4  1 Y 1 A HIS -2  ? A HIS 4   
5  1 Y 1 A HIS -1  ? A HIS 5   
6  1 Y 1 A HIS 0   ? A HIS 6   
7  1 Y 1 A MET 1   ? A MET 7   
8  1 Y 1 A LYS 111 ? A LYS 117 
9  1 Y 1 A GLU 112 ? A GLU 118 
10 1 Y 1 A ALA 162 ? A ALA 168 
# 
loop_
_chem_comp_atom.comp_id 
_chem_comp_atom.atom_id 
_chem_comp_atom.type_symbol 
_chem_comp_atom.pdbx_aromatic_flag 
_chem_comp_atom.pdbx_stereo_config 
_chem_comp_atom.pdbx_ordinal 
ALA N    N N N 1   
ALA CA   C N S 2   
ALA C    C N N 3   
ALA O    O N N 4   
ALA CB   C N N 5   
ALA OXT  O N N 6   
ALA H    H N N 7   
ALA H2   H N N 8   
ALA HA   H N N 9   
ALA HB1  H N N 10  
ALA HB2  H N N 11  
ALA HB3  H N N 12  
ALA HXT  H N N 13  
ARG N    N N N 14  
ARG CA   C N S 15  
ARG C    C N N 16  
ARG O    O N N 17  
ARG CB   C N N 18  
ARG CG   C N N 19  
ARG CD   C N N 20  
ARG NE   N N N 21  
ARG CZ   C N N 22  
ARG NH1  N N N 23  
ARG NH2  N N N 24  
ARG OXT  O N N 25  
ARG H    H N N 26  
ARG H2   H N N 27  
ARG HA   H N N 28  
ARG HB2  H N N 29  
ARG HB3  H N N 30  
ARG HG2  H N N 31  
ARG HG3  H N N 32  
ARG HD2  H N N 33  
ARG HD3  H N N 34  
ARG HE   H N N 35  
ARG HH11 H N N 36  
ARG HH12 H N N 37  
ARG HH21 H N N 38  
ARG HH22 H N N 39  
ARG HXT  H N N 40  
ASN N    N N N 41  
ASN CA   C N S 42  
ASN C    C N N 43  
ASN O    O N N 44  
ASN CB   C N N 45  
ASN CG   C N N 46  
ASN OD1  O N N 47  
ASN ND2  N N N 48  
ASN OXT  O N N 49  
ASN H    H N N 50  
ASN H2   H N N 51  
ASN HA   H N N 52  
ASN HB2  H N N 53  
ASN HB3  H N N 54  
ASN HD21 H N N 55  
ASN HD22 H N N 56  
ASN HXT  H N N 57  
ASP N    N N N 58  
ASP CA   C N S 59  
ASP C    C N N 60  
ASP O    O N N 61  
ASP CB   C N N 62  
ASP CG   C N N 63  
ASP OD1  O N N 64  
ASP OD2  O N N 65  
ASP OXT  O N N 66  
ASP H    H N N 67  
ASP H2   H N N 68  
ASP HA   H N N 69  
ASP HB2  H N N 70  
ASP HB3  H N N 71  
ASP HD2  H N N 72  
ASP HXT  H N N 73  
GLN N    N N N 74  
GLN CA   C N S 75  
GLN C    C N N 76  
GLN O    O N N 77  
GLN CB   C N N 78  
GLN CG   C N N 79  
GLN CD   C N N 80  
GLN OE1  O N N 81  
GLN NE2  N N N 82  
GLN OXT  O N N 83  
GLN H    H N N 84  
GLN H2   H N N 85  
GLN HA   H N N 86  
GLN HB2  H N N 87  
GLN HB3  H N N 88  
GLN HG2  H N N 89  
GLN HG3  H N N 90  
GLN HE21 H N N 91  
GLN HE22 H N N 92  
GLN HXT  H N N 93  
GLU N    N N N 94  
GLU CA   C N S 95  
GLU C    C N N 96  
GLU O    O N N 97  
GLU CB   C N N 98  
GLU CG   C N N 99  
GLU CD   C N N 100 
GLU OE1  O N N 101 
GLU OE2  O N N 102 
GLU OXT  O N N 103 
GLU H    H N N 104 
GLU H2   H N N 105 
GLU HA   H N N 106 
GLU HB2  H N N 107 
GLU HB3  H N N 108 
GLU HG2  H N N 109 
GLU HG3  H N N 110 
GLU HE2  H N N 111 
GLU HXT  H N N 112 
GLY N    N N N 113 
GLY CA   C N N 114 
GLY C    C N N 115 
GLY O    O N N 116 
GLY OXT  O N N 117 
GLY H    H N N 118 
GLY H2   H N N 119 
GLY HA2  H N N 120 
GLY HA3  H N N 121 
GLY HXT  H N N 122 
HIS N    N N N 123 
HIS CA   C N S 124 
HIS C    C N N 125 
HIS O    O N N 126 
HIS CB   C N N 127 
HIS CG   C Y N 128 
HIS ND1  N Y N 129 
HIS CD2  C Y N 130 
HIS CE1  C Y N 131 
HIS NE2  N Y N 132 
HIS OXT  O N N 133 
HIS H    H N N 134 
HIS H2   H N N 135 
HIS HA   H N N 136 
HIS HB2  H N N 137 
HIS HB3  H N N 138 
HIS HD1  H N N 139 
HIS HD2  H N N 140 
HIS HE1  H N N 141 
HIS HE2  H N N 142 
HIS HXT  H N N 143 
HOH O    O N N 144 
HOH H1   H N N 145 
HOH H2   H N N 146 
ILE N    N N N 147 
ILE CA   C N S 148 
ILE C    C N N 149 
ILE O    O N N 150 
ILE CB   C N S 151 
ILE CG1  C N N 152 
ILE CG2  C N N 153 
ILE CD1  C N N 154 
ILE OXT  O N N 155 
ILE H    H N N 156 
ILE H2   H N N 157 
ILE HA   H N N 158 
ILE HB   H N N 159 
ILE HG12 H N N 160 
ILE HG13 H N N 161 
ILE HG21 H N N 162 
ILE HG22 H N N 163 
ILE HG23 H N N 164 
ILE HD11 H N N 165 
ILE HD12 H N N 166 
ILE HD13 H N N 167 
ILE HXT  H N N 168 
LEU N    N N N 169 
LEU CA   C N S 170 
LEU C    C N N 171 
LEU O    O N N 172 
LEU CB   C N N 173 
LEU CG   C N N 174 
LEU CD1  C N N 175 
LEU CD2  C N N 176 
LEU OXT  O N N 177 
LEU H    H N N 178 
LEU H2   H N N 179 
LEU HA   H N N 180 
LEU HB2  H N N 181 
LEU HB3  H N N 182 
LEU HG   H N N 183 
LEU HD11 H N N 184 
LEU HD12 H N N 185 
LEU HD13 H N N 186 
LEU HD21 H N N 187 
LEU HD22 H N N 188 
LEU HD23 H N N 189 
LEU HXT  H N N 190 
LYS N    N N N 191 
LYS CA   C N S 192 
LYS C    C N N 193 
LYS O    O N N 194 
LYS CB   C N N 195 
LYS CG   C N N 196 
LYS CD   C N N 197 
LYS CE   C N N 198 
LYS NZ   N N N 199 
LYS OXT  O N N 200 
LYS H    H N N 201 
LYS H2   H N N 202 
LYS HA   H N N 203 
LYS HB2  H N N 204 
LYS HB3  H N N 205 
LYS HG2  H N N 206 
LYS HG3  H N N 207 
LYS HD2  H N N 208 
LYS HD3  H N N 209 
LYS HE2  H N N 210 
LYS HE3  H N N 211 
LYS HZ1  H N N 212 
LYS HZ2  H N N 213 
LYS HZ3  H N N 214 
LYS HXT  H N N 215 
MET N    N N N 216 
MET CA   C N S 217 
MET C    C N N 218 
MET O    O N N 219 
MET CB   C N N 220 
MET CG   C N N 221 
MET SD   S N N 222 
MET CE   C N N 223 
MET OXT  O N N 224 
MET H    H N N 225 
MET H2   H N N 226 
MET HA   H N N 227 
MET HB2  H N N 228 
MET HB3  H N N 229 
MET HG2  H N N 230 
MET HG3  H N N 231 
MET HE1  H N N 232 
MET HE2  H N N 233 
MET HE3  H N N 234 
MET HXT  H N N 235 
PHE N    N N N 236 
PHE CA   C N S 237 
PHE C    C N N 238 
PHE O    O N N 239 
PHE CB   C N N 240 
PHE CG   C Y N 241 
PHE CD1  C Y N 242 
PHE CD2  C Y N 243 
PHE CE1  C Y N 244 
PHE CE2  C Y N 245 
PHE CZ   C Y N 246 
PHE OXT  O N N 247 
PHE H    H N N 248 
PHE H2   H N N 249 
PHE HA   H N N 250 
PHE HB2  H N N 251 
PHE HB3  H N N 252 
PHE HD1  H N N 253 
PHE HD2  H N N 254 
PHE HE1  H N N 255 
PHE HE2  H N N 256 
PHE HZ   H N N 257 
PHE HXT  H N N 258 
PO4 P    P N N 259 
PO4 O1   O N N 260 
PO4 O2   O N N 261 
PO4 O3   O N N 262 
PO4 O4   O N N 263 
PRO N    N N N 264 
PRO CA   C N S 265 
PRO C    C N N 266 
PRO O    O N N 267 
PRO CB   C N N 268 
PRO CG   C N N 269 
PRO CD   C N N 270 
PRO OXT  O N N 271 
PRO H    H N N 272 
PRO HA   H N N 273 
PRO HB2  H N N 274 
PRO HB3  H N N 275 
PRO HG2  H N N 276 
PRO HG3  H N N 277 
PRO HD2  H N N 278 
PRO HD3  H N N 279 
PRO HXT  H N N 280 
SER N    N N N 281 
SER CA   C N S 282 
SER C    C N N 283 
SER O    O N N 284 
SER CB   C N N 285 
SER OG   O N N 286 
SER OXT  O N N 287 
SER H    H N N 288 
SER H2   H N N 289 
SER HA   H N N 290 
SER HB2  H N N 291 
SER HB3  H N N 292 
SER HG   H N N 293 
SER HXT  H N N 294 
SKM O12  O N N 295 
SKM C8   C N S 296 
SKM C6   C N R 297 
SKM O7   O N N 298 
SKM C5   C N N 299 
SKM C4   C N N 300 
SKM C1   C N N 301 
SKM O2   O N N 302 
SKM O3   O N N 303 
SKM C10  C N N 304 
SKM C9   C N R 305 
SKM O11  O N N 306 
SKM H12  H N N 307 
SKM H8   H N N 308 
SKM H6   H N N 309 
SKM HO7  H N N 310 
SKM H51  H N N 311 
SKM H52  H N N 312 
SKM HO2  H N N 313 
SKM H10  H N N 314 
SKM H9   H N N 315 
SKM H11  H N N 316 
THR N    N N N 317 
THR CA   C N S 318 
THR C    C N N 319 
THR O    O N N 320 
THR CB   C N R 321 
THR OG1  O N N 322 
THR CG2  C N N 323 
THR OXT  O N N 324 
THR H    H N N 325 
THR H2   H N N 326 
THR HA   H N N 327 
THR HB   H N N 328 
THR HG1  H N N 329 
THR HG21 H N N 330 
THR HG22 H N N 331 
THR HG23 H N N 332 
THR HXT  H N N 333 
TYR N    N N N 334 
TYR CA   C N S 335 
TYR C    C N N 336 
TYR O    O N N 337 
TYR CB   C N N 338 
TYR CG   C Y N 339 
TYR CD1  C Y N 340 
TYR CD2  C Y N 341 
TYR CE1  C Y N 342 
TYR CE2  C Y N 343 
TYR CZ   C Y N 344 
TYR OH   O N N 345 
TYR OXT  O N N 346 
TYR H    H N N 347 
TYR H2   H N N 348 
TYR HA   H N N 349 
TYR HB2  H N N 350 
TYR HB3  H N N 351 
TYR HD1  H N N 352 
TYR HD2  H N N 353 
TYR HE1  H N N 354 
TYR HE2  H N N 355 
TYR HH   H N N 356 
TYR HXT  H N N 357 
VAL N    N N N 358 
VAL CA   C N S 359 
VAL C    C N N 360 
VAL O    O N N 361 
VAL CB   C N N 362 
VAL CG1  C N N 363 
VAL CG2  C N N 364 
VAL OXT  O N N 365 
VAL H    H N N 366 
VAL H2   H N N 367 
VAL HA   H N N 368 
VAL HB   H N N 369 
VAL HG11 H N N 370 
VAL HG12 H N N 371 
VAL HG13 H N N 372 
VAL HG21 H N N 373 
VAL HG22 H N N 374 
VAL HG23 H N N 375 
VAL HXT  H N N 376 
# 
loop_
_chem_comp_bond.comp_id 
_chem_comp_bond.atom_id_1 
_chem_comp_bond.atom_id_2 
_chem_comp_bond.value_order 
_chem_comp_bond.pdbx_aromatic_flag 
_chem_comp_bond.pdbx_stereo_config 
_chem_comp_bond.pdbx_ordinal 
ALA N   CA   sing N N 1   
ALA N   H    sing N N 2   
ALA N   H2   sing N N 3   
ALA CA  C    sing N N 4   
ALA CA  CB   sing N N 5   
ALA CA  HA   sing N N 6   
ALA C   O    doub N N 7   
ALA C   OXT  sing N N 8   
ALA CB  HB1  sing N N 9   
ALA CB  HB2  sing N N 10  
ALA CB  HB3  sing N N 11  
ALA OXT HXT  sing N N 12  
ARG N   CA   sing N N 13  
ARG N   H    sing N N 14  
ARG N   H2   sing N N 15  
ARG CA  C    sing N N 16  
ARG CA  CB   sing N N 17  
ARG CA  HA   sing N N 18  
ARG C   O    doub N N 19  
ARG C   OXT  sing N N 20  
ARG CB  CG   sing N N 21  
ARG CB  HB2  sing N N 22  
ARG CB  HB3  sing N N 23  
ARG CG  CD   sing N N 24  
ARG CG  HG2  sing N N 25  
ARG CG  HG3  sing N N 26  
ARG CD  NE   sing N N 27  
ARG CD  HD2  sing N N 28  
ARG CD  HD3  sing N N 29  
ARG NE  CZ   sing N N 30  
ARG NE  HE   sing N N 31  
ARG CZ  NH1  sing N N 32  
ARG CZ  NH2  doub N N 33  
ARG NH1 HH11 sing N N 34  
ARG NH1 HH12 sing N N 35  
ARG NH2 HH21 sing N N 36  
ARG NH2 HH22 sing N N 37  
ARG OXT HXT  sing N N 38  
ASN N   CA   sing N N 39  
ASN N   H    sing N N 40  
ASN N   H2   sing N N 41  
ASN CA  C    sing N N 42  
ASN CA  CB   sing N N 43  
ASN CA  HA   sing N N 44  
ASN C   O    doub N N 45  
ASN C   OXT  sing N N 46  
ASN CB  CG   sing N N 47  
ASN CB  HB2  sing N N 48  
ASN CB  HB3  sing N N 49  
ASN CG  OD1  doub N N 50  
ASN CG  ND2  sing N N 51  
ASN ND2 HD21 sing N N 52  
ASN ND2 HD22 sing N N 53  
ASN OXT HXT  sing N N 54  
ASP N   CA   sing N N 55  
ASP N   H    sing N N 56  
ASP N   H2   sing N N 57  
ASP CA  C    sing N N 58  
ASP CA  CB   sing N N 59  
ASP CA  HA   sing N N 60  
ASP C   O    doub N N 61  
ASP C   OXT  sing N N 62  
ASP CB  CG   sing N N 63  
ASP CB  HB2  sing N N 64  
ASP CB  HB3  sing N N 65  
ASP CG  OD1  doub N N 66  
ASP CG  OD2  sing N N 67  
ASP OD2 HD2  sing N N 68  
ASP OXT HXT  sing N N 69  
GLN N   CA   sing N N 70  
GLN N   H    sing N N 71  
GLN N   H2   sing N N 72  
GLN CA  C    sing N N 73  
GLN CA  CB   sing N N 74  
GLN CA  HA   sing N N 75  
GLN C   O    doub N N 76  
GLN C   OXT  sing N N 77  
GLN CB  CG   sing N N 78  
GLN CB  HB2  sing N N 79  
GLN CB  HB3  sing N N 80  
GLN CG  CD   sing N N 81  
GLN CG  HG2  sing N N 82  
GLN CG  HG3  sing N N 83  
GLN CD  OE1  doub N N 84  
GLN CD  NE2  sing N N 85  
GLN NE2 HE21 sing N N 86  
GLN NE2 HE22 sing N N 87  
GLN OXT HXT  sing N N 88  
GLU N   CA   sing N N 89  
GLU N   H    sing N N 90  
GLU N   H2   sing N N 91  
GLU CA  C    sing N N 92  
GLU CA  CB   sing N N 93  
GLU CA  HA   sing N N 94  
GLU C   O    doub N N 95  
GLU C   OXT  sing N N 96  
GLU CB  CG   sing N N 97  
GLU CB  HB2  sing N N 98  
GLU CB  HB3  sing N N 99  
GLU CG  CD   sing N N 100 
GLU CG  HG2  sing N N 101 
GLU CG  HG3  sing N N 102 
GLU CD  OE1  doub N N 103 
GLU CD  OE2  sing N N 104 
GLU OE2 HE2  sing N N 105 
GLU OXT HXT  sing N N 106 
GLY N   CA   sing N N 107 
GLY N   H    sing N N 108 
GLY N   H2   sing N N 109 
GLY CA  C    sing N N 110 
GLY CA  HA2  sing N N 111 
GLY CA  HA3  sing N N 112 
GLY C   O    doub N N 113 
GLY C   OXT  sing N N 114 
GLY OXT HXT  sing N N 115 
HIS N   CA   sing N N 116 
HIS N   H    sing N N 117 
HIS N   H2   sing N N 118 
HIS CA  C    sing N N 119 
HIS CA  CB   sing N N 120 
HIS CA  HA   sing N N 121 
HIS C   O    doub N N 122 
HIS C   OXT  sing N N 123 
HIS CB  CG   sing N N 124 
HIS CB  HB2  sing N N 125 
HIS CB  HB3  sing N N 126 
HIS CG  ND1  sing Y N 127 
HIS CG  CD2  doub Y N 128 
HIS ND1 CE1  doub Y N 129 
HIS ND1 HD1  sing N N 130 
HIS CD2 NE2  sing Y N 131 
HIS CD2 HD2  sing N N 132 
HIS CE1 NE2  sing Y N 133 
HIS CE1 HE1  sing N N 134 
HIS NE2 HE2  sing N N 135 
HIS OXT HXT  sing N N 136 
HOH O   H1   sing N N 137 
HOH O   H2   sing N N 138 
ILE N   CA   sing N N 139 
ILE N   H    sing N N 140 
ILE N   H2   sing N N 141 
ILE CA  C    sing N N 142 
ILE CA  CB   sing N N 143 
ILE CA  HA   sing N N 144 
ILE C   O    doub N N 145 
ILE C   OXT  sing N N 146 
ILE CB  CG1  sing N N 147 
ILE CB  CG2  sing N N 148 
ILE CB  HB   sing N N 149 
ILE CG1 CD1  sing N N 150 
ILE CG1 HG12 sing N N 151 
ILE CG1 HG13 sing N N 152 
ILE CG2 HG21 sing N N 153 
ILE CG2 HG22 sing N N 154 
ILE CG2 HG23 sing N N 155 
ILE CD1 HD11 sing N N 156 
ILE CD1 HD12 sing N N 157 
ILE CD1 HD13 sing N N 158 
ILE OXT HXT  sing N N 159 
LEU N   CA   sing N N 160 
LEU N   H    sing N N 161 
LEU N   H2   sing N N 162 
LEU CA  C    sing N N 163 
LEU CA  CB   sing N N 164 
LEU CA  HA   sing N N 165 
LEU C   O    doub N N 166 
LEU C   OXT  sing N N 167 
LEU CB  CG   sing N N 168 
LEU CB  HB2  sing N N 169 
LEU CB  HB3  sing N N 170 
LEU CG  CD1  sing N N 171 
LEU CG  CD2  sing N N 172 
LEU CG  HG   sing N N 173 
LEU CD1 HD11 sing N N 174 
LEU CD1 HD12 sing N N 175 
LEU CD1 HD13 sing N N 176 
LEU CD2 HD21 sing N N 177 
LEU CD2 HD22 sing N N 178 
LEU CD2 HD23 sing N N 179 
LEU OXT HXT  sing N N 180 
LYS N   CA   sing N N 181 
LYS N   H    sing N N 182 
LYS N   H2   sing N N 183 
LYS CA  C    sing N N 184 
LYS CA  CB   sing N N 185 
LYS CA  HA   sing N N 186 
LYS C   O    doub N N 187 
LYS C   OXT  sing N N 188 
LYS CB  CG   sing N N 189 
LYS CB  HB2  sing N N 190 
LYS CB  HB3  sing N N 191 
LYS CG  CD   sing N N 192 
LYS CG  HG2  sing N N 193 
LYS CG  HG3  sing N N 194 
LYS CD  CE   sing N N 195 
LYS CD  HD2  sing N N 196 
LYS CD  HD3  sing N N 197 
LYS CE  NZ   sing N N 198 
LYS CE  HE2  sing N N 199 
LYS CE  HE3  sing N N 200 
LYS NZ  HZ1  sing N N 201 
LYS NZ  HZ2  sing N N 202 
LYS NZ  HZ3  sing N N 203 
LYS OXT HXT  sing N N 204 
MET N   CA   sing N N 205 
MET N   H    sing N N 206 
MET N   H2   sing N N 207 
MET CA  C    sing N N 208 
MET CA  CB   sing N N 209 
MET CA  HA   sing N N 210 
MET C   O    doub N N 211 
MET C   OXT  sing N N 212 
MET CB  CG   sing N N 213 
MET CB  HB2  sing N N 214 
MET CB  HB3  sing N N 215 
MET CG  SD   sing N N 216 
MET CG  HG2  sing N N 217 
MET CG  HG3  sing N N 218 
MET SD  CE   sing N N 219 
MET CE  HE1  sing N N 220 
MET CE  HE2  sing N N 221 
MET CE  HE3  sing N N 222 
MET OXT HXT  sing N N 223 
PHE N   CA   sing N N 224 
PHE N   H    sing N N 225 
PHE N   H2   sing N N 226 
PHE CA  C    sing N N 227 
PHE CA  CB   sing N N 228 
PHE CA  HA   sing N N 229 
PHE C   O    doub N N 230 
PHE C   OXT  sing N N 231 
PHE CB  CG   sing N N 232 
PHE CB  HB2  sing N N 233 
PHE CB  HB3  sing N N 234 
PHE CG  CD1  doub Y N 235 
PHE CG  CD2  sing Y N 236 
PHE CD1 CE1  sing Y N 237 
PHE CD1 HD1  sing N N 238 
PHE CD2 CE2  doub Y N 239 
PHE CD2 HD2  sing N N 240 
PHE CE1 CZ   doub Y N 241 
PHE CE1 HE1  sing N N 242 
PHE CE2 CZ   sing Y N 243 
PHE CE2 HE2  sing N N 244 
PHE CZ  HZ   sing N N 245 
PHE OXT HXT  sing N N 246 
PO4 P   O1   doub N N 247 
PO4 P   O2   sing N N 248 
PO4 P   O3   sing N N 249 
PO4 P   O4   sing N N 250 
PRO N   CA   sing N N 251 
PRO N   CD   sing N N 252 
PRO N   H    sing N N 253 
PRO CA  C    sing N N 254 
PRO CA  CB   sing N N 255 
PRO CA  HA   sing N N 256 
PRO C   O    doub N N 257 
PRO C   OXT  sing N N 258 
PRO CB  CG   sing N N 259 
PRO CB  HB2  sing N N 260 
PRO CB  HB3  sing N N 261 
PRO CG  CD   sing N N 262 
PRO CG  HG2  sing N N 263 
PRO CG  HG3  sing N N 264 
PRO CD  HD2  sing N N 265 
PRO CD  HD3  sing N N 266 
PRO OXT HXT  sing N N 267 
SER N   CA   sing N N 268 
SER N   H    sing N N 269 
SER N   H2   sing N N 270 
SER CA  C    sing N N 271 
SER CA  CB   sing N N 272 
SER CA  HA   sing N N 273 
SER C   O    doub N N 274 
SER C   OXT  sing N N 275 
SER CB  OG   sing N N 276 
SER CB  HB2  sing N N 277 
SER CB  HB3  sing N N 278 
SER OG  HG   sing N N 279 
SER OXT HXT  sing N N 280 
SKM O12 C8   sing N N 281 
SKM O12 H12  sing N N 282 
SKM C8  C6   sing N N 283 
SKM C8  C9   sing N N 284 
SKM C8  H8   sing N N 285 
SKM C6  O7   sing N N 286 
SKM C6  C5   sing N N 287 
SKM C6  H6   sing N N 288 
SKM O7  HO7  sing N N 289 
SKM C5  C4   sing N N 290 
SKM C5  H51  sing N N 291 
SKM C5  H52  sing N N 292 
SKM C4  C1   sing N N 293 
SKM C4  C10  doub N N 294 
SKM C1  O2   sing N N 295 
SKM C1  O3   doub N N 296 
SKM O2  HO2  sing N N 297 
SKM C10 C9   sing N N 298 
SKM C10 H10  sing N N 299 
SKM C9  O11  sing N N 300 
SKM C9  H9   sing N N 301 
SKM O11 H11  sing N N 302 
THR N   CA   sing N N 303 
THR N   H    sing N N 304 
THR N   H2   sing N N 305 
THR CA  C    sing N N 306 
THR CA  CB   sing N N 307 
THR CA  HA   sing N N 308 
THR C   O    doub N N 309 
THR C   OXT  sing N N 310 
THR CB  OG1  sing N N 311 
THR CB  CG2  sing N N 312 
THR CB  HB   sing N N 313 
THR OG1 HG1  sing N N 314 
THR CG2 HG21 sing N N 315 
THR CG2 HG22 sing N N 316 
THR CG2 HG23 sing N N 317 
THR OXT HXT  sing N N 318 
TYR N   CA   sing N N 319 
TYR N   H    sing N N 320 
TYR N   H2   sing N N 321 
TYR CA  C    sing N N 322 
TYR CA  CB   sing N N 323 
TYR CA  HA   sing N N 324 
TYR C   O    doub N N 325 
TYR C   OXT  sing N N 326 
TYR CB  CG   sing N N 327 
TYR CB  HB2  sing N N 328 
TYR CB  HB3  sing N N 329 
TYR CG  CD1  doub Y N 330 
TYR CG  CD2  sing Y N 331 
TYR CD1 CE1  sing Y N 332 
TYR CD1 HD1  sing N N 333 
TYR CD2 CE2  doub Y N 334 
TYR CD2 HD2  sing N N 335 
TYR CE1 CZ   doub Y N 336 
TYR CE1 HE1  sing N N 337 
TYR CE2 CZ   sing Y N 338 
TYR CE2 HE2  sing N N 339 
TYR CZ  OH   sing N N 340 
TYR OH  HH   sing N N 341 
TYR OXT HXT  sing N N 342 
VAL N   CA   sing N N 343 
VAL N   H    sing N N 344 
VAL N   H2   sing N N 345 
VAL CA  C    sing N N 346 
VAL CA  CB   sing N N 347 
VAL CA  HA   sing N N 348 
VAL C   O    doub N N 349 
VAL C   OXT  sing N N 350 
VAL CB  CG1  sing N N 351 
VAL CB  CG2  sing N N 352 
VAL CB  HB   sing N N 353 
VAL CG1 HG11 sing N N 354 
VAL CG1 HG12 sing N N 355 
VAL CG1 HG13 sing N N 356 
VAL CG2 HG21 sing N N 357 
VAL CG2 HG22 sing N N 358 
VAL CG2 HG23 sing N N 359 
VAL OXT HXT  sing N N 360 
# 
_atom_sites.entry_id                    1ZUI 
_atom_sites.fract_transf_matrix[1][1]   0.00972917 
_atom_sites.fract_transf_matrix[1][2]   0.00633312 
_atom_sites.fract_transf_matrix[1][3]   0.00247323 
_atom_sites.fract_transf_matrix[2][1]   0.00260234 
_atom_sites.fract_transf_matrix[2][2]   0.00963424 
_atom_sites.fract_transf_matrix[2][3]   -0.00642514 
_atom_sites.fract_transf_matrix[3][1]   -0.01127375 
_atom_sites.fract_transf_matrix[3][2]   0.01204758 
_atom_sites.fract_transf_matrix[3][3]   0.01349872 
_atom_sites.fract_transf_vector[1]      0.444822 
_atom_sites.fract_transf_vector[2]      0.143586 
_atom_sites.fract_transf_vector[3]      0.023615 
# 
loop_
_atom_type.symbol 
C 
N 
O 
P 
S 
# 
loop_
_atom_site.group_PDB 
_atom_site.id 
_atom_site.type_symbol 
_atom_site.label_atom_id 
_atom_site.label_alt_id 
_atom_site.label_comp_id 
_atom_site.label_asym_id 
_atom_site.label_entity_id 
_atom_site.label_seq_id 
_atom_site.pdbx_PDB_ins_code 
_atom_site.Cartn_x 
_atom_site.Cartn_y 
_atom_site.Cartn_z 
_atom_site.occupancy 
_atom_site.B_iso_or_equiv 
_atom_site.pdbx_formal_charge 
_atom_site.auth_seq_id 
_atom_site.auth_comp_id 
_atom_site.auth_asym_id 
_atom_site.auth_atom_id 
_atom_site.pdbx_PDB_model_num 
ATOM   1    N N   . GLN A 1 8   ? -2.979  -4.497  -15.317 1.00 61.07 ? 2    GLN A N   1 
ATOM   2    C CA  . GLN A 1 8   ? -2.839  -2.987  -15.566 1.00 60.74 ? 2    GLN A CA  1 
ATOM   3    C C   . GLN A 1 8   ? -3.996  -2.292  -14.819 1.00 57.26 ? 2    GLN A C   1 
ATOM   4    O O   . GLN A 1 8   ? -4.698  -1.359  -15.251 1.00 55.43 ? 2    GLN A O   1 
ATOM   5    C CB  . GLN A 1 8   ? -2.735  -2.629  -17.038 1.00 63.09 ? 2    GLN A CB  1 
ATOM   6    C CG  . GLN A 1 8   ? -3.286  -3.818  -17.964 1.00 71.86 ? 2    GLN A CG  1 
ATOM   7    C CD  . GLN A 1 8   ? -4.740  -3.538  -18.520 1.00 81.78 ? 2    GLN A CD  1 
ATOM   8    O OE1 . GLN A 1 8   ? -5.459  -4.502  -19.040 1.00 81.85 ? 2    GLN A OE1 1 
ATOM   9    N NE2 . GLN A 1 8   ? -5.172  -2.224  -18.419 1.00 76.40 ? 2    GLN A NE2 1 
ATOM   10   N N   . HIS A 1 9   ? -4.136  -2.853  -13.637 1.00 53.80 ? 3    HIS A N   1 
ATOM   11   C CA  . HIS A 1 9   ? -4.469  -2.143  -12.416 1.00 49.34 ? 3    HIS A CA  1 
ATOM   12   C C   . HIS A 1 9   ? -3.635  -0.884  -12.170 1.00 46.55 ? 3    HIS A C   1 
ATOM   13   O O   . HIS A 1 9   ? -2.511  -0.740  -12.620 1.00 42.46 ? 3    HIS A O   1 
ATOM   14   C CB  . HIS A 1 9   ? -4.287  -3.142  -11.276 1.00 48.46 ? 3    HIS A CB  1 
ATOM   15   C CG  . HIS A 1 9   ? -4.988  -4.446  -11.532 1.00 50.59 ? 3    HIS A CG  1 
ATOM   16   N ND1 . HIS A 1 9   ? -6.341  -4.512  -11.815 1.00 46.78 ? 3    HIS A ND1 1 
ATOM   17   C CD2 . HIS A 1 9   ? -4.515  -5.726  -11.580 1.00 48.48 ? 3    HIS A CD2 1 
ATOM   18   C CE1 . HIS A 1 9   ? -6.665  -5.776  -12.019 1.00 47.04 ? 3    HIS A CE1 1 
ATOM   19   N NE2 . HIS A 1 9   ? -5.586  -6.530  -11.858 1.00 47.04 ? 3    HIS A NE2 1 
ATOM   20   N N   . LEU A 1 10  ? -4.284  0.016   -11.449 1.00 44.80 ? 4    LEU A N   1 
ATOM   21   C CA  . LEU A 1 10  ? -3.663  1.159   -10.841 1.00 44.46 ? 4    LEU A CA  1 
ATOM   22   C C   . LEU A 1 10  ? -3.312  0.820   -9.419  1.00 43.42 ? 4    LEU A C   1 
ATOM   23   O O   . LEU A 1 10  ? -4.195  0.841   -8.506  1.00 45.10 ? 4    LEU A O   1 
ATOM   24   C CB  . LEU A 1 10  ? -4.558  2.421   -10.924 1.00 43.22 ? 4    LEU A CB  1 
ATOM   25   C CG  . LEU A 1 10  ? -5.166  2.673   -12.317 1.00 47.24 ? 4    LEU A CG  1 
ATOM   26   C CD1 . LEU A 1 10  ? -5.868  3.970   -12.337 1.00 45.11 ? 4    LEU A CD1 1 
ATOM   27   C CD2 . LEU A 1 10  ? -4.222  2.509   -13.645 1.00 40.80 ? 4    LEU A CD2 1 
ATOM   28   N N   . VAL A 1 11  ? -2.033  0.556   -9.210  1.00 40.88 ? 5    VAL A N   1 
ATOM   29   C CA  . VAL A 1 11  ? -1.610  0.093   -7.929  1.00 39.75 ? 5    VAL A CA  1 
ATOM   30   C C   . VAL A 1 11  ? -0.884  1.217   -7.209  1.00 42.22 ? 5    VAL A C   1 
ATOM   31   O O   . VAL A 1 11  ? 0.190   1.670   -7.718  1.00 41.59 ? 5    VAL A O   1 
ATOM   32   C CB  . VAL A 1 11  ? -0.652  -1.065  -8.082  1.00 40.64 ? 5    VAL A CB  1 
ATOM   33   C CG1 . VAL A 1 11  ? -0.189  -1.533  -6.796  1.00 42.78 ? 5    VAL A CG1 1 
ATOM   34   C CG2 . VAL A 1 11  ? -1.238  -2.170  -8.928  1.00 35.33 ? 5    VAL A CG2 1 
ATOM   35   N N   . LEU A 1 12  ? -1.446  1.612   -6.021  1.00 39.28 ? 6    LEU A N   1 
ATOM   36   C CA  . LEU A 1 12  ? -0.823  2.545   -5.101  1.00 38.95 ? 6    LEU A CA  1 
ATOM   37   C C   . LEU A 1 12  ? 0.124   1.888   -4.124  1.00 39.48 ? 6    LEU A C   1 
ATOM   38   O O   . LEU A 1 12  ? -0.223  0.890   -3.458  1.00 38.75 ? 6    LEU A O   1 
ATOM   39   C CB  . LEU A 1 12  ? -1.913  3.264   -4.250  1.00 38.03 ? 6    LEU A CB  1 
ATOM   40   C CG  . LEU A 1 12  ? -3.058  3.854   -5.144  1.00 36.72 ? 6    LEU A CG  1 
ATOM   41   C CD1 . LEU A 1 12  ? -4.021  4.704   -4.293  1.00 41.15 ? 6    LEU A CD1 1 
ATOM   42   C CD2 . LEU A 1 12  ? -2.435  4.760   -6.135  1.00 31.73 ? 6    LEU A CD2 1 
ATOM   43   N N   . ILE A 1 13  ? 1.347   2.422   -4.026  1.00 39.43 ? 7    ILE A N   1 
ATOM   44   C CA  . ILE A 1 13  ? 2.261   1.905   -3.008  1.00 40.03 ? 7    ILE A CA  1 
ATOM   45   C C   . ILE A 1 13  ? 2.949   2.990   -2.129  1.00 39.85 ? 7    ILE A C   1 
ATOM   46   O O   . ILE A 1 13  ? 2.923   4.196   -2.483  1.00 41.84 ? 7    ILE A O   1 
ATOM   47   C CB  . ILE A 1 13  ? 3.312   1.024   -3.678  1.00 40.01 ? 7    ILE A CB  1 
ATOM   48   C CG1 . ILE A 1 13  ? 4.414   1.842   -4.390  1.00 41.83 ? 7    ILE A CG1 1 
ATOM   49   C CG2 . ILE A 1 13  ? 2.650   0.159   -4.652  1.00 40.74 ? 7    ILE A CG2 1 
ATOM   50   C CD1 . ILE A 1 13  ? 5.426   0.915   -5.278  1.00 32.84 ? 7    ILE A CD1 1 
ATOM   51   N N   . GLY A 1 14  ? 3.569   2.565   -1.042  1.00 37.07 ? 8    GLY A N   1 
ATOM   52   C CA  . GLY A 1 14  ? 4.328   3.430   -0.195  1.00 38.76 ? 8    GLY A CA  1 
ATOM   53   C C   . GLY A 1 14  ? 3.890   3.074   1.239   1.00 41.63 ? 8    GLY A C   1 
ATOM   54   O O   . GLY A 1 14  ? 3.190   1.988   1.519   1.00 44.37 ? 8    GLY A O   1 
ATOM   55   N N   . PHE A 1 15  ? 4.283   3.917   2.165   1.00 37.59 ? 9    PHE A N   1 
ATOM   56   C CA  . PHE A 1 15  ? 4.371   3.501   3.502   1.00 38.59 ? 9    PHE A CA  1 
ATOM   57   C C   . PHE A 1 15  ? 3.050   3.837   4.264   1.00 41.61 ? 9    PHE A C   1 
ATOM   58   O O   . PHE A 1 15  ? 2.237   4.712   3.831   1.00 41.10 ? 9    PHE A O   1 
ATOM   59   C CB  . PHE A 1 15  ? 5.554   4.273   4.043   1.00 39.20 ? 9    PHE A CB  1 
ATOM   60   C CG  . PHE A 1 15  ? 6.176   3.695   5.316   1.00 43.82 ? 9    PHE A CG  1 
ATOM   61   C CD1 . PHE A 1 15  ? 7.205   2.710   5.248   1.00 46.70 ? 9    PHE A CD1 1 
ATOM   62   C CD2 . PHE A 1 15  ? 5.813   4.210   6.574   1.00 42.78 ? 9    PHE A CD2 1 
ATOM   63   C CE1 . PHE A 1 15  ? 7.816   2.200   6.395   1.00 46.45 ? 9    PHE A CE1 1 
ATOM   64   C CE2 . PHE A 1 15  ? 6.397   3.671   7.758   1.00 45.21 ? 9    PHE A CE2 1 
ATOM   65   C CZ  . PHE A 1 15  ? 7.399   2.677   7.677   1.00 43.61 ? 9    PHE A CZ  1 
ATOM   66   N N   . MET A 1 16  ? 2.814   3.218   5.412   1.00 42.67 ? 10   MET A N   1 
ATOM   67   C CA  . MET A 1 16  ? 1.534   3.432   6.035   1.00 45.25 ? 10   MET A CA  1 
ATOM   68   C C   . MET A 1 16  ? 1.402   4.894   6.391   1.00 43.89 ? 10   MET A C   1 
ATOM   69   O O   . MET A 1 16  ? 2.283   5.450   7.032   1.00 44.61 ? 10   MET A O   1 
ATOM   70   C CB  . MET A 1 16  ? 1.403   2.545   7.293   1.00 47.89 ? 10   MET A CB  1 
ATOM   71   C CG  . MET A 1 16  ? 0.061   1.723   7.343   1.00 51.14 ? 10   MET A CG  1 
ATOM   72   S SD  . MET A 1 16  ? -0.339  1.213   9.101   1.00 63.42 ? 10   MET A SD  1 
ATOM   73   C CE  . MET A 1 16  ? -1.431  2.628   9.366   1.00 62.85 ? 10   MET A CE  1 
ATOM   74   N N   . GLY A 1 17  ? 0.289   5.507   6.000   1.00 42.97 ? 11   GLY A N   1 
ATOM   75   C CA  . GLY A 1 17  ? -0.041  6.850   6.450   1.00 42.75 ? 11   GLY A CA  1 
ATOM   76   C C   . GLY A 1 17  ? 0.322   7.743   5.315   1.00 43.59 ? 11   GLY A C   1 
ATOM   77   O O   . GLY A 1 17  ? 0.195   8.924   5.502   1.00 46.73 ? 11   GLY A O   1 
ATOM   78   N N   . SER A 1 18  ? 0.765   7.243   4.160   1.00 41.18 ? 12   SER A N   1 
ATOM   79   C CA  . SER A 1 18  ? 1.009   8.120   3.045   1.00 42.00 ? 12   SER A CA  1 
ATOM   80   C C   . SER A 1 18  ? -0.235  8.386   2.230   1.00 43.62 ? 12   SER A C   1 
ATOM   81   O O   . SER A 1 18  ? -0.112  9.109   1.232   1.00 42.00 ? 12   SER A O   1 
ATOM   82   C CB  . SER A 1 18  ? 2.056   7.557   2.045   1.00 42.07 ? 12   SER A CB  1 
ATOM   83   O OG  . SER A 1 18  ? 1.605   6.301   1.605   1.00 38.88 ? 12   SER A OG  1 
ATOM   84   N N   . GLY A 1 19  ? -1.380  7.739   2.547   1.00 45.15 ? 13   GLY A N   1 
ATOM   85   C CA  . GLY A 1 19  ? -2.739  8.182   2.081   1.00 44.63 ? 13   GLY A CA  1 
ATOM   86   C C   . GLY A 1 19  ? -3.218  7.314   0.889   1.00 44.69 ? 13   GLY A C   1 
ATOM   87   O O   . GLY A 1 19  ? -3.973  7.795   0.041   1.00 43.69 ? 13   GLY A O   1 
ATOM   88   N N   . LYS A 1 20  ? -2.739  6.055   0.816   1.00 43.06 ? 14   LYS A N   1 
ATOM   89   C CA  . LYS A 1 20  ? -3.122  5.156   -0.285  1.00 43.27 ? 14   LYS A CA  1 
ATOM   90   C C   . LYS A 1 20  ? -4.632  4.889   -0.323  1.00 44.13 ? 14   LYS A C   1 
ATOM   91   O O   . LYS A 1 20  ? -5.227  5.127   -1.334  1.00 46.32 ? 14   LYS A O   1 
ATOM   92   C CB  . LYS A 1 20  ? -2.320  3.875   -0.285  1.00 40.83 ? 14   LYS A CB  1 
ATOM   93   C CG  . LYS A 1 20  ? -0.947  4.177   0.129   1.00 45.60 ? 14   LYS A CG  1 
ATOM   94   C CD  . LYS A 1 20  ? 0.067   3.166   -0.240  1.00 37.78 ? 14   LYS A CD  1 
ATOM   95   C CE  . LYS A 1 20  ? 0.045   2.064   0.664   1.00 42.31 ? 14   LYS A CE  1 
ATOM   96   N NZ  . LYS A 1 20  ? 0.222   2.287   2.096   1.00 28.88 ? 14   LYS A NZ  1 
ATOM   97   N N   . SER A 1 21  ? -5.266  4.439   0.756   1.00 45.20 ? 15   SER A N   1 
ATOM   98   C CA  . SER A 1 21  ? -6.647  4.006   0.697   1.00 46.41 ? 15   SER A CA  1 
ATOM   99   C C   . SER A 1 21  ? -7.530  5.119   0.357   1.00 44.73 ? 15   SER A C   1 
ATOM   100  O O   . SER A 1 21  ? -8.467  4.858   -0.309  1.00 45.82 ? 15   SER A O   1 
ATOM   101  C CB  . SER A 1 21  ? -7.238  3.482   2.041   1.00 46.46 ? 15   SER A CB  1 
ATOM   102  O OG  . SER A 1 21  ? -6.201  3.049   2.881   1.00 56.80 ? 15   SER A OG  1 
ATOM   103  N N   . SER A 1 22  ? -7.301  6.305   0.882   1.00 42.45 ? 16   SER A N   1 
ATOM   104  C CA  . SER A 1 22  ? -8.099  7.427   0.457   1.00 44.65 ? 16   SER A CA  1 
ATOM   105  C C   . SER A 1 22  ? -7.872  7.821   -0.946  1.00 42.64 ? 16   SER A C   1 
ATOM   106  O O   . SER A 1 22  ? -8.869  7.919   -1.659  1.00 45.11 ? 16   SER A O   1 
ATOM   107  C CB  . SER A 1 22  ? -8.003  8.677   1.365   1.00 45.78 ? 16   SER A CB  1 
ATOM   108  O OG  . SER A 1 22  ? -8.544  8.296   2.660   1.00 50.75 ? 16   SER A OG  1 
ATOM   109  N N   . LEU A 1 23  ? -6.647  8.035   -1.391  1.00 38.73 ? 17   LEU A N   1 
ATOM   110  C CA  . LEU A 1 23  ? -6.482  8.131   -2.846  1.00 39.68 ? 17   LEU A CA  1 
ATOM   111  C C   . LEU A 1 23  ? -7.168  7.033   -3.671  1.00 38.27 ? 17   LEU A C   1 
ATOM   112  O O   . LEU A 1 23  ? -7.921  7.310   -4.645  1.00 38.53 ? 17   LEU A O   1 
ATOM   113  C CB  . LEU A 1 23  ? -5.027  8.165   -3.236  1.00 40.02 ? 17   LEU A CB  1 
ATOM   114  C CG  . LEU A 1 23  ? -4.565  9.230   -4.192  1.00 42.27 ? 17   LEU A CG  1 
ATOM   115  C CD1 . LEU A 1 23  ? -3.280  8.791   -4.930  1.00 38.57 ? 17   LEU A CD1 1 
ATOM   116  C CD2 . LEU A 1 23  ? -5.677  10.136  -5.035  1.00 41.82 ? 17   LEU A CD2 1 
ATOM   117  N N   . ALA A 1 24  ? -6.992  5.803   -3.248  1.00 36.58 ? 18   ALA A N   1 
ATOM   118  C CA  . ALA A 1 24  ? -7.685  4.745   -3.936  1.00 40.57 ? 18   ALA A CA  1 
ATOM   119  C C   . ALA A 1 24  ? -9.229  4.865   -4.062  1.00 40.10 ? 18   ALA A C   1 
ATOM   120  O O   . ALA A 1 24  ? -9.763  4.632   -5.108  1.00 40.96 ? 18   ALA A O   1 
ATOM   121  C CB  . ALA A 1 24  ? -7.216  3.290   -3.488  1.00 40.70 ? 18   ALA A CB  1 
ATOM   122  N N   . GLN A 1 25  ? -9.920  5.228   -3.020  1.00 40.95 ? 19   GLN A N   1 
ATOM   123  C CA  . GLN A 1 25  ? -11.326 5.321   -3.076  1.00 43.78 ? 19   GLN A CA  1 
ATOM   124  C C   . GLN A 1 25  ? -11.708 6.495   -4.063  1.00 44.38 ? 19   GLN A C   1 
ATOM   125  O O   . GLN A 1 25  ? -12.541 6.225   -4.896  1.00 45.35 ? 19   GLN A O   1 
ATOM   126  C CB  . GLN A 1 25  ? -11.851 5.423   -1.638  1.00 46.56 ? 19   GLN A CB  1 
ATOM   127  C CG  . GLN A 1 25  ? -13.372 6.015   -1.482  1.00 59.33 ? 19   GLN A CG  1 
ATOM   128  C CD  . GLN A 1 25  ? -13.774 6.610   -0.025  1.00 67.98 ? 19   GLN A CD  1 
ATOM   129  O OE1 . GLN A 1 25  ? -14.950 6.993   0.196   1.00 65.49 ? 19   GLN A OE1 1 
ATOM   130  N NE2 . GLN A 1 25  ? -12.799 6.654   0.928   1.00 71.92 ? 19   GLN A NE2 1 
ATOM   131  N N   . GLU A 1 26  ? -11.008 7.693   -4.035  1.00 42.90 ? 20   GLU A N   1 
ATOM   132  C CA  . GLU A 1 26  ? -11.147 8.783   -4.942  1.00 41.61 ? 20   GLU A CA  1 
ATOM   133  C C   . GLU A 1 26  ? -10.854 8.317   -6.359  1.00 42.83 ? 20   GLU A C   1 
ATOM   134  O O   . GLU A 1 26  ? -11.693 8.493   -7.243  1.00 45.52 ? 20   GLU A O   1 
ATOM   135  C CB  . GLU A 1 26  ? -10.148 9.836   -4.584  1.00 40.61 ? 20   GLU A CB  1 
ATOM   136  C CG  . GLU A 1 26  ? -10.501 11.278  -5.031  1.00 48.45 ? 20   GLU A CG  1 
ATOM   137  C CD  . GLU A 1 26  ? -12.054 11.583  -5.515  1.00 52.85 ? 20   GLU A CD  1 
ATOM   138  O OE1 . GLU A 1 26  ? -12.343 12.330  -6.521  1.00 47.12 ? 20   GLU A OE1 1 
ATOM   139  O OE2 . GLU A 1 26  ? -13.051 11.061  -4.947  1.00 53.15 ? 20   GLU A OE2 1 
ATOM   140  N N   . LEU A 1 27  ? -9.714  7.680   -6.632  1.00 41.14 ? 21   LEU A N   1 
ATOM   141  C CA  . LEU A 1 27  ? -9.439  7.283   -8.044  1.00 42.58 ? 21   LEU A CA  1 
ATOM   142  C C   . LEU A 1 27  ? -10.513 6.335   -8.620  1.00 43.33 ? 21   LEU A C   1 
ATOM   143  O O   . LEU A 1 27  ? -10.897 6.440   -9.782  1.00 43.53 ? 21   LEU A O   1 
ATOM   144  C CB  . LEU A 1 27  ? -8.102  6.476   -8.145  1.00 41.30 ? 21   LEU A CB  1 
ATOM   145  C CG  . LEU A 1 27  ? -6.793  7.149   -8.403  1.00 41.28 ? 21   LEU A CG  1 
ATOM   146  C CD1 . LEU A 1 27  ? -5.477  6.256   -8.256  1.00 45.51 ? 21   LEU A CD1 1 
ATOM   147  C CD2 . LEU A 1 27  ? -6.886  7.734   -9.747  1.00 38.42 ? 21   LEU A CD2 1 
ATOM   148  N N   . GLY A 1 28  ? -10.921 5.318   -7.842  1.00 44.15 ? 22   GLY A N   1 
ATOM   149  C CA  . GLY A 1 28  ? -11.987 4.444   -8.300  1.00 43.82 ? 22   GLY A CA  1 
ATOM   150  C C   . GLY A 1 28  ? -13.235 5.253   -8.690  1.00 43.65 ? 22   GLY A C   1 
ATOM   151  O O   . GLY A 1 28  ? -13.778 5.084   -9.834  1.00 45.55 ? 22   GLY A O   1 
ATOM   152  N N   . LEU A 1 29  ? -13.690 6.115   -7.799  1.00 41.83 ? 23   LEU A N   1 
ATOM   153  C CA  . LEU A 1 29  ? -14.803 6.973   -8.116  1.00 42.05 ? 23   LEU A CA  1 
ATOM   154  C C   . LEU A 1 29  ? -14.560 7.782   -9.397  1.00 41.05 ? 23   LEU A C   1 
ATOM   155  O O   . LEU A 1 29  ? -15.376 7.662   -10.360 1.00 42.47 ? 23   LEU A O   1 
ATOM   156  C CB  . LEU A 1 29  ? -15.222 7.925   -6.968  1.00 42.15 ? 23   LEU A CB  1 
ATOM   157  C CG  . LEU A 1 29  ? -15.794 7.213   -5.743  1.00 44.26 ? 23   LEU A CG  1 
ATOM   158  C CD1 . LEU A 1 29  ? -15.989 8.125   -4.460  1.00 35.31 ? 23   LEU A CD1 1 
ATOM   159  C CD2 . LEU A 1 29  ? -17.065 6.326   -6.065  1.00 40.51 ? 23   LEU A CD2 1 
ATOM   160  N N   . ALA A 1 30  ? -13.477 8.555   -9.453  1.00 38.06 ? 24   ALA A N   1 
ATOM   161  C CA  . ALA A 1 30  ? -13.198 9.351   -10.660 1.00 35.86 ? 24   ALA A CA  1 
ATOM   162  C C   . ALA A 1 30  ? -13.159 8.511   -11.929 1.00 37.60 ? 24   ALA A C   1 
ATOM   163  O O   . ALA A 1 30  ? -13.575 9.033   -12.982 1.00 36.03 ? 24   ALA A O   1 
ATOM   164  C CB  . ALA A 1 30  ? -11.820 10.234  -10.564 1.00 35.50 ? 24   ALA A CB  1 
ATOM   165  N N   . LEU A 1 31  ? -12.713 7.248   -11.854 1.00 36.46 ? 25   LEU A N   1 
ATOM   166  C CA  . LEU A 1 31  ? -12.360 6.559   -13.081 1.00 39.96 ? 25   LEU A CA  1 
ATOM   167  C C   . LEU A 1 31  ? -13.427 5.510   -13.248 1.00 42.54 ? 25   LEU A C   1 
ATOM   168  O O   . LEU A 1 31  ? -13.365 4.742   -14.207 1.00 43.51 ? 25   LEU A O   1 
ATOM   169  C CB  . LEU A 1 31  ? -10.978 5.908   -13.037 1.00 37.99 ? 25   LEU A CB  1 
ATOM   170  C CG  . LEU A 1 31  ? -9.816  6.890   -13.069 1.00 39.58 ? 25   LEU A CG  1 
ATOM   171  C CD1 . LEU A 1 31  ? -8.409  6.326   -12.959 1.00 33.04 ? 25   LEU A CD1 1 
ATOM   172  C CD2 . LEU A 1 31  ? -9.946  7.543   -14.410 1.00 36.56 ? 25   LEU A CD2 1 
ATOM   173  N N   . LYS A 1 32  ? -14.425 5.522   -12.354 1.00 44.06 ? 26   LYS A N   1 
ATOM   174  C CA  . LYS A 1 32  ? -15.289 4.326   -12.173 1.00 47.47 ? 26   LYS A CA  1 
ATOM   175  C C   . LYS A 1 32  ? -14.654 2.947   -12.527 1.00 47.62 ? 26   LYS A C   1 
ATOM   176  O O   . LYS A 1 32  ? -15.049 2.188   -13.456 1.00 46.05 ? 26   LYS A O   1 
ATOM   177  C CB  . LYS A 1 32  ? -16.781 4.489   -12.625 1.00 47.73 ? 26   LYS A CB  1 
ATOM   178  C CG  . LYS A 1 32  ? -17.107 3.924   -13.862 1.00 50.70 ? 26   LYS A CG  1 
ATOM   179  C CD  . LYS A 1 32  ? -18.431 4.555   -14.316 1.00 57.54 ? 26   LYS A CD  1 
ATOM   180  C CE  . LYS A 1 32  ? -19.416 3.538   -15.087 1.00 59.97 ? 26   LYS A CE  1 
ATOM   181  N NZ  . LYS A 1 32  ? -20.732 3.287   -14.331 1.00 61.72 ? 26   LYS A NZ  1 
ATOM   182  N N   . LEU A 1 33  ? -13.684 2.654   -11.654 1.00 46.91 ? 27   LEU A N   1 
ATOM   183  C CA  . LEU A 1 33  ? -13.030 1.377   -11.491 1.00 42.23 ? 27   LEU A CA  1 
ATOM   184  C C   . LEU A 1 33  ? -13.354 0.897   -10.105 1.00 43.59 ? 27   LEU A C   1 
ATOM   185  O O   . LEU A 1 33  ? -13.622 1.696   -9.091  1.00 41.15 ? 27   LEU A O   1 
ATOM   186  C CB  . LEU A 1 33  ? -11.548 1.634   -11.658 1.00 41.14 ? 27   LEU A CB  1 
ATOM   187  C CG  . LEU A 1 33  ? -11.123 2.004   -13.103 1.00 39.15 ? 27   LEU A CG  1 
ATOM   188  C CD1 . LEU A 1 33  ? -9.614  1.991   -13.371 1.00 34.74 ? 27   LEU A CD1 1 
ATOM   189  C CD2 . LEU A 1 33  ? -11.752 0.981   -14.166 1.00 32.53 ? 27   LEU A CD2 1 
ATOM   190  N N   . GLU A 1 34  ? -13.410 -0.436  -10.017 1.00 45.05 ? 28   GLU A N   1 
ATOM   191  C CA  . GLU A 1 34  ? -13.415 -1.063  -8.668  1.00 45.95 ? 28   GLU A CA  1 
ATOM   192  C C   . GLU A 1 34  ? -12.137 -0.964  -7.941  1.00 42.66 ? 28   GLU A C   1 
ATOM   193  O O   . GLU A 1 34  ? -11.079 -1.056  -8.567  1.00 42.30 ? 28   GLU A O   1 
ATOM   194  C CB  . GLU A 1 34  ? -13.878 -2.449  -8.664  1.00 46.30 ? 28   GLU A CB  1 
ATOM   195  C CG  . GLU A 1 34  ? -15.369 -2.411  -8.350  1.00 60.66 ? 28   GLU A CG  1 
ATOM   196  C CD  . GLU A 1 34  ? -16.190 -3.372  -9.214  1.00 76.48 ? 28   GLU A CD  1 
ATOM   197  O OE1 . GLU A 1 34  ? -17.298 -2.938  -9.709  1.00 81.34 ? 28   GLU A OE1 1 
ATOM   198  O OE2 . GLU A 1 34  ? -15.701 -4.559  -9.394  1.00 82.62 ? 28   GLU A OE2 1 
ATOM   199  N N   . VAL A 1 35  ? -12.284 -0.783  -6.621  1.00 40.79 ? 29   VAL A N   1 
ATOM   200  C CA  . VAL A 1 35  ? -11.233 -0.579  -5.662  1.00 38.91 ? 29   VAL A CA  1 
ATOM   201  C C   . VAL A 1 35  ? -11.118 -1.694  -4.722  1.00 41.06 ? 29   VAL A C   1 
ATOM   202  O O   . VAL A 1 35  ? -12.082 -1.989  -4.052  1.00 41.45 ? 29   VAL A O   1 
ATOM   203  C CB  . VAL A 1 35  ? -11.490 0.655   -4.862  1.00 37.91 ? 29   VAL A CB  1 
ATOM   204  C CG1 . VAL A 1 35  ? -10.333 0.945   -3.852  1.00 37.98 ? 29   VAL A CG1 1 
ATOM   205  C CG2 . VAL A 1 35  ? -11.613 1.827   -5.830  1.00 31.85 ? 29   VAL A CG2 1 
ATOM   206  N N   . LEU A 1 36  ? -9.898  -2.284  -4.694  1.00 41.21 ? 30   LEU A N   1 
ATOM   207  C CA  . LEU A 1 36  ? -9.435  -3.248  -3.719  1.00 40.03 ? 30   LEU A CA  1 
ATOM   208  C C   . LEU A 1 36  ? -8.350  -2.666  -2.754  1.00 40.25 ? 30   LEU A C   1 
ATOM   209  O O   . LEU A 1 36  ? -7.578  -1.756  -3.037  1.00 40.78 ? 30   LEU A O   1 
ATOM   210  C CB  . LEU A 1 36  ? -8.803  -4.452  -4.406  1.00 38.64 ? 30   LEU A CB  1 
ATOM   211  C CG  . LEU A 1 36  ? -9.738  -5.068  -5.452  1.00 41.94 ? 30   LEU A CG  1 
ATOM   212  C CD1 . LEU A 1 36  ? -8.960  -6.127  -6.296  1.00 33.67 ? 30   LEU A CD1 1 
ATOM   213  C CD2 . LEU A 1 36  ? -11.027 -5.687  -4.814  1.00 35.69 ? 30   LEU A CD2 1 
ATOM   214  N N   . ASP A 1 37  ? -8.307  -3.250  -1.592  1.00 38.85 ? 31   ASP A N   1 
ATOM   215  C CA  . ASP A 1 37  ? -7.363  -2.888  -0.620  1.00 38.94 ? 31   ASP A CA  1 
ATOM   216  C C   . ASP A 1 37  ? -6.716  -4.207  -0.087  1.00 36.61 ? 31   ASP A C   1 
ATOM   217  O O   . ASP A 1 37  ? -7.395  -5.038  0.517   1.00 33.96 ? 31   ASP A O   1 
ATOM   218  C CB  . ASP A 1 37  ? -8.070  -2.103  0.504   1.00 37.83 ? 31   ASP A CB  1 
ATOM   219  C CG  . ASP A 1 37  ? -7.049  -1.665  1.539   1.00 40.70 ? 31   ASP A CG  1 
ATOM   220  O OD1 . ASP A 1 37  ? -6.573  -0.521  1.533   1.00 51.00 ? 31   ASP A OD1 1 
ATOM   221  O OD2 . ASP A 1 37  ? -6.554  -2.408  2.341   1.00 40.93 ? 31   ASP A OD2 1 
ATOM   222  N N   . THR A 1 38  ? -5.458  -4.491  -0.415  1.00 37.77 ? 32   THR A N   1 
ATOM   223  C CA  . THR A 1 38  ? -4.945  -5.798  0.023   1.00 34.66 ? 32   THR A CA  1 
ATOM   224  C C   . THR A 1 38  ? -4.996  -6.100  1.551   1.00 36.44 ? 32   THR A C   1 
ATOM   225  O O   . THR A 1 38  ? -5.219  -7.257  1.953   1.00 38.08 ? 32   THR A O   1 
ATOM   226  C CB  . THR A 1 38  ? -3.556  -6.013  -0.447  1.00 34.75 ? 32   THR A CB  1 
ATOM   227  O OG1 . THR A 1 38  ? -2.647  -5.041  0.062   1.00 33.49 ? 32   THR A OG1 1 
ATOM   228  C CG2 . THR A 1 38  ? -3.454  -6.161  -1.989  1.00 36.76 ? 32   THR A CG2 1 
ATOM   229  N N   . ASP A 1 39  ? -4.741  -5.134  2.440   1.00 36.62 ? 33   ASP A N   1 
ATOM   230  C CA  . ASP A 1 39  ? -4.664  -5.441  3.861   1.00 35.78 ? 33   ASP A CA  1 
ATOM   231  C C   . ASP A 1 39  ? -6.069  -5.798  4.317   1.00 38.45 ? 33   ASP A C   1 
ATOM   232  O O   . ASP A 1 39  ? -6.270  -6.692  5.240   1.00 37.92 ? 33   ASP A O   1 
ATOM   233  C CB  . ASP A 1 39  ? -4.289  -4.222  4.653   1.00 37.10 ? 33   ASP A CB  1 
ATOM   234  C CG  . ASP A 1 39  ? -2.804  -3.925  4.695   1.00 36.76 ? 33   ASP A CG  1 
ATOM   235  O OD1 . ASP A 1 39  ? -1.934  -4.847  4.506   1.00 38.45 ? 33   ASP A OD1 1 
ATOM   236  O OD2 . ASP A 1 39  ? -2.421  -2.718  4.908   1.00 38.96 ? 33   ASP A OD2 1 
ATOM   237  N N   . MET A 1 40  ? -7.018  -4.996  3.818   1.00 39.32 ? 34   MET A N   1 
ATOM   238  C CA  . MET A 1 40  ? -8.422  -5.183  4.090   1.00 40.64 ? 34   MET A CA  1 
ATOM   239  C C   . MET A 1 40  ? -8.891  -6.540  3.589   1.00 40.55 ? 34   MET A C   1 
ATOM   240  O O   . MET A 1 40  ? -9.661  -7.174  4.307   1.00 39.67 ? 34   MET A O   1 
ATOM   241  C CB  . MET A 1 40  ? -9.214  -4.104  3.370   1.00 43.49 ? 34   MET A CB  1 
ATOM   242  C CG  . MET A 1 40  ? -9.478  -2.725  4.166   1.00 52.16 ? 34   MET A CG  1 
ATOM   243  S SD  . MET A 1 40  ? -8.684  -2.742  5.955   1.00 73.28 ? 34   MET A SD  1 
ATOM   244  C CE  . MET A 1 40  ? -9.281  -3.577  7.388   1.00 63.32 ? 34   MET A CE  1 
ATOM   245  N N   . ILE A 1 41  ? -8.441  -7.015  2.401   1.00 37.16 ? 35   ILE A N   1 
ATOM   246  C CA  . ILE A 1 41  ? -8.933  -8.275  1.945   1.00 36.97 ? 35   ILE A CA  1 
ATOM   247  C C   . ILE A 1 41  ? -8.396  -9.403  2.812   1.00 37.65 ? 35   ILE A C   1 
ATOM   248  O O   . ILE A 1 41  ? -9.104  -10.319 3.146   1.00 38.57 ? 35   ILE A O   1 
ATOM   249  C CB  . ILE A 1 41  ? -8.480  -8.562  0.393   1.00 40.77 ? 35   ILE A CB  1 
ATOM   250  C CG1 . ILE A 1 41  ? -9.270  -7.706  -0.592  1.00 36.65 ? 35   ILE A CG1 1 
ATOM   251  C CG2 . ILE A 1 41  ? -8.482  -10.063 0.010   1.00 32.41 ? 35   ILE A CG2 1 
ATOM   252  C CD1 . ILE A 1 41  ? -8.523  -7.607  -1.889  1.00 46.59 ? 35   ILE A CD1 1 
ATOM   253  N N   . ILE A 1 42  ? -7.168  -9.299  3.260   1.00 35.95 ? 36   ILE A N   1 
ATOM   254  C CA  . ILE A 1 42  ? -6.625  -10.343 4.090   1.00 34.94 ? 36   ILE A CA  1 
ATOM   255  C C   . ILE A 1 42  ? -7.239  -10.379 5.449   1.00 34.48 ? 36   ILE A C   1 
ATOM   256  O O   . ILE A 1 42  ? -7.639  -11.389 5.969   1.00 33.69 ? 36   ILE A O   1 
ATOM   257  C CB  . ILE A 1 42  ? -5.092  -10.223 4.168   1.00 33.09 ? 36   ILE A CB  1 
ATOM   258  C CG1 . ILE A 1 42  ? -4.477  -10.350 2.729   1.00 34.39 ? 36   ILE A CG1 1 
ATOM   259  C CG2 . ILE A 1 42  ? -4.585  -11.212 5.147   1.00 32.52 ? 36   ILE A CG2 1 
ATOM   260  C CD1 . ILE A 1 42  ? -2.984  -9.678  2.525   1.00 32.29 ? 36   ILE A CD1 1 
ATOM   261  N N   . SER A 1 43  ? -7.315  -9.247  6.047   1.00 35.38 ? 37   SER A N   1 
ATOM   262  C CA  . SER A 1 43  ? -7.908  -9.141  7.370   1.00 37.37 ? 37   SER A CA  1 
ATOM   263  C C   . SER A 1 43  ? -9.307  -9.718  7.289   1.00 37.47 ? 37   SER A C   1 
ATOM   264  O O   . SER A 1 43  ? -9.771  -10.503 8.136   1.00 38.61 ? 37   SER A O   1 
ATOM   265  C CB  . SER A 1 43  ? -7.915  -7.649  7.736   1.00 36.98 ? 37   SER A CB  1 
ATOM   266  O OG  . SER A 1 43  ? -8.617  -7.390  8.899   1.00 43.08 ? 37   SER A OG  1 
ATOM   267  N N   . GLU A 1 44  ? -9.973  -9.484  6.220   1.00 39.10 ? 38   GLU A N   1 
ATOM   268  C CA  . GLU A 1 44  ? -11.287 -9.946  6.290   1.00 43.51 ? 38   GLU A CA  1 
ATOM   269  C C   . GLU A 1 44  ? -11.379 -11.396 5.881   1.00 43.62 ? 38   GLU A C   1 
ATOM   270  O O   . GLU A 1 44  ? -12.297 -12.065 6.267   1.00 46.12 ? 38   GLU A O   1 
ATOM   271  C CB  . GLU A 1 44  ? -12.186 -9.096  5.448   1.00 47.10 ? 38   GLU A CB  1 
ATOM   272  C CG  . GLU A 1 44  ? -12.262 -9.635  4.055   1.00 53.44 ? 38   GLU A CG  1 
ATOM   273  C CD  . GLU A 1 44  ? -13.697 -10.258 3.729   1.00 70.82 ? 38   GLU A CD  1 
ATOM   274  O OE1 . GLU A 1 44  ? -13.718 -11.441 3.045   1.00 64.97 ? 38   GLU A OE1 1 
ATOM   275  O OE2 . GLU A 1 44  ? -14.768 -9.556  4.134   1.00 66.23 ? 38   GLU A OE2 1 
ATOM   276  N N   . ARG A 1 45  ? -10.473 -11.942 5.113   1.00 42.58 ? 39   ARG A N   1 
ATOM   277  C CA  . ARG A 1 45  ? -10.608 -13.366 4.896   1.00 39.98 ? 39   ARG A CA  1 
ATOM   278  C C   . ARG A 1 45  ? -10.241 -14.098 6.217   1.00 40.65 ? 39   ARG A C   1 
ATOM   279  O O   . ARG A 1 45  ? -10.728 -15.148 6.496   1.00 38.46 ? 39   ARG A O   1 
ATOM   280  C CB  . ARG A 1 45  ? -9.619  -13.817 3.791   1.00 39.08 ? 39   ARG A CB  1 
ATOM   281  C CG  . ARG A 1 45  ? -10.289 -13.663 2.450   1.00 36.06 ? 39   ARG A CG  1 
ATOM   282  C CD  . ARG A 1 45  ? -9.345  -13.486 1.392   1.00 33.39 ? 39   ARG A CD  1 
ATOM   283  N NE  . ARG A 1 45  ? -9.926  -13.192 0.092   1.00 44.88 ? 39   ARG A NE  1 
ATOM   284  C CZ  . ARG A 1 45  ? -9.163  -13.505 -0.990  1.00 41.74 ? 39   ARG A CZ  1 
ATOM   285  N NH1 . ARG A 1 45  ? -8.041  -13.987 -0.678  1.00 33.06 ? 39   ARG A NH1 1 
ATOM   286  N NH2 . ARG A 1 45  ? -9.438  -13.267 -2.262  1.00 37.57 ? 39   ARG A NH2 1 
ATOM   287  N N   . VAL A 1 46  ? -9.228  -13.587 6.938   1.00 40.56 ? 40   VAL A N   1 
ATOM   288  C CA  . VAL A 1 46  ? -8.676  -14.294 8.090   1.00 38.90 ? 40   VAL A CA  1 
ATOM   289  C C   . VAL A 1 46  ? -9.544  -14.082 9.326   1.00 41.84 ? 40   VAL A C   1 
ATOM   290  O O   . VAL A 1 46  ? -9.512  -14.905 10.246  1.00 42.62 ? 40   VAL A O   1 
ATOM   291  C CB  . VAL A 1 46  ? -7.175  -13.883 8.363   1.00 38.15 ? 40   VAL A CB  1 
ATOM   292  C CG1 . VAL A 1 46  ? -6.533  -14.626 9.602   1.00 32.18 ? 40   VAL A CG1 1 
ATOM   293  C CG2 . VAL A 1 46  ? -6.342  -14.080 7.131   1.00 34.52 ? 40   VAL A CG2 1 
ATOM   294  N N   . GLY A 1 47  ? -10.319 -12.995 9.351   1.00 41.55 ? 41   GLY A N   1 
ATOM   295  C CA  . GLY A 1 47  ? -11.185 -12.748 10.473  1.00 41.96 ? 41   GLY A CA  1 
ATOM   296  C C   . GLY A 1 47  ? -10.444 -12.234 11.669  1.00 43.78 ? 41   GLY A C   1 
ATOM   297  O O   . GLY A 1 47  ? -10.901 -12.497 12.734  1.00 47.48 ? 41   GLY A O   1 
ATOM   298  N N   . LEU A 1 48  ? -9.285  -11.560 11.504  1.00 43.76 ? 42   LEU A N   1 
ATOM   299  C CA  . LEU A 1 48  ? -8.445  -10.916 12.508  1.00 42.79 ? 42   LEU A CA  1 
ATOM   300  C C   . LEU A 1 48  ? -8.042  -9.562  11.900  1.00 44.82 ? 42   LEU A C   1 
ATOM   301  O O   . LEU A 1 48  ? -7.952  -9.444  10.639  1.00 45.60 ? 42   LEU A O   1 
ATOM   302  C CB  . LEU A 1 48  ? -7.159  -11.704 12.788  1.00 42.87 ? 42   LEU A CB  1 
ATOM   303  C CG  . LEU A 1 48  ? -7.463  -13.080 13.410  1.00 46.74 ? 42   LEU A CG  1 
ATOM   304  C CD1 . LEU A 1 48  ? -6.374  -13.906 13.767  1.00 36.34 ? 42   LEU A CD1 1 
ATOM   305  C CD2 . LEU A 1 48  ? -8.342  -12.928 14.726  1.00 47.15 ? 42   LEU A CD2 1 
ATOM   306  N N   . SER A 1 49  ? -7.798  -8.541  12.751  1.00 44.03 ? 43   SER A N   1 
ATOM   307  C CA  . SER A 1 49  ? -7.120  -7.329  12.291  1.00 44.22 ? 43   SER A CA  1 
ATOM   308  C C   . SER A 1 49  ? -5.697  -7.728  11.852  1.00 44.00 ? 43   SER A C   1 
ATOM   309  O O   . SER A 1 49  ? -5.268  -8.822  12.187  1.00 45.62 ? 43   SER A O   1 
ATOM   310  C CB  . SER A 1 49  ? -7.100  -6.262  13.381  1.00 42.33 ? 43   SER A CB  1 
ATOM   311  O OG  . SER A 1 49  ? -6.123  -6.565  14.395  1.00 43.45 ? 43   SER A OG  1 
ATOM   312  N N   . VAL A 1 50  ? -5.004  -6.878  11.085  1.00 43.23 ? 44   VAL A N   1 
ATOM   313  C CA  . VAL A 1 50  ? -3.675  -7.161  10.582  1.00 42.84 ? 44   VAL A CA  1 
ATOM   314  C C   . VAL A 1 50  ? -2.785  -7.146  11.778  1.00 44.00 ? 44   VAL A C   1 
ATOM   315  O O   . VAL A 1 50  ? -1.849  -7.935  11.812  1.00 43.86 ? 44   VAL A O   1 
ATOM   316  C CB  . VAL A 1 50  ? -3.190  -6.059  9.568   1.00 44.33 ? 44   VAL A CB  1 
ATOM   317  C CG1 . VAL A 1 50  ? -1.778  -6.357  9.063   1.00 41.12 ? 44   VAL A CG1 1 
ATOM   318  C CG2 . VAL A 1 50  ? -4.148  -5.968  8.390   1.00 43.52 ? 44   VAL A CG2 1 
ATOM   319  N N   . ARG A 1 51  ? -3.041  -6.238  12.752  1.00 44.16 ? 45   ARG A N   1 
ATOM   320  C CA  . ARG A 1 51  ? -2.385  -6.270  14.061  1.00 46.03 ? 45   ARG A CA  1 
ATOM   321  C C   . ARG A 1 51  ? -2.410  -7.731  14.636  1.00 46.07 ? 45   ARG A C   1 
ATOM   322  O O   . ARG A 1 51  ? -1.334  -8.335  14.906  1.00 44.51 ? 45   ARG A O   1 
ATOM   323  C CB  . ARG A 1 51  ? -3.108  -5.302  15.052  1.00 47.96 ? 45   ARG A CB  1 
ATOM   324  C CG  . ARG A 1 51  ? -2.184  -4.361  15.874  1.00 53.31 ? 45   ARG A CG  1 
ATOM   325  C CD  . ARG A 1 51  ? -2.039  -4.449  17.418  1.00 62.34 ? 45   ARG A CD  1 
ATOM   326  N NE  . ARG A 1 51  ? -3.129  -3.782  18.149  1.00 75.88 ? 45   ARG A NE  1 
ATOM   327  C CZ  . ARG A 1 51  ? -3.067  -3.291  19.420  1.00 85.24 ? 45   ARG A CZ  1 
ATOM   328  N NH1 . ARG A 1 51  ? -4.168  -2.739  19.986  1.00 87.91 ? 45   ARG A NH1 1 
ATOM   329  N NH2 . ARG A 1 51  ? -1.923  -3.322  20.130  1.00 85.28 ? 45   ARG A NH2 1 
ATOM   330  N N   . GLU A 1 52  ? -3.640  -8.283  14.810  1.00 45.10 ? 46   GLU A N   1 
ATOM   331  C CA  . GLU A 1 52  ? -3.799  -9.666  15.374  1.00 45.13 ? 46   GLU A CA  1 
ATOM   332  C C   . GLU A 1 52  ? -3.199  -10.712 14.433  1.00 44.67 ? 46   GLU A C   1 
ATOM   333  O O   . GLU A 1 52  ? -2.619  -11.665 14.900  1.00 44.84 ? 46   GLU A O   1 
ATOM   334  C CB  . GLU A 1 52  ? -5.262  -9.955  15.700  1.00 45.96 ? 46   GLU A CB  1 
ATOM   335  C CG  . GLU A 1 52  ? -5.862  -8.843  16.560  1.00 49.45 ? 46   GLU A CG  1 
ATOM   336  C CD  . GLU A 1 52  ? -7.354  -8.876  16.703  1.00 59.09 ? 46   GLU A CD  1 
ATOM   337  O OE1 . GLU A 1 52  ? -7.753  -8.558  17.843  1.00 64.17 ? 46   GLU A OE1 1 
ATOM   338  O OE2 . GLU A 1 52  ? -8.115  -9.145  15.722  1.00 63.40 ? 46   GLU A OE2 1 
ATOM   339  N N   . ILE A 1 53  ? -3.216  -10.491 13.113  1.00 42.59 ? 47   ILE A N   1 
ATOM   340  C CA  . ILE A 1 53  ? -2.452  -11.438 12.304  1.00 41.56 ? 47   ILE A CA  1 
ATOM   341  C C   . ILE A 1 53  ? -0.989  -11.498 12.759  1.00 42.31 ? 47   ILE A C   1 
ATOM   342  O O   . ILE A 1 53  ? -0.488  -12.524 12.986  1.00 43.94 ? 47   ILE A O   1 
ATOM   343  C CB  . ILE A 1 53  ? -2.657  -11.241 10.805  1.00 41.29 ? 47   ILE A CB  1 
ATOM   344  C CG1 . ILE A 1 53  ? -4.111  -11.361 10.503  1.00 35.21 ? 47   ILE A CG1 1 
ATOM   345  C CG2 . ILE A 1 53  ? -1.830  -12.271 9.926   1.00 35.31 ? 47   ILE A CG2 1 
ATOM   346  C CD1 . ILE A 1 53  ? -4.402  -11.048 9.109   1.00 29.06 ? 47   ILE A CD1 1 
ATOM   347  N N   . PHE A 1 54  ? -0.300  -10.361 12.824  1.00 43.78 ? 48   PHE A N   1 
ATOM   348  C CA  . PHE A 1 54  ? 1.044   -10.251 13.338  1.00 41.72 ? 48   PHE A CA  1 
ATOM   349  C C   . PHE A 1 54  ? 1.241   -10.846 14.678  1.00 43.36 ? 48   PHE A C   1 
ATOM   350  O O   . PHE A 1 54  ? 2.137   -11.685 14.839  1.00 43.40 ? 48   PHE A O   1 
ATOM   351  C CB  . PHE A 1 54  ? 1.515   -8.830  13.289  1.00 40.72 ? 48   PHE A CB  1 
ATOM   352  C CG  . PHE A 1 54  ? 2.001   -8.399  11.837  1.00 44.48 ? 48   PHE A CG  1 
ATOM   353  C CD1 . PHE A 1 54  ? 1.089   -8.263  10.744  1.00 37.74 ? 48   PHE A CD1 1 
ATOM   354  C CD2 . PHE A 1 54  ? 3.337   -8.154  11.589  1.00 37.45 ? 48   PHE A CD2 1 
ATOM   355  C CE1 . PHE A 1 54  ? 1.536   -7.861  9.514   1.00 39.83 ? 48   PHE A CE1 1 
ATOM   356  C CE2 . PHE A 1 54  ? 3.776   -7.773  10.303  1.00 39.73 ? 48   PHE A CE2 1 
ATOM   357  C CZ  . PHE A 1 54  ? 2.917   -7.632  9.284   1.00 36.84 ? 48   PHE A CZ  1 
ATOM   358  N N   . GLU A 1 55  ? 0.366   -10.502 15.619  1.00 45.38 ? 49   GLU A N   1 
ATOM   359  C CA  . GLU A 1 55  ? 0.402   -10.952 17.011  1.00 46.66 ? 49   GLU A CA  1 
ATOM   360  C C   . GLU A 1 55  ? 0.207   -12.494 17.150  1.00 49.34 ? 49   GLU A C   1 
ATOM   361  O O   . GLU A 1 55  ? 1.048   -13.259 17.685  1.00 50.35 ? 49   GLU A O   1 
ATOM   362  C CB  . GLU A 1 55  ? -0.709  -10.199 17.789  1.00 47.89 ? 49   GLU A CB  1 
ATOM   363  C CG  . GLU A 1 55  ? -0.361  -8.705  18.133  1.00 50.62 ? 49   GLU A CG  1 
ATOM   364  C CD  . GLU A 1 55  ? -1.519  -7.969  18.888  1.00 64.07 ? 49   GLU A CD  1 
ATOM   365  O OE1 . GLU A 1 55  ? -2.764  -8.412  18.858  1.00 64.92 ? 49   GLU A OE1 1 
ATOM   366  O OE2 . GLU A 1 55  ? -1.196  -6.941  19.566  1.00 67.12 ? 49   GLU A OE2 1 
ATOM   367  N N   . GLU A 1 56  ? -0.856  -12.964 16.511  1.00 50.20 ? 50   GLU A N   1 
ATOM   368  C CA  . GLU A 1 56  ? -1.336  -14.298 16.618  1.00 49.36 ? 50   GLU A CA  1 
ATOM   369  C C   . GLU A 1 56  ? -0.674  -15.252 15.569  1.00 48.53 ? 50   GLU A C   1 
ATOM   370  O O   . GLU A 1 56  ? -0.460  -16.424 15.847  1.00 48.75 ? 50   GLU A O   1 
ATOM   371  C CB  . GLU A 1 56  ? -2.774  -14.097 16.349  1.00 49.23 ? 50   GLU A CB  1 
ATOM   372  C CG  . GLU A 1 56  ? -3.702  -14.737 17.299  1.00 60.32 ? 50   GLU A CG  1 
ATOM   373  C CD  . GLU A 1 56  ? -3.648  -14.149 18.666  1.00 70.78 ? 50   GLU A CD  1 
ATOM   374  O OE1 . GLU A 1 56  ? -4.689  -14.265 19.388  1.00 74.57 ? 50   GLU A OE1 1 
ATOM   375  O OE2 . GLU A 1 56  ? -2.579  -13.613 19.004  1.00 72.58 ? 50   GLU A OE2 1 
ATOM   376  N N   . LEU A 1 57  ? -0.277  -14.784 14.387  1.00 45.25 ? 51   LEU A N   1 
ATOM   377  C CA  . LEU A 1 57  ? 0.045   -15.718 13.348  1.00 42.40 ? 51   LEU A CA  1 
ATOM   378  C C   . LEU A 1 57  ? 1.472   -15.494 12.789  1.00 43.78 ? 51   LEU A C   1 
ATOM   379  O O   . LEU A 1 57  ? 2.074   -16.373 12.053  1.00 42.08 ? 51   LEU A O   1 
ATOM   380  C CB  . LEU A 1 57  ? -1.020  -15.563 12.274  1.00 41.01 ? 51   LEU A CB  1 
ATOM   381  C CG  . LEU A 1 57  ? -2.457  -16.045 12.462  1.00 43.70 ? 51   LEU A CG  1 
ATOM   382  C CD1 . LEU A 1 57  ? -3.178  -15.874 11.190  1.00 37.42 ? 51   LEU A CD1 1 
ATOM   383  C CD2 . LEU A 1 57  ? -2.547  -17.543 12.779  1.00 37.27 ? 51   LEU A CD2 1 
ATOM   384  N N   . GLY A 1 58  ? 1.990   -14.266 13.041  1.00 43.63 ? 52   GLY A N   1 
ATOM   385  C CA  . GLY A 1 58  ? 3.362   -13.963 12.679  1.00 43.28 ? 52   GLY A CA  1 
ATOM   386  C C   . GLY A 1 58  ? 3.512   -13.395 11.262  1.00 42.42 ? 52   GLY A C   1 
ATOM   387  O O   . GLY A 1 58  ? 2.764   -13.733 10.369  1.00 41.62 ? 52   GLY A O   1 
ATOM   388  N N   . GLU A 1 59  ? 4.527   -12.575 11.088  1.00 40.11 ? 53   GLU A N   1 
ATOM   389  C CA  . GLU A 1 59  ? 4.658   -11.748 9.973   1.00 41.71 ? 53   GLU A CA  1 
ATOM   390  C C   . GLU A 1 59  ? 4.796   -12.632 8.800   1.00 43.86 ? 53   GLU A C   1 
ATOM   391  O O   . GLU A 1 59  ? 4.178   -12.289 7.742   1.00 45.68 ? 53   GLU A O   1 
ATOM   392  C CB  . GLU A 1 59  ? 5.901   -10.832 10.079  1.00 42.84 ? 53   GLU A CB  1 
ATOM   393  C CG  . GLU A 1 59  ? 6.263   -10.249 8.712   1.00 46.32 ? 53   GLU A CG  1 
ATOM   394  C CD  . GLU A 1 59  ? 7.394   -9.172  8.712   1.00 53.28 ? 53   GLU A CD  1 
ATOM   395  O OE1 . GLU A 1 59  ? 7.696   -8.642  7.635   1.00 48.99 ? 53   GLU A OE1 1 
ATOM   396  O OE2 . GLU A 1 59  ? 8.025   -8.870  9.748   1.00 51.39 ? 53   GLU A OE2 1 
ATOM   397  N N   . ASP A 1 60  ? 5.569   -13.767 8.898   1.00 42.11 ? 54   ASP A N   1 
ATOM   398  C CA  . ASP A 1 60  ? 5.757   -14.473 7.643   1.00 40.63 ? 54   ASP A CA  1 
ATOM   399  C C   . ASP A 1 60  ? 4.491   -15.019 7.111   1.00 39.00 ? 54   ASP A C   1 
ATOM   400  O O   . ASP A 1 60  ? 4.422   -15.153 5.888   1.00 40.47 ? 54   ASP A O   1 
ATOM   401  C CB  . ASP A 1 60  ? 6.697   -15.664 7.700   1.00 43.84 ? 54   ASP A CB  1 
ATOM   402  C CG  . ASP A 1 60  ? 7.962   -15.381 8.428   1.00 49.85 ? 54   ASP A CG  1 
ATOM   403  O OD1 . ASP A 1 60  ? 8.548   -14.229 8.343   1.00 57.74 ? 54   ASP A OD1 1 
ATOM   404  O OD2 . ASP A 1 60  ? 8.414   -16.282 9.149   1.00 49.13 ? 54   ASP A OD2 1 
ATOM   405  N N   . ASN A 1 61  ? 3.552   -15.406 7.974   1.00 33.97 ? 55   ASN A N   1 
ATOM   406  C CA  . ASN A 1 61  ? 2.309   -15.923 7.476   1.00 34.63 ? 55   ASN A CA  1 
ATOM   407  C C   . ASN A 1 61  ? 1.518   -14.789 6.852   1.00 36.69 ? 55   ASN A C   1 
ATOM   408  O O   . ASN A 1 61  ? 0.948   -15.026 5.804   1.00 36.24 ? 55   ASN A O   1 
ATOM   409  C CB  . ASN A 1 61  ? 1.463   -16.557 8.579   1.00 35.57 ? 55   ASN A CB  1 
ATOM   410  C CG  . ASN A 1 61  ? 1.871   -17.961 8.882   1.00 33.30 ? 55   ASN A CG  1 
ATOM   411  O OD1 . ASN A 1 61  ? 2.303   -18.673 7.966   1.00 41.92 ? 55   ASN A OD1 1 
ATOM   412  N ND2 . ASN A 1 61  ? 1.734   -18.392 10.150  1.00 33.19 ? 55   ASN A ND2 1 
ATOM   413  N N   . PHE A 1 62  ? 1.489   -13.561 7.461   1.00 36.73 ? 56   PHE A N   1 
ATOM   414  C CA  . PHE A 1 62  ? 0.880   -12.433 6.799   1.00 37.22 ? 56   PHE A CA  1 
ATOM   415  C C   . PHE A 1 62  ? 1.492   -12.284 5.366   1.00 38.29 ? 56   PHE A C   1 
ATOM   416  O O   . PHE A 1 62  ? 0.828   -12.182 4.325   1.00 39.77 ? 56   PHE A O   1 
ATOM   417  C CB  . PHE A 1 62  ? 1.129   -11.176 7.626   1.00 36.98 ? 56   PHE A CB  1 
ATOM   418  C CG  . PHE A 1 62  ? 0.543   -9.959  6.957   1.00 38.19 ? 56   PHE A CG  1 
ATOM   419  C CD1 . PHE A 1 62  ? 1.340   -9.015  6.332   1.00 36.78 ? 56   PHE A CD1 1 
ATOM   420  C CD2 . PHE A 1 62  ? -0.882  -9.775  6.934   1.00 31.62 ? 56   PHE A CD2 1 
ATOM   421  C CE1 . PHE A 1 62  ? 0.763   -7.950  5.757   1.00 30.35 ? 56   PHE A CE1 1 
ATOM   422  C CE2 . PHE A 1 62  ? -1.460  -8.780  6.257   1.00 26.35 ? 56   PHE A CE2 1 
ATOM   423  C CZ  . PHE A 1 62  ? -0.668  -7.852  5.633   1.00 24.28 ? 56   PHE A CZ  1 
ATOM   424  N N   . ARG A 1 63  ? 2.800   -12.343 5.305   1.00 39.96 ? 57   ARG A N   1 
ATOM   425  C CA  . ARG A 1 63  ? 3.570   -12.089 4.087   1.00 40.96 ? 57   ARG A CA  1 
ATOM   426  C C   . ARG A 1 63  ? 3.204   -13.194 3.078   1.00 42.36 ? 57   ARG A C   1 
ATOM   427  O O   . ARG A 1 63  ? 3.064   -13.003 1.830   1.00 45.19 ? 57   ARG A O   1 
ATOM   428  C CB  . ARG A 1 63  ? 5.045   -12.066 4.534   1.00 39.74 ? 57   ARG A CB  1 
ATOM   429  C CG  . ARG A 1 63  ? 5.666   -10.769 4.252   1.00 44.24 ? 57   ARG A CG  1 
ATOM   430  C CD  . ARG A 1 63  ? 5.840   -9.685  5.303   1.00 47.49 ? 57   ARG A CD  1 
ATOM   431  N NE  . ARG A 1 63  ? 5.086   -8.588  4.822   1.00 45.53 ? 57   ARG A NE  1 
ATOM   432  C CZ  . ARG A 1 63  ? 4.988   -7.381  5.323   1.00 45.18 ? 57   ARG A CZ  1 
ATOM   433  N NH1 . ARG A 1 63  ? 5.582   -6.956  6.395   1.00 39.90 ? 57   ARG A NH1 1 
ATOM   434  N NH2 . ARG A 1 63  ? 4.164   -6.598  4.686   1.00 49.42 ? 57   ARG A NH2 1 
ATOM   435  N N   . MET A 1 64  ? 2.878   -14.370 3.567   1.00 41.22 ? 58   MET A N   1 
ATOM   436  C CA  . MET A 1 64  ? 2.401   -15.317 2.598   1.00 41.55 ? 58   MET A CA  1 
ATOM   437  C C   . MET A 1 64  ? 0.985   -15.020 2.083   1.00 40.12 ? 58   MET A C   1 
ATOM   438  O O   . MET A 1 64  ? 0.636   -15.223 0.922   1.00 41.10 ? 58   MET A O   1 
ATOM   439  C CB  . MET A 1 64  ? 2.332   -16.698 3.273   1.00 43.24 ? 58   MET A CB  1 
ATOM   440  C CG  . MET A 1 64  ? 1.736   -17.688 2.314   1.00 47.74 ? 58   MET A CG  1 
ATOM   441  S SD  . MET A 1 64  ? 1.018   -19.013 3.237   1.00 62.51 ? 58   MET A SD  1 
ATOM   442  C CE  . MET A 1 64  ? -0.352  -18.248 4.234   1.00 50.16 ? 58   MET A CE  1 
ATOM   443  N N   . PHE A 1 65  ? 0.096   -14.637 2.969   1.00 38.59 ? 59   PHE A N   1 
ATOM   444  C CA  . PHE A 1 65  ? -1.175  -14.116 2.507   1.00 37.18 ? 59   PHE A CA  1 
ATOM   445  C C   . PHE A 1 65  ? -0.979  -12.963 1.526   1.00 38.12 ? 59   PHE A C   1 
ATOM   446  O O   . PHE A 1 65  ? -1.592  -13.021 0.491   1.00 37.07 ? 59   PHE A O   1 
ATOM   447  C CB  . PHE A 1 65  ? -1.983  -13.617 3.672   1.00 39.90 ? 59   PHE A CB  1 
ATOM   448  C CG  . PHE A 1 65  ? -2.450  -14.677 4.618   1.00 34.99 ? 59   PHE A CG  1 
ATOM   449  C CD1 . PHE A 1 65  ? -2.375  -14.436 6.032   1.00 34.36 ? 59   PHE A CD1 1 
ATOM   450  C CD2 . PHE A 1 65  ? -2.971  -15.802 4.135   1.00 32.93 ? 59   PHE A CD2 1 
ATOM   451  C CE1 . PHE A 1 65  ? -2.844  -15.380 7.040   1.00 40.18 ? 59   PHE A CE1 1 
ATOM   452  C CE2 . PHE A 1 65  ? -3.515  -16.829 5.085   1.00 44.57 ? 59   PHE A CE2 1 
ATOM   453  C CZ  . PHE A 1 65  ? -3.443  -16.609 6.563   1.00 44.59 ? 59   PHE A CZ  1 
ATOM   454  N N   . GLU A 1 66  ? -0.020  -12.029 1.743   1.00 38.92 ? 60   GLU A N   1 
ATOM   455  C CA  . GLU A 1 66  ? 0.235   -11.006 0.688   1.00 42.08 ? 60   GLU A CA  1 
ATOM   456  C C   . GLU A 1 66  ? 0.712   -11.586 -0.644  1.00 43.51 ? 60   GLU A C   1 
ATOM   457  O O   . GLU A 1 66  ? 0.181   -11.208 -1.699  1.00 44.63 ? 60   GLU A O   1 
ATOM   458  C CB  . GLU A 1 66  ? 1.261   -9.956  1.084   1.00 41.87 ? 60   GLU A CB  1 
ATOM   459  C CG  . GLU A 1 66  ? 0.800   -8.984  2.129   1.00 45.65 ? 60   GLU A CG  1 
ATOM   460  C CD  . GLU A 1 66  ? 1.762   -7.834  2.228   1.00 46.18 ? 60   GLU A CD  1 
ATOM   461  O OE1 . GLU A 1 66  ? 2.994   -8.043  2.263   1.00 43.51 ? 60   GLU A OE1 1 
ATOM   462  O OE2 . GLU A 1 66  ? 1.226   -6.750  2.339   1.00 42.87 ? 60   GLU A OE2 1 
ATOM   463  N N   . LYS A 1 67  ? 1.737   -12.432 -0.622  1.00 45.16 ? 61   LYS A N   1 
ATOM   464  C CA  . LYS A 1 67  ? 2.232   -13.080 -1.907  1.00 47.62 ? 61   LYS A CA  1 
ATOM   465  C C   . LYS A 1 67  ? 1.165   -13.754 -2.726  1.00 46.32 ? 61   LYS A C   1 
ATOM   466  O O   . LYS A 1 67  ? 0.987   -13.546 -3.904  1.00 48.48 ? 61   LYS A O   1 
ATOM   467  C CB  . LYS A 1 67  ? 3.314   -14.128 -1.565  1.00 47.84 ? 61   LYS A CB  1 
ATOM   468  C CG  . LYS A 1 67  ? 3.637   -15.028 -2.728  1.00 56.01 ? 61   LYS A CG  1 
ATOM   469  C CD  . LYS A 1 67  ? 4.881   -15.860 -2.534  1.00 59.65 ? 61   LYS A CD  1 
ATOM   470  C CE  . LYS A 1 67  ? 4.997   -16.806 -3.769  1.00 67.46 ? 61   LYS A CE  1 
ATOM   471  N NZ  . LYS A 1 67  ? 6.324   -17.636 -3.880  1.00 65.17 ? 61   LYS A NZ  1 
ATOM   472  N N   . ASN A 1 68  ? 0.389   -14.575 -2.080  1.00 47.05 ? 62   ASN A N   1 
ATOM   473  C CA  . ASN A 1 68  ? -0.729  -15.227 -2.758  1.00 44.86 ? 62   ASN A CA  1 
ATOM   474  C C   . ASN A 1 68  ? -1.754  -14.266 -3.255  1.00 43.62 ? 62   ASN A C   1 
ATOM   475  O O   . ASN A 1 68  ? -2.212  -14.427 -4.334  1.00 42.68 ? 62   ASN A O   1 
ATOM   476  C CB  . ASN A 1 68  ? -1.352  -16.291 -1.843  1.00 45.31 ? 62   ASN A CB  1 
ATOM   477  C CG  . ASN A 1 68  ? -0.311  -17.417 -1.438  1.00 50.10 ? 62   ASN A CG  1 
ATOM   478  O OD1 . ASN A 1 68  ? 0.703   -17.698 -2.140  1.00 54.24 ? 62   ASN A OD1 1 
ATOM   479  N ND2 . ASN A 1 68  ? -0.524  -17.979 -0.297  1.00 53.78 ? 62   ASN A ND2 1 
ATOM   480  N N   . LEU A 1 69  ? -2.166  -13.279 -2.464  1.00 43.86 ? 63   LEU A N   1 
ATOM   481  C CA  . LEU A 1 69  ? -3.151  -12.348 -2.993  1.00 43.52 ? 63   LEU A CA  1 
ATOM   482  C C   . LEU A 1 69  ? -2.587  -11.616 -4.239  1.00 42.64 ? 63   LEU A C   1 
ATOM   483  O O   . LEU A 1 69  ? -3.309  -11.387 -5.269  1.00 42.89 ? 63   LEU A O   1 
ATOM   484  C CB  . LEU A 1 69  ? -3.562  -11.329 -1.927  1.00 44.16 ? 63   LEU A CB  1 
ATOM   485  C CG  . LEU A 1 69  ? -5.033  -10.853 -1.797  1.00 45.98 ? 63   LEU A CG  1 
ATOM   486  C CD1 . LEU A 1 69  ? -5.027  -9.462  -1.277  1.00 37.69 ? 63   LEU A CD1 1 
ATOM   487  C CD2 . LEU A 1 69  ? -5.858  -11.029 -3.049  1.00 42.69 ? 63   LEU A CD2 1 
ATOM   488  N N   . ILE A 1 70  ? -1.311  -11.242 -4.191  1.00 40.59 ? 64   ILE A N   1 
ATOM   489  C CA  . ILE A 1 70  ? -0.821  -10.605 -5.402  1.00 41.29 ? 64   ILE A CA  1 
ATOM   490  C C   . ILE A 1 70  ? -1.104  -11.491 -6.653  1.00 42.64 ? 64   ILE A C   1 
ATOM   491  O O   . ILE A 1 70  ? -1.579  -11.020 -7.678  1.00 43.13 ? 64   ILE A O   1 
ATOM   492  C CB  . ILE A 1 70  ? 0.651   -10.334 -5.313  1.00 41.20 ? 64   ILE A CB  1 
ATOM   493  C CG1 . ILE A 1 70  ? 0.877   -9.144  -4.391  1.00 36.36 ? 64   ILE A CG1 1 
ATOM   494  C CG2 . ILE A 1 70  ? 1.075   -10.103 -6.721  1.00 39.54 ? 64   ILE A CG2 1 
ATOM   495  C CD1 . ILE A 1 70  ? 2.255   -9.078  -3.850  1.00 34.93 ? 64   ILE A CD1 1 
ATOM   496  N N   . ASP A 1 71  ? -0.908  -12.801 -6.528  1.00 43.32 ? 65   ASP A N   1 
ATOM   497  C CA  . ASP A 1 71  ? -1.033  -13.610 -7.745  1.00 46.40 ? 65   ASP A CA  1 
ATOM   498  C C   . ASP A 1 71  ? -2.415  -13.712 -8.145  1.00 46.71 ? 65   ASP A C   1 
ATOM   499  O O   . ASP A 1 71  ? -2.668  -13.957 -9.280  1.00 50.52 ? 65   ASP A O   1 
ATOM   500  C CB  . ASP A 1 71  ? -0.496  -15.034 -7.550  1.00 46.57 ? 65   ASP A CB  1 
ATOM   501  C CG  . ASP A 1 71  ? 0.966   -15.029 -7.326  1.00 49.89 ? 65   ASP A CG  1 
ATOM   502  O OD1 . ASP A 1 71  ? 1.692   -14.248 -8.041  1.00 56.86 ? 65   ASP A OD1 1 
ATOM   503  O OD2 . ASP A 1 71  ? 1.487   -15.631 -6.370  1.00 53.42 ? 65   ASP A OD2 1 
ATOM   504  N N   . GLU A 1 72  ? -3.312  -13.603 -7.197  1.00 45.82 ? 66   GLU A N   1 
ATOM   505  C CA  . GLU A 1 72  ? -4.671  -13.912 -7.430  1.00 44.93 ? 66   GLU A CA  1 
ATOM   506  C C   . GLU A 1 72  ? -5.131  -12.651 -8.101  1.00 47.88 ? 66   GLU A C   1 
ATOM   507  O O   . GLU A 1 72  ? -5.696  -12.729 -9.158  1.00 50.57 ? 66   GLU A O   1 
ATOM   508  C CB  . GLU A 1 72  ? -5.390  -14.123 -6.132  1.00 42.40 ? 66   GLU A CB  1 
ATOM   509  C CG  . GLU A 1 72  ? -6.881  -13.917 -6.222  1.00 45.30 ? 66   GLU A CG  1 
ATOM   510  C CD  . GLU A 1 72  ? -7.620  -13.955 -4.841  1.00 49.50 ? 66   GLU A CD  1 
ATOM   511  O OE1 . GLU A 1 72  ? -8.813  -13.617 -4.758  1.00 51.59 ? 66   GLU A OE1 1 
ATOM   512  O OE2 . GLU A 1 72  ? -7.043  -14.320 -3.801  1.00 55.79 ? 66   GLU A OE2 1 
ATOM   513  N N   . LEU A 1 73  ? -4.857  -11.468 -7.517  1.00 48.63 ? 67   LEU A N   1 
ATOM   514  C CA  . LEU A 1 73  ? -5.207  -10.208 -8.154  1.00 46.59 ? 67   LEU A CA  1 
ATOM   515  C C   . LEU A 1 73  ? -4.781  -10.106 -9.681  1.00 47.39 ? 67   LEU A C   1 
ATOM   516  O O   . LEU A 1 73  ? -5.462  -9.415  -10.446 1.00 44.46 ? 67   LEU A O   1 
ATOM   517  C CB  . LEU A 1 73  ? -4.575  -9.097  -7.314  1.00 46.30 ? 67   LEU A CB  1 
ATOM   518  C CG  . LEU A 1 73  ? -5.198  -8.880  -5.898  1.00 43.11 ? 67   LEU A CG  1 
ATOM   519  C CD1 . LEU A 1 73  ? -4.686  -7.619  -5.250  1.00 38.13 ? 67   LEU A CD1 1 
ATOM   520  C CD2 . LEU A 1 73  ? -6.636  -8.866  -5.932  1.00 38.50 ? 67   LEU A CD2 1 
ATOM   521  N N   . LYS A 1 74  ? -3.694  -10.819 -10.080 1.00 46.79 ? 68   LYS A N   1 
ATOM   522  C CA  . LYS A 1 74  ? -3.133  -10.771 -11.415 1.00 47.29 ? 68   LYS A CA  1 
ATOM   523  C C   . LYS A 1 74  ? -4.021  -11.449 -12.443 1.00 50.19 ? 68   LYS A C   1 
ATOM   524  O O   . LYS A 1 74  ? -3.815  -11.276 -13.665 1.00 51.27 ? 68   LYS A O   1 
ATOM   525  C CB  . LYS A 1 74  ? -1.765  -11.476 -11.477 1.00 46.14 ? 68   LYS A CB  1 
ATOM   526  C CG  . LYS A 1 74  ? -0.652  -10.670 -10.998 1.00 41.37 ? 68   LYS A CG  1 
ATOM   527  C CD  . LYS A 1 74  ? 0.661   -11.290 -11.347 1.00 44.32 ? 68   LYS A CD  1 
ATOM   528  C CE  . LYS A 1 74  ? 1.684   -10.691 -10.424 1.00 46.80 ? 68   LYS A CE  1 
ATOM   529  N NZ  . LYS A 1 74  ? 3.083   -10.671 -10.922 1.00 53.02 ? 68   LYS A NZ  1 
ATOM   530  N N   . THR A 1 75  ? -4.986  -12.235 -11.952 1.00 52.26 ? 69   THR A N   1 
ATOM   531  C CA  . THR A 1 75  ? -5.881  -13.092 -12.769 1.00 52.43 ? 69   THR A CA  1 
ATOM   532  C C   . THR A 1 75  ? -7.235  -12.422 -13.013 1.00 56.19 ? 69   THR A C   1 
ATOM   533  O O   . THR A 1 75  ? -8.124  -12.980 -13.747 1.00 56.24 ? 69   THR A O   1 
ATOM   534  C CB  . THR A 1 75  ? -6.153  -14.494 -12.043 1.00 52.65 ? 69   THR A CB  1 
ATOM   535  O OG1 . THR A 1 75  ? -6.970  -14.281 -10.853 1.00 47.00 ? 69   THR A OG1 1 
ATOM   536  C CG2 . THR A 1 75  ? -4.826  -15.211 -11.568 1.00 45.02 ? 69   THR A CG2 1 
ATOM   537  N N   . LEU A 1 76  ? -7.462  -11.298 -12.315 1.00 57.97 ? 70   LEU A N   1 
ATOM   538  C CA  . LEU A 1 76  ? -8.681  -10.545 -12.476 1.00 59.44 ? 70   LEU A CA  1 
ATOM   539  C C   . LEU A 1 76  ? -8.572  -9.983  -13.899 1.00 60.57 ? 70   LEU A C   1 
ATOM   540  O O   . LEU A 1 76  ? -7.490  -9.688  -14.356 1.00 61.65 ? 70   LEU A O   1 
ATOM   541  C CB  . LEU A 1 76  ? -8.705  -9.376  -11.521 1.00 58.73 ? 70   LEU A CB  1 
ATOM   542  C CG  . LEU A 1 76  ? -9.099  -9.782  -10.146 1.00 57.97 ? 70   LEU A CG  1 
ATOM   543  C CD1 . LEU A 1 76  ? -8.583  -8.649  -9.349  1.00 57.21 ? 70   LEU A CD1 1 
ATOM   544  C CD2 . LEU A 1 76  ? -10.563 -9.784  -10.118 1.00 58.83 ? 70   LEU A CD2 1 
ATOM   545  N N   . LYS A 1 77  ? -9.702  -9.838  -14.565 1.00 60.57 ? 71   LYS A N   1 
ATOM   546  C CA  . LYS A 1 77  ? -9.824  -9.417  -15.968 1.00 61.06 ? 71   LYS A CA  1 
ATOM   547  C C   . LYS A 1 77  ? -9.913  -7.840  -16.077 1.00 60.26 ? 71   LYS A C   1 
ATOM   548  O O   . LYS A 1 77  ? -9.128  -7.110  -16.759 1.00 59.42 ? 71   LYS A O   1 
ATOM   549  C CB  . LYS A 1 77  ? -11.157 -10.099 -16.445 1.00 61.43 ? 71   LYS A CB  1 
ATOM   550  C CG  . LYS A 1 77  ? -12.203 -10.328 -15.198 1.00 57.27 ? 71   LYS A CG  1 
ATOM   551  C CD  . LYS A 1 77  ? -11.819 -9.510  -13.858 1.00 46.44 ? 71   LYS A CD  1 
ATOM   552  C CE  . LYS A 1 77  ? -12.811 -9.690  -12.866 1.00 28.98 ? 71   LYS A CE  1 
ATOM   553  N NZ  . LYS A 1 77  ? -13.556 -8.872  -13.660 1.00 37.20 ? 71   LYS A NZ  1 
ATOM   554  N N   . THR A 1 78  ? -10.876 -7.302  -15.346 1.00 58.99 ? 72   THR A N   1 
ATOM   555  C CA  . THR A 1 78  ? -11.061 -5.908  -15.433 1.00 56.10 ? 72   THR A CA  1 
ATOM   556  C C   . THR A 1 78  ? -10.004 -5.243  -14.530 1.00 54.20 ? 72   THR A C   1 
ATOM   557  O O   . THR A 1 78  ? -9.696  -5.685  -13.398 1.00 51.99 ? 72   THR A O   1 
ATOM   558  C CB  . THR A 1 78  ? -12.448 -5.631  -15.026 1.00 56.75 ? 72   THR A CB  1 
ATOM   559  O OG1 . THR A 1 78  ? -13.310 -6.615  -15.627 1.00 60.72 ? 72   THR A OG1 1 
ATOM   560  C CG2 . THR A 1 78  ? -12.922 -4.345  -15.681 1.00 62.08 ? 72   THR A CG2 1 
ATOM   561  N N   . PRO A 1 79  ? -9.491  -4.115  -15.035 1.00 53.39 ? 73   PRO A N   1 
ATOM   562  C CA  . PRO A 1 79  ? -8.553  -3.254  -14.266 1.00 50.85 ? 73   PRO A CA  1 
ATOM   563  C C   . PRO A 1 79  ? -9.267  -2.694  -13.005 1.00 49.27 ? 73   PRO A C   1 
ATOM   564  O O   . PRO A 1 79  ? -10.530 -2.484  -13.058 1.00 46.44 ? 73   PRO A O   1 
ATOM   565  C CB  . PRO A 1 79  ? -8.218  -2.121  -15.237 1.00 53.14 ? 73   PRO A CB  1 
ATOM   566  C CG  . PRO A 1 79  ? -8.758  -2.657  -16.686 1.00 54.88 ? 73   PRO A CG  1 
ATOM   567  C CD  . PRO A 1 79  ? -9.890  -3.574  -16.361 1.00 51.29 ? 73   PRO A CD  1 
ATOM   568  N N   . HIS A 1 80  ? -8.495  -2.619  -11.883 1.00 46.30 ? 74   HIS A N   1 
ATOM   569  C CA  . HIS A 1 80  ? -8.985  -2.141  -10.613 1.00 43.52 ? 74   HIS A CA  1 
ATOM   570  C C   . HIS A 1 80  ? -7.965  -1.166  -10.063 1.00 43.19 ? 74   HIS A C   1 
ATOM   571  O O   . HIS A 1 80  ? -6.788  -1.114  -10.474 1.00 41.99 ? 74   HIS A O   1 
ATOM   572  C CB  . HIS A 1 80  ? -9.089  -3.256  -9.584  1.00 43.93 ? 74   HIS A CB  1 
ATOM   573  C CG  . HIS A 1 80  ? -10.128 -4.291  -9.870  1.00 40.92 ? 74   HIS A CG  1 
ATOM   574  N ND1 . HIS A 1 80  ? -11.173 -4.535  -8.982  1.00 37.78 ? 74   HIS A ND1 1 
ATOM   575  C CD2 . HIS A 1 80  ? -10.292 -5.138  -10.938 1.00 31.98 ? 74   HIS A CD2 1 
ATOM   576  C CE1 . HIS A 1 80  ? -11.916 -5.519  -9.483  1.00 43.37 ? 74   HIS A CE1 1 
ATOM   577  N NE2 . HIS A 1 80  ? -11.378 -5.925  -10.643 1.00 38.67 ? 74   HIS A NE2 1 
ATOM   578  N N   . VAL A 1 81  ? -8.479  -0.339  -9.184  1.00 41.38 ? 75   VAL A N   1 
ATOM   579  C CA  . VAL A 1 81  ? -7.646  0.456   -8.351  1.00 41.12 ? 75   VAL A CA  1 
ATOM   580  C C   . VAL A 1 81  ? -7.428  -0.397  -7.094  1.00 41.77 ? 75   VAL A C   1 
ATOM   581  O O   . VAL A 1 81  ? -8.401  -1.026  -6.534  1.00 41.98 ? 75   VAL A O   1 
ATOM   582  C CB  . VAL A 1 81  ? -8.196  1.884   -8.102  1.00 41.43 ? 75   VAL A CB  1 
ATOM   583  C CG1 . VAL A 1 81  ? -7.160  2.662   -7.279  1.00 41.82 ? 75   VAL A CG1 1 
ATOM   584  C CG2 . VAL A 1 81  ? -8.498  2.708   -9.499  1.00 33.83 ? 75   VAL A CG2 1 
ATOM   585  N N   . ILE A 1 82  ? -6.122  -0.562  -6.789  1.00 40.10 ? 76   ILE A N   1 
ATOM   586  C CA  . ILE A 1 82  ? -5.689  -1.397  -5.674  1.00 38.30 ? 76   ILE A CA  1 
ATOM   587  C C   . ILE A 1 82  ? -4.794  -0.616  -4.692  1.00 37.06 ? 76   ILE A C   1 
ATOM   588  O O   . ILE A 1 82  ? -3.700  -0.255  -5.084  1.00 38.65 ? 76   ILE A O   1 
ATOM   589  C CB  . ILE A 1 82  ? -4.880  -2.550  -6.142  1.00 39.09 ? 76   ILE A CB  1 
ATOM   590  C CG1 . ILE A 1 82  ? -5.665  -3.387  -7.176  1.00 38.01 ? 76   ILE A CG1 1 
ATOM   591  C CG2 . ILE A 1 82  ? -4.379  -3.403  -4.868  1.00 31.87 ? 76   ILE A CG2 1 
ATOM   592  C CD1 . ILE A 1 82  ? -4.810  -4.527  -7.809  1.00 33.27 ? 76   ILE A CD1 1 
ATOM   593  N N   . SER A 1 83  ? -5.202  -0.366  -3.447  1.00 33.17 ? 77   SER A N   1 
ATOM   594  C CA  . SER A 1 83  ? -4.172  0.003   -2.521  1.00 33.67 ? 77   SER A CA  1 
ATOM   595  C C   . SER A 1 83  ? -3.666  -1.236  -1.800  1.00 35.49 ? 77   SER A C   1 
ATOM   596  O O   . SER A 1 83  ? -4.305  -2.365  -1.673  1.00 36.78 ? 77   SER A O   1 
ATOM   597  C CB  . SER A 1 83  ? -4.600  1.067   -1.531  1.00 30.70 ? 77   SER A CB  1 
ATOM   598  O OG  . SER A 1 83  ? -5.761  0.516   -1.051  1.00 36.22 ? 77   SER A OG  1 
ATOM   599  N N   . THR A 1 84  ? -2.514  -1.017  -1.206  1.00 37.05 ? 78   THR A N   1 
ATOM   600  C CA  . THR A 1 84  ? -1.604  -2.117  -1.018  1.00 36.11 ? 78   THR A CA  1 
ATOM   601  C C   . THR A 1 84  ? -1.074  -1.828  0.427   1.00 35.61 ? 78   THR A C   1 
ATOM   602  O O   . THR A 1 84  ? -0.964  -0.643  0.793   1.00 35.53 ? 78   THR A O   1 
ATOM   603  C CB  . THR A 1 84  ? -0.752  -1.764  -2.147  1.00 35.57 ? 78   THR A CB  1 
ATOM   604  O OG1 . THR A 1 84  ? -0.411  -2.917  -2.806  1.00 44.97 ? 78   THR A OG1 1 
ATOM   605  C CG2 . THR A 1 84  ? 0.466   -1.191  -1.803  1.00 27.58 ? 78   THR A CG2 1 
ATOM   606  N N   . GLY A 1 85  ? -0.829  -2.837  1.270   1.00 32.45 ? 79   GLY A N   1 
ATOM   607  C CA  . GLY A 1 85  ? -0.028  -2.581  2.437   1.00 29.74 ? 79   GLY A CA  1 
ATOM   608  C C   . GLY A 1 85  ? 1.380   -2.072  2.334   1.00 32.90 ? 79   GLY A C   1 
ATOM   609  O O   . GLY A 1 85  ? 2.173   -2.329  1.327   1.00 35.32 ? 79   GLY A O   1 
ATOM   610  N N   . GLY A 1 86  ? 1.836   -1.461  3.436   1.00 33.90 ? 80   GLY A N   1 
ATOM   611  C CA  . GLY A 1 86  ? 3.206   -0.925  3.478   1.00 35.42 ? 80   GLY A CA  1 
ATOM   612  C C   . GLY A 1 86  ? 4.298   -1.898  2.896   1.00 37.62 ? 80   GLY A C   1 
ATOM   613  O O   . GLY A 1 86  ? 5.243   -1.419  2.275   1.00 36.48 ? 80   GLY A O   1 
ATOM   614  N N   . GLY A 1 87  ? 4.217   -3.223  3.129   1.00 36.69 ? 81   GLY A N   1 
ATOM   615  C CA  . GLY A 1 87  ? 5.339   -4.068  2.811   1.00 38.50 ? 81   GLY A CA  1 
ATOM   616  C C   . GLY A 1 87  ? 5.130   -4.808  1.525   1.00 39.26 ? 81   GLY A C   1 
ATOM   617  O O   . GLY A 1 87  ? 5.777   -5.808  1.312   1.00 42.28 ? 81   GLY A O   1 
ATOM   618  N N   . ILE A 1 88  ? 4.195   -4.390  0.683   1.00 39.24 ? 82   ILE A N   1 
ATOM   619  C CA  . ILE A 1 88  ? 3.841   -5.168  -0.442  1.00 38.60 ? 82   ILE A CA  1 
ATOM   620  C C   . ILE A 1 88  ? 5.086   -5.330  -1.390  1.00 39.74 ? 82   ILE A C   1 
ATOM   621  O O   . ILE A 1 88  ? 5.069   -6.137  -2.278  1.00 41.36 ? 82   ILE A O   1 
ATOM   622  C CB  . ILE A 1 88  ? 2.661   -4.506  -1.191  1.00 38.76 ? 82   ILE A CB  1 
ATOM   623  C CG1 . ILE A 1 88  ? 2.053   -5.469  -2.214  1.00 33.94 ? 82   ILE A CG1 1 
ATOM   624  C CG2 . ILE A 1 88  ? 3.050   -3.180  -1.995  1.00 38.35 ? 82   ILE A CG2 1 
ATOM   625  C CD1 . ILE A 1 88  ? 1.078   -6.432  -1.536  1.00 36.12 ? 82   ILE A CD1 1 
ATOM   626  N N   . VAL A 1 89  ? 6.062   -4.449  -1.238  1.00 41.17 ? 83   VAL A N   1 
ATOM   627  C CA  . VAL A 1 89  ? 7.221   -4.219  -2.119  1.00 42.47 ? 83   VAL A CA  1 
ATOM   628  C C   . VAL A 1 89  ? 8.307   -5.258  -1.781  1.00 45.09 ? 83   VAL A C   1 
ATOM   629  O O   . VAL A 1 89  ? 9.202   -5.460  -2.560  1.00 44.24 ? 83   VAL A O   1 
ATOM   630  C CB  . VAL A 1 89  ? 7.874   -2.782  -1.944  1.00 41.28 ? 83   VAL A CB  1 
ATOM   631  C CG1 . VAL A 1 89  ? 7.059   -1.735  -2.693  1.00 37.08 ? 83   VAL A CG1 1 
ATOM   632  C CG2 . VAL A 1 89  ? 8.112   -2.387  -0.463  1.00 36.04 ? 83   VAL A CG2 1 
ATOM   633  N N   . MET A 1 90  ? 8.149   -5.870  -0.596  1.00 45.11 ? 84   MET A N   1 
ATOM   634  C CA  . MET A 1 90  ? 8.934   -6.993  -0.157  1.00 46.73 ? 84   MET A CA  1 
ATOM   635  C C   . MET A 1 90  ? 8.737   -8.163  -1.066  1.00 48.37 ? 84   MET A C   1 
ATOM   636  O O   . MET A 1 90  ? 9.436   -9.162  -0.875  1.00 50.89 ? 84   MET A O   1 
ATOM   637  C CB  . MET A 1 90  ? 8.553   -7.448  1.253   1.00 43.93 ? 84   MET A CB  1 
ATOM   638  C CG  . MET A 1 90  ? 8.854   -6.409  2.205   1.00 47.69 ? 84   MET A CG  1 
ATOM   639  S SD  . MET A 1 90  ? 8.257   -6.660  3.873   1.00 50.95 ? 84   MET A SD  1 
ATOM   640  C CE  . MET A 1 90  ? 9.200   -7.997  4.618   1.00 49.77 ? 84   MET A CE  1 
ATOM   641  N N   . HIS A 1 91  ? 7.771   -8.090  -1.984  1.00 49.28 ? 85   HIS A N   1 
ATOM   642  C CA  . HIS A 1 91  ? 7.350   -9.249  -2.794  1.00 50.34 ? 85   HIS A CA  1 
ATOM   643  C C   . HIS A 1 91  ? 7.878   -9.166  -4.227  1.00 52.64 ? 85   HIS A C   1 
ATOM   644  O O   . HIS A 1 91  ? 7.695   -8.173  -4.947  1.00 52.66 ? 85   HIS A O   1 
ATOM   645  C CB  . HIS A 1 91  ? 5.804   -9.432  -2.779  1.00 49.20 ? 85   HIS A CB  1 
ATOM   646  C CG  . HIS A 1 91  ? 5.266   -9.681  -1.424  1.00 45.55 ? 85   HIS A CG  1 
ATOM   647  N ND1 . HIS A 1 91  ? 5.494   -10.853 -0.749  1.00 46.52 ? 85   HIS A ND1 1 
ATOM   648  C CD2 . HIS A 1 91  ? 4.643   -8.862  -0.542  1.00 44.84 ? 85   HIS A CD2 1 
ATOM   649  C CE1 . HIS A 1 91  ? 4.981   -10.764 0.472   1.00 44.87 ? 85   HIS A CE1 1 
ATOM   650  N NE2 . HIS A 1 91  ? 4.473   -9.557  0.628   1.00 42.42 ? 85   HIS A NE2 1 
ATOM   651  N N   . GLU A 1 92  ? 8.576   -10.225 -4.631  1.00 57.24 ? 86   GLU A N   1 
ATOM   652  C CA  . GLU A 1 92  ? 9.292   -10.273 -5.910  1.00 58.51 ? 86   GLU A CA  1 
ATOM   653  C C   . GLU A 1 92  ? 8.208   -10.251 -6.974  1.00 57.31 ? 86   GLU A C   1 
ATOM   654  O O   . GLU A 1 92  ? 8.373   -9.687  -8.029  1.00 57.11 ? 86   GLU A O   1 
ATOM   655  C CB  . GLU A 1 92  ? 10.280  -11.470 -5.974  1.00 59.96 ? 86   GLU A CB  1 
ATOM   656  C CG  . GLU A 1 92  ? 10.308  -12.279 -7.297  1.00 70.98 ? 86   GLU A CG  1 
ATOM   657  C CD  . GLU A 1 92  ? 11.338  -13.489 -7.356  1.00 82.24 ? 86   GLU A CD  1 
ATOM   658  O OE1 . GLU A 1 92  ? 11.334  -14.370 -6.420  1.00 84.09 ? 86   GLU A OE1 1 
ATOM   659  O OE2 . GLU A 1 92  ? 12.150  -13.574 -8.350  1.00 83.02 ? 86   GLU A OE2 1 
ATOM   660  N N   . ASN A 1 93  ? 7.029   -10.750 -6.630  1.00 57.58 ? 87   ASN A N   1 
ATOM   661  C CA  . ASN A 1 93  ? 5.939   -10.874 -7.609  1.00 55.44 ? 87   ASN A CA  1 
ATOM   662  C C   . ASN A 1 93  ? 4.960   -9.683  -7.852  1.00 55.45 ? 87   ASN A C   1 
ATOM   663  O O   . ASN A 1 93  ? 4.080   -9.788  -8.711  1.00 53.67 ? 87   ASN A O   1 
ATOM   664  C CB  . ASN A 1 93  ? 5.240   -12.224 -7.362  1.00 56.52 ? 87   ASN A CB  1 
ATOM   665  C CG  . ASN A 1 93  ? 4.443   -12.259 -6.058  1.00 54.93 ? 87   ASN A CG  1 
ATOM   666  O OD1 . ASN A 1 93  ? 3.383   -12.875 -5.995  1.00 52.44 ? 87   ASN A OD1 1 
ATOM   667  N ND2 . ASN A 1 93  ? 4.932   -11.584 -5.043  1.00 57.40 ? 87   ASN A ND2 1 
ATOM   668  N N   . LEU A 1 94  ? 5.108   -8.568  -7.104  1.00 55.95 ? 88   LEU A N   1 
ATOM   669  C CA  . LEU A 1 94  ? 4.449   -7.311  -7.399  1.00 56.07 ? 88   LEU A CA  1 
ATOM   670  C C   . LEU A 1 94  ? 4.675   -6.904  -8.860  1.00 58.70 ? 88   LEU A C   1 
ATOM   671  O O   . LEU A 1 94  ? 3.779   -6.336  -9.493  1.00 58.98 ? 88   LEU A O   1 
ATOM   672  C CB  . LEU A 1 94  ? 5.104   -6.240  -6.612  1.00 53.72 ? 88   LEU A CB  1 
ATOM   673  C CG  . LEU A 1 94  ? 4.344   -5.171  -5.832  1.00 54.16 ? 88   LEU A CG  1 
ATOM   674  C CD1 . LEU A 1 94  ? 5.114   -3.962  -5.783  1.00 52.72 ? 88   LEU A CD1 1 
ATOM   675  C CD2 . LEU A 1 94  ? 2.903   -4.788  -6.219  1.00 54.45 ? 88   LEU A CD2 1 
ATOM   676  N N   . LYS A 1 95  ? 5.882   -7.159  -9.400  1.00 61.35 ? 89   LYS A N   1 
ATOM   677  C CA  . LYS A 1 95  ? 6.306   -6.507  -10.650 1.00 63.47 ? 89   LYS A CA  1 
ATOM   678  C C   . LYS A 1 95  ? 5.450   -7.187  -11.611 1.00 63.46 ? 89   LYS A C   1 
ATOM   679  O O   . LYS A 1 95  ? 5.376   -8.450  -11.598 1.00 65.65 ? 89   LYS A O   1 
ATOM   680  C CB  . LYS A 1 95  ? 7.787   -6.760  -10.944 1.00 66.38 ? 89   LYS A CB  1 
ATOM   681  C CG  . LYS A 1 95  ? 8.200   -7.202  -12.431 1.00 70.18 ? 89   LYS A CG  1 
ATOM   682  C CD  . LYS A 1 95  ? 9.631   -7.899  -12.414 1.00 78.33 ? 89   LYS A CD  1 
ATOM   683  C CE  . LYS A 1 95  ? 10.548  -7.545  -13.670 1.00 80.43 ? 89   LYS A CE  1 
ATOM   684  N NZ  . LYS A 1 95  ? 10.605  -8.613  -14.752 1.00 77.98 ? 89   LYS A NZ  1 
ATOM   685  N N   . GLY A 1 96  ? 4.731   -6.394  -12.388 1.00 62.39 ? 90   GLY A N   1 
ATOM   686  C CA  . GLY A 1 96  ? 3.756   -6.967  -13.310 1.00 61.28 ? 90   GLY A CA  1 
ATOM   687  C C   . GLY A 1 96  ? 2.296   -6.997  -12.814 1.00 60.24 ? 90   GLY A C   1 
ATOM   688  O O   . GLY A 1 96  ? 1.356   -7.288  -13.602 1.00 59.04 ? 90   GLY A O   1 
ATOM   689  N N   . LEU A 1 97  ? 2.063   -6.775  -11.514 1.00 58.75 ? 91   LEU A N   1 
ATOM   690  C CA  . LEU A 1 97  ? 0.655   -6.625  -11.046 1.00 57.31 ? 91   LEU A CA  1 
ATOM   691  C C   . LEU A 1 97  ? -0.143  -5.588  -11.889 1.00 55.97 ? 91   LEU A C   1 
ATOM   692  O O   . LEU A 1 97  ? -1.278  -5.789  -12.210 1.00 57.04 ? 91   LEU A O   1 
ATOM   693  C CB  . LEU A 1 97  ? 0.631   -6.265  -9.549  1.00 55.84 ? 91   LEU A CB  1 
ATOM   694  C CG  . LEU A 1 97  ? -0.482  -6.730  -8.597  1.00 57.67 ? 91   LEU A CG  1 
ATOM   695  C CD1 . LEU A 1 97  ? -0.757  -5.626  -7.654  1.00 48.42 ? 91   LEU A CD1 1 
ATOM   696  C CD2 . LEU A 1 97  ? -1.796  -7.246  -9.241  1.00 53.25 ? 91   LEU A CD2 1 
ATOM   697  N N   . GLY A 1 98  ? 0.494   -4.476  -12.230 1.00 56.22 ? 92   GLY A N   1 
ATOM   698  C CA  . GLY A 1 98  ? -0.157  -3.250  -12.672 1.00 54.60 ? 92   GLY A CA  1 
ATOM   699  C C   . GLY A 1 98  ? 0.824   -2.066  -12.780 1.00 52.72 ? 92   GLY A C   1 
ATOM   700  O O   . GLY A 1 98  ? 2.021   -2.196  -12.576 1.00 53.80 ? 92   GLY A O   1 
ATOM   701  N N   . THR A 1 99  ? 0.334   -0.889  -13.126 1.00 51.36 ? 93   THR A N   1 
ATOM   702  C CA  . THR A 1 99  ? 1.148   0.338   -13.104 1.00 49.63 ? 93   THR A CA  1 
ATOM   703  C C   . THR A 1 99  ? 1.081   0.846   -11.734 1.00 47.76 ? 93   THR A C   1 
ATOM   704  O O   . THR A 1 99  ? -0.016  1.083   -11.234 1.00 48.46 ? 93   THR A O   1 
ATOM   705  C CB  . THR A 1 99  ? 0.448   1.393   -13.947 1.00 50.41 ? 93   THR A CB  1 
ATOM   706  O OG1 . THR A 1 99  ? 0.387   0.903   -15.266 1.00 49.23 ? 93   THR A OG1 1 
ATOM   707  C CG2 . THR A 1 99  ? 1.270   2.589   -14.059 1.00 49.91 ? 93   THR A CG2 1 
ATOM   708  N N   . THR A 1 100 ? 2.238   1.068   -11.150 1.00 45.74 ? 94   THR A N   1 
ATOM   709  C CA  . THR A 1 100 ? 2.315   1.486   -9.779  1.00 45.61 ? 94   THR A CA  1 
ATOM   710  C C   . THR A 1 100 ? 2.723   2.967   -9.599  1.00 45.05 ? 94   THR A C   1 
ATOM   711  O O   . THR A 1 100 ? 3.576   3.538   -10.340 1.00 43.81 ? 94   THR A O   1 
ATOM   712  C CB  . THR A 1 100 ? 3.361   0.591   -8.982  1.00 46.41 ? 94   THR A CB  1 
ATOM   713  O OG1 . THR A 1 100 ? 4.462   0.410   -9.857  1.00 50.85 ? 94   THR A OG1 1 
ATOM   714  C CG2 . THR A 1 100 ? 2.949   -0.851  -8.815  1.00 46.51 ? 94   THR A CG2 1 
ATOM   715  N N   . PHE A 1 101 ? 2.229   3.517   -8.477  1.00 43.13 ? 95   PHE A N   1 
ATOM   716  C CA  . PHE A 1 101 ? 2.397   4.844   -8.210  1.00 41.52 ? 95   PHE A CA  1 
ATOM   717  C C   . PHE A 1 101 ? 2.816   4.908   -6.815  1.00 40.60 ? 95   PHE A C   1 
ATOM   718  O O   . PHE A 1 101 ? 2.020   4.801   -5.927  1.00 41.16 ? 95   PHE A O   1 
ATOM   719  C CB  . PHE A 1 101 ? 1.040   5.575   -8.369  1.00 41.36 ? 95   PHE A CB  1 
ATOM   720  C CG  . PHE A 1 101 ? 0.455   5.483   -9.757  1.00 40.81 ? 95   PHE A CG  1 
ATOM   721  C CD1 . PHE A 1 101 ? -0.460  4.507   -10.064 1.00 36.20 ? 95   PHE A CD1 1 
ATOM   722  C CD2 . PHE A 1 101 ? 0.783   6.434   -10.747 1.00 45.27 ? 95   PHE A CD2 1 
ATOM   723  C CE1 . PHE A 1 101 ? -1.027  4.405   -11.311 1.00 42.07 ? 95   PHE A CE1 1 
ATOM   724  C CE2 . PHE A 1 101 ? 0.233   6.346   -12.035 1.00 46.48 ? 95   PHE A CE2 1 
ATOM   725  C CZ  . PHE A 1 101 ? -0.639  5.322   -12.345 1.00 45.45 ? 95   PHE A CZ  1 
ATOM   726  N N   . TYR A 1 102 ? 4.001   5.388   -6.628  1.00 39.89 ? 96   TYR A N   1 
ATOM   727  C CA  . TYR A 1 102 ? 4.563   5.563   -5.290  1.00 39.53 ? 96   TYR A CA  1 
ATOM   728  C C   . TYR A 1 102 ? 4.175   6.830   -4.567  1.00 40.26 ? 96   TYR A C   1 
ATOM   729  O O   . TYR A 1 102 ? 4.572   7.902   -4.965  1.00 41.35 ? 96   TYR A O   1 
ATOM   730  C CB  . TYR A 1 102 ? 6.106   5.408   -5.420  1.00 38.62 ? 96   TYR A CB  1 
ATOM   731  C CG  . TYR A 1 102 ? 6.907   5.624   -4.216  1.00 37.83 ? 96   TYR A CG  1 
ATOM   732  C CD1 . TYR A 1 102 ? 8.202   6.066   -4.333  1.00 31.76 ? 96   TYR A CD1 1 
ATOM   733  C CD2 . TYR A 1 102 ? 6.314   5.530   -2.880  1.00 42.10 ? 96   TYR A CD2 1 
ATOM   734  C CE1 . TYR A 1 102 ? 8.954   6.366   -3.110  1.00 33.73 ? 96   TYR A CE1 1 
ATOM   735  C CE2 . TYR A 1 102 ? 7.032   5.878   -1.677  1.00 36.59 ? 96   TYR A CE2 1 
ATOM   736  C CZ  . TYR A 1 102 ? 8.356   6.313   -1.814  1.00 35.78 ? 96   TYR A CZ  1 
ATOM   737  O OH  . TYR A 1 102 ? 9.132   6.593   -0.631  1.00 37.41 ? 96   TYR A OH  1 
ATOM   738  N N   . LEU A 1 103 ? 3.486   6.707   -3.445  1.00 41.86 ? 97   LEU A N   1 
ATOM   739  C CA  . LEU A 1 103 ? 3.074   7.869   -2.725  1.00 43.26 ? 97   LEU A CA  1 
ATOM   740  C C   . LEU A 1 103 ? 4.168   8.301   -1.789  1.00 45.82 ? 97   LEU A C   1 
ATOM   741  O O   . LEU A 1 103 ? 4.232   7.828   -0.658  1.00 45.83 ? 97   LEU A O   1 
ATOM   742  C CB  . LEU A 1 103 ? 1.753   7.684   -1.938  1.00 42.08 ? 97   LEU A CB  1 
ATOM   743  C CG  . LEU A 1 103 ? 0.411   8.013   -2.620  1.00 42.50 ? 97   LEU A CG  1 
ATOM   744  C CD1 . LEU A 1 103 ? 0.491   7.902   -4.197  1.00 41.20 ? 97   LEU A CD1 1 
ATOM   745  C CD2 . LEU A 1 103 ? -0.709  7.137   -2.098  1.00 36.20 ? 97   LEU A CD2 1 
ATOM   746  N N   . LYS A 1 104 ? 4.985   9.256   -2.260  1.00 48.96 ? 98   LYS A N   1 
ATOM   747  C CA  . LYS A 1 104 ? 6.224   9.672   -1.610  1.00 50.70 ? 98   LYS A CA  1 
ATOM   748  C C   . LYS A 1 104 ? 6.132   10.838  -0.698  1.00 52.61 ? 98   LYS A C   1 
ATOM   749  O O   . LYS A 1 104 ? 5.683   11.892  -1.025  1.00 54.34 ? 98   LYS A O   1 
ATOM   750  C CB  . LYS A 1 104 ? 7.377   9.739   -2.587  1.00 52.05 ? 98   LYS A CB  1 
ATOM   751  C CG  . LYS A 1 104 ? 8.805   10.007  -1.981  1.00 49.57 ? 98   LYS A CG  1 
ATOM   752  C CD  . LYS A 1 104 ? 9.733   10.367  -3.103  1.00 52.95 ? 98   LYS A CD  1 
ATOM   753  C CE  . LYS A 1 104 ? 11.003  11.067  -2.556  1.00 57.30 ? 98   LYS A CE  1 
ATOM   754  N NZ  . LYS A 1 104 ? 12.043  10.927  -3.718  1.00 61.32 ? 98   LYS A NZ  1 
ATOM   755  N N   . MET A 1 105 ? 6.604   10.576  0.491   1.00 54.79 ? 99   MET A N   1 
ATOM   756  C CA  . MET A 1 105 ? 6.209   11.181  1.686   1.00 57.87 ? 99   MET A CA  1 
ATOM   757  C C   . MET A 1 105 ? 7.570   11.306  2.351   1.00 59.90 ? 99   MET A C   1 
ATOM   758  O O   . MET A 1 105 ? 8.570   10.574  2.054   1.00 58.10 ? 99   MET A O   1 
ATOM   759  C CB  . MET A 1 105 ? 5.382   10.106  2.431   1.00 59.40 ? 99   MET A CB  1 
ATOM   760  C CG  . MET A 1 105 ? 4.411   10.514  3.533   1.00 61.39 ? 99   MET A CG  1 
ATOM   761  S SD  . MET A 1 105 ? 3.159   11.701  2.993   1.00 79.06 ? 99   MET A SD  1 
ATOM   762  C CE  . MET A 1 105 ? 1.872   11.782  4.278   1.00 75.73 ? 99   MET A CE  1 
ATOM   763  N N   . ASP A 1 106 ? 7.645   12.212  3.313   1.00 61.49 ? 100  ASP A N   1 
ATOM   764  C CA  . ASP A 1 106 ? 8.829   12.131  4.132   1.00 62.51 ? 100  ASP A CA  1 
ATOM   765  C C   . ASP A 1 106 ? 8.378   11.617  5.487   1.00 60.98 ? 100  ASP A C   1 
ATOM   766  O O   . ASP A 1 106 ? 7.175   11.752  5.858   1.00 60.13 ? 100  ASP A O   1 
ATOM   767  C CB  . ASP A 1 106 ? 9.696   13.442  4.093   1.00 64.22 ? 100  ASP A CB  1 
ATOM   768  C CG  . ASP A 1 106 ? 8.926   14.711  4.547   1.00 72.10 ? 100  ASP A CG  1 
ATOM   769  O OD1 . ASP A 1 106 ? 9.430   15.825  4.115   1.00 76.58 ? 100  ASP A OD1 1 
ATOM   770  O OD2 . ASP A 1 106 ? 7.859   14.688  5.306   1.00 73.34 ? 100  ASP A OD2 1 
ATOM   771  N N   . PHE A 1 107 ? 9.326   11.034  6.212   1.00 58.80 ? 101  PHE A N   1 
ATOM   772  C CA  . PHE A 1 107 ? 9.015   10.466  7.473   1.00 57.90 ? 101  PHE A CA  1 
ATOM   773  C C   . PHE A 1 107 ? 8.330   11.450  8.406   1.00 58.79 ? 101  PHE A C   1 
ATOM   774  O O   . PHE A 1 107 ? 7.507   11.066  9.200   1.00 59.85 ? 101  PHE A O   1 
ATOM   775  C CB  . PHE A 1 107 ? 10.265  9.865   8.115   1.00 58.30 ? 101  PHE A CB  1 
ATOM   776  C CG  . PHE A 1 107 ? 9.963   9.040   9.291   1.00 55.71 ? 101  PHE A CG  1 
ATOM   777  C CD1 . PHE A 1 107 ? 10.160  9.521   10.533  1.00 49.78 ? 101  PHE A CD1 1 
ATOM   778  C CD2 . PHE A 1 107 ? 9.381   7.775   9.140   1.00 60.37 ? 101  PHE A CD2 1 
ATOM   779  C CE1 . PHE A 1 107 ? 9.842   8.701   11.701  1.00 59.48 ? 101  PHE A CE1 1 
ATOM   780  C CE2 . PHE A 1 107 ? 9.030   6.968   10.286  1.00 60.51 ? 101  PHE A CE2 1 
ATOM   781  C CZ  . PHE A 1 107 ? 9.264   7.422   11.570  1.00 53.02 ? 101  PHE A CZ  1 
ATOM   782  N N   . GLU A 1 108 ? 8.631   12.721  8.303   1.00 60.54 ? 102  GLU A N   1 
ATOM   783  C CA  . GLU A 1 108 ? 8.159   13.678  9.306   1.00 63.99 ? 102  GLU A CA  1 
ATOM   784  C C   . GLU A 1 108 ? 6.581   13.840  9.240   1.00 63.45 ? 102  GLU A C   1 
ATOM   785  O O   . GLU A 1 108 ? 5.852   13.630  10.220  1.00 63.17 ? 102  GLU A O   1 
ATOM   786  C CB  . GLU A 1 108 ? 9.011   15.023  9.183   1.00 63.24 ? 102  GLU A CB  1 
ATOM   787  C CG  . GLU A 1 108 ? 8.308   16.305  9.730   1.00 68.93 ? 102  GLU A CG  1 
ATOM   788  C CD  . GLU A 1 108 ? 8.847   17.686  9.218   1.00 70.29 ? 102  GLU A CD  1 
ATOM   789  O OE1 . GLU A 1 108 ? 8.373   18.739  9.771   1.00 67.22 ? 102  GLU A OE1 1 
ATOM   790  O OE2 . GLU A 1 108 ? 9.715   17.727  8.287   1.00 66.83 ? 102  GLU A OE2 1 
ATOM   791  N N   . THR A 1 109 ? 6.121   14.208  8.052   1.00 65.30 ? 103  THR A N   1 
ATOM   792  C CA  . THR A 1 109 ? 4.709   14.358  7.619   1.00 68.00 ? 103  THR A CA  1 
ATOM   793  C C   . THR A 1 109 ? 3.932   13.060  7.968   1.00 68.77 ? 103  THR A C   1 
ATOM   794  O O   . THR A 1 109 ? 2.872   13.037  8.604   1.00 68.17 ? 103  THR A O   1 
ATOM   795  C CB  . THR A 1 109 ? 4.689   14.654  6.008   1.00 68.92 ? 103  THR A CB  1 
ATOM   796  O OG1 . THR A 1 109 ? 5.815   14.020  5.353   1.00 70.09 ? 103  THR A OG1 1 
ATOM   797  C CG2 . THR A 1 109 ? 4.972   16.192  5.630   1.00 70.29 ? 103  THR A CG2 1 
ATOM   798  N N   . LEU A 1 110 ? 4.552   11.963  7.577   1.00 68.85 ? 104  LEU A N   1 
ATOM   799  C CA  . LEU A 1 110 ? 4.040   10.636  7.812   1.00 69.03 ? 104  LEU A CA  1 
ATOM   800  C C   . LEU A 1 110 ? 3.623   10.261  9.228   1.00 69.31 ? 104  LEU A C   1 
ATOM   801  O O   . LEU A 1 110 ? 2.549   9.694   9.415   1.00 67.70 ? 104  LEU A O   1 
ATOM   802  C CB  . LEU A 1 110 ? 5.058   9.675   7.277   1.00 68.28 ? 104  LEU A CB  1 
ATOM   803  C CG  . LEU A 1 110 ? 4.549   8.362   6.798   1.00 67.21 ? 104  LEU A CG  1 
ATOM   804  C CD1 . LEU A 1 110 ? 5.084   8.043   5.388   1.00 56.78 ? 104  LEU A CD1 1 
ATOM   805  C CD2 . LEU A 1 110 ? 5.228   7.560   7.912   1.00 68.94 ? 104  LEU A CD2 1 
ATOM   806  N N   . ILE A 1 111 ? 4.478   10.547  10.194  1.00 71.58 ? 105  ILE A N   1 
ATOM   807  C CA  . ILE A 1 111 ? 4.264   10.224  11.635  1.00 74.73 ? 105  ILE A CA  1 
ATOM   808  C C   . ILE A 1 111 ? 2.894   10.424  12.274  1.00 75.60 ? 105  ILE A C   1 
ATOM   809  O O   . ILE A 1 111 ? 2.353   9.523   12.938  1.00 74.74 ? 105  ILE A O   1 
ATOM   810  C CB  . ILE A 1 111 ? 5.291   11.033  12.509  1.00 76.08 ? 105  ILE A CB  1 
ATOM   811  C CG1 . ILE A 1 111 ? 6.731   10.718  12.096  1.00 75.72 ? 105  ILE A CG1 1 
ATOM   812  C CG2 . ILE A 1 111 ? 5.180   10.664  14.068  1.00 77.94 ? 105  ILE A CG2 1 
ATOM   813  C CD1 . ILE A 1 111 ? 7.126   9.364   12.574  1.00 70.86 ? 105  ILE A CD1 1 
ATOM   814  N N   . LYS A 1 112 ? 2.383   11.644  12.146  1.00 78.53 ? 106  LYS A N   1 
ATOM   815  C CA  . LYS A 1 112 ? 1.157   12.075  12.848  1.00 81.55 ? 106  LYS A CA  1 
ATOM   816  C C   . LYS A 1 112 ? 0.004   11.141  12.451  1.00 82.03 ? 106  LYS A C   1 
ATOM   817  O O   . LYS A 1 112 ? -0.669  10.506  13.320  1.00 81.95 ? 106  LYS A O   1 
ATOM   818  C CB  . LYS A 1 112 ? 0.900   13.551  12.509  1.00 82.21 ? 106  LYS A CB  1 
ATOM   819  C CG  . LYS A 1 112 ? 2.259   14.390  12.518  1.00 87.95 ? 106  LYS A CG  1 
ATOM   820  C CD  . LYS A 1 112 ? 2.981   14.631  11.097  1.00 93.34 ? 106  LYS A CD  1 
ATOM   821  C CE  . LYS A 1 112 ? 3.700   16.112  11.021  1.00 98.72 ? 106  LYS A CE  1 
ATOM   822  N NZ  . LYS A 1 112 ? 4.171   16.827  9.656   1.00 95.94 ? 106  LYS A NZ  1 
ATOM   823  N N   . ARG A 1 113 ? -0.126  11.014  11.119  1.00 82.74 ? 107  ARG A N   1 
ATOM   824  C CA  . ARG A 1 113 ? -1.083  10.148  10.411  1.00 83.42 ? 107  ARG A CA  1 
ATOM   825  C C   . ARG A 1 113 ? -0.952  8.579   10.703  1.00 83.52 ? 107  ARG A C   1 
ATOM   826  O O   . ARG A 1 113 ? -1.977  7.854   10.837  1.00 82.83 ? 107  ARG A O   1 
ATOM   827  C CB  . ARG A 1 113 ? -1.029  10.474  8.896   1.00 83.37 ? 107  ARG A CB  1 
ATOM   828  C CG  . ARG A 1 113 ? -0.239  11.770  8.549   1.00 85.08 ? 107  ARG A CG  1 
ATOM   829  C CD  . ARG A 1 113 ? -0.465  12.497  7.103   1.00 90.97 ? 107  ARG A CD  1 
ATOM   830  N NE  . ARG A 1 113 ? -0.933  11.683  5.962   1.00 92.86 ? 107  ARG A NE  1 
ATOM   831  C CZ  . ARG A 1 113 ? -2.162  11.081  5.864   1.00 97.47 ? 107  ARG A CZ  1 
ATOM   832  N NH1 . ARG A 1 113 ? -3.079  11.174  6.846   1.00 97.39 ? 107  ARG A NH1 1 
ATOM   833  N NH2 . ARG A 1 113 ? -2.490  10.378  4.773   1.00 95.06 ? 107  ARG A NH2 1 
ATOM   834  N N   . LEU A 1 114 ? 0.275   8.063   10.807  1.00 82.37 ? 108  LEU A N   1 
ATOM   835  C CA  . LEU A 1 114 ? 0.440   6.691   11.193  1.00 82.52 ? 108  LEU A CA  1 
ATOM   836  C C   . LEU A 1 114 ? 0.391   6.588   12.751  1.00 84.31 ? 108  LEU A C   1 
ATOM   837  O O   . LEU A 1 114 ? 1.321   6.108   13.393  1.00 85.82 ? 108  LEU A O   1 
ATOM   838  C CB  . LEU A 1 114 ? 1.693   6.074   10.532  1.00 81.81 ? 108  LEU A CB  1 
ATOM   839  C CG  . LEU A 1 114 ? 2.498   4.918   11.186  1.00 80.38 ? 108  LEU A CG  1 
ATOM   840  C CD1 . LEU A 1 114 ? 2.285   3.579   10.528  1.00 78.20 ? 108  LEU A CD1 1 
ATOM   841  C CD2 . LEU A 1 114 ? 3.997   5.233   11.301  1.00 76.90 ? 108  LEU A CD2 1 
ATOM   842  N N   . ASN A 1 115 ? -0.692  7.082   13.367  1.00 85.12 ? 109  ASN A N   1 
ATOM   843  C CA  . ASN A 1 115 ? -1.237  6.477   14.611  1.00 85.00 ? 109  ASN A CA  1 
ATOM   844  C C   . ASN A 1 115 ? -2.521  5.561   14.368  1.00 84.88 ? 109  ASN A C   1 
ATOM   845  O O   . ASN A 1 115 ? -3.703  6.037   14.267  1.00 83.70 ? 109  ASN A O   1 
ATOM   846  C CB  . ASN A 1 115 ? -1.333  7.501   15.727  1.00 84.67 ? 109  ASN A CB  1 
ATOM   847  C CG  . ASN A 1 115 ? 0.089   7.918   16.261  1.00 87.38 ? 109  ASN A CG  1 
ATOM   848  O OD1 . ASN A 1 115 ? 1.157   7.880   15.551  1.00 83.41 ? 109  ASN A OD1 1 
ATOM   849  N ND2 . ASN A 1 115 ? 0.099   8.320   17.529  1.00 86.38 ? 109  ASN A ND2 1 
ATOM   850  N N   . GLN A 1 116 ? -2.195  4.248   14.275  1.00 83.59 ? 110  GLN A N   1 
ATOM   851  C CA  . GLN A 1 116 ? -3.014  3.202   13.712  1.00 82.87 ? 110  GLN A CA  1 
ATOM   852  C C   . GLN A 1 116 ? -3.592  3.757   12.388  1.00 82.39 ? 110  GLN A C   1 
ATOM   853  O O   . GLN A 1 116 ? -2.891  3.891   11.359  1.00 80.05 ? 110  GLN A O   1 
ATOM   854  C CB  . GLN A 1 116 ? -4.099  2.773   14.716  1.00 83.12 ? 110  GLN A CB  1 
ATOM   855  C CG  . GLN A 1 116 ? -3.778  1.590   15.721  1.00 86.76 ? 110  GLN A CG  1 
ATOM   856  C CD  . GLN A 1 116 ? -3.381  2.014   17.247  1.00 89.62 ? 110  GLN A CD  1 
ATOM   857  O OE1 . GLN A 1 116 ? -2.600  1.274   17.949  1.00 82.39 ? 110  GLN A OE1 1 
ATOM   858  N NE2 . GLN A 1 116 ? -3.911  3.186   17.716  1.00 86.01 ? 110  GLN A NE2 1 
ATOM   859  N N   . ARG A 1 119 ? -4.195  -0.830  14.294  1.00 64.51 ? 113  ARG A N   1 
ATOM   860  C CA  . ARG A 1 119 ? -5.377  -1.632  13.806  1.00 67.38 ? 113  ARG A CA  1 
ATOM   861  C C   . ARG A 1 119 ? -5.104  -2.630  12.576  1.00 66.34 ? 113  ARG A C   1 
ATOM   862  O O   . ARG A 1 119 ? -5.229  -3.830  12.655  1.00 65.11 ? 113  ARG A O   1 
ATOM   863  C CB  . ARG A 1 119 ? -6.531  -0.668  13.456  1.00 68.98 ? 113  ARG A CB  1 
ATOM   864  C CG  . ARG A 1 119 ? -6.427  0.780   14.120  1.00 73.19 ? 113  ARG A CG  1 
ATOM   865  C CD  . ARG A 1 119 ? -6.075  2.011   13.214  1.00 77.30 ? 113  ARG A CD  1 
ATOM   866  N NE  . ARG A 1 119 ? -6.977  2.100   12.105  1.00 71.81 ? 113  ARG A NE  1 
ATOM   867  C CZ  . ARG A 1 119 ? -8.228  1.980   12.296  1.00 72.14 ? 113  ARG A CZ  1 
ATOM   868  N NH1 . ARG A 1 119 ? -8.659  1.821   13.546  1.00 70.18 ? 113  ARG A NH1 1 
ATOM   869  N NH2 . ARG A 1 119 ? -9.041  2.014   11.262  1.00 73.84 ? 113  ARG A NH2 1 
ATOM   870  N N   . GLU A 1 120 ? -4.716  -2.082  11.427  1.00 66.18 ? 114  GLU A N   1 
ATOM   871  C CA  . GLU A 1 120 ? -3.875  -2.761  10.462  1.00 64.58 ? 114  GLU A CA  1 
ATOM   872  C C   . GLU A 1 120 ? -2.400  -2.416  10.675  1.00 63.03 ? 114  GLU A C   1 
ATOM   873  O O   . GLU A 1 120 ? -1.581  -2.614  9.751   1.00 62.16 ? 114  GLU A O   1 
ATOM   874  C CB  . GLU A 1 120 ? -4.227  -2.254  9.109   1.00 65.22 ? 114  GLU A CB  1 
ATOM   875  C CG  . GLU A 1 120 ? -5.496  -2.848  8.688   1.00 70.08 ? 114  GLU A CG  1 
ATOM   876  C CD  . GLU A 1 120 ? -6.560  -1.840  8.734   1.00 79.78 ? 114  GLU A CD  1 
ATOM   877  O OE1 . GLU A 1 120 ? -7.126  -1.552  7.627   1.00 82.22 ? 114  GLU A OE1 1 
ATOM   878  O OE2 . GLU A 1 120 ? -6.805  -1.344  9.877   1.00 83.14 ? 114  GLU A OE2 1 
ATOM   879  N N   . LYS A 1 121 ? -2.072  -1.888  11.866  1.00 62.24 ? 115  LYS A N   1 
ATOM   880  C CA  . LYS A 1 121 ? -0.700  -1.470  12.177  1.00 62.40 ? 115  LYS A CA  1 
ATOM   881  C C   . LYS A 1 121 ? 0.026   -2.532  12.988  1.00 62.96 ? 115  LYS A C   1 
ATOM   882  O O   . LYS A 1 121 ? -0.235  -2.693  14.162  1.00 63.39 ? 115  LYS A O   1 
ATOM   883  C CB  . LYS A 1 121 ? -0.683  -0.104  12.854  1.00 60.97 ? 115  LYS A CB  1 
ATOM   884  C CG  . LYS A 1 121 ? 0.645   0.588   12.803  1.00 60.62 ? 115  LYS A CG  1 
ATOM   885  C CD  . LYS A 1 121 ? 0.826   1.979   13.682  1.00 54.73 ? 115  LYS A CD  1 
ATOM   886  C CE  . LYS A 1 121 ? 0.091   2.135   15.065  1.00 54.13 ? 115  LYS A CE  1 
ATOM   887  N NZ  . LYS A 1 121 ? 0.455   3.524   15.609  1.00 56.45 ? 115  LYS A NZ  1 
ATOM   888  N N   . ARG A 1 122 ? 0.854   -3.311  12.292  1.00 64.05 ? 116  ARG A N   1 
ATOM   889  C CA  . ARG A 1 122 ? 2.094   -3.949  12.761  1.00 63.83 ? 116  ARG A CA  1 
ATOM   890  C C   . ARG A 1 122 ? 2.492   -3.448  14.085  1.00 65.79 ? 116  ARG A C   1 
ATOM   891  O O   . ARG A 1 122 ? 2.523   -2.214  14.310  1.00 65.10 ? 116  ARG A O   1 
ATOM   892  C CB  . ARG A 1 122 ? 3.219   -3.417  11.875  1.00 64.12 ? 116  ARG A CB  1 
ATOM   893  C CG  . ARG A 1 122 ? 3.980   -4.470  11.210  1.00 61.17 ? 116  ARG A CG  1 
ATOM   894  C CD  . ARG A 1 122 ? 5.347   -4.489  11.672  1.00 55.58 ? 116  ARG A CD  1 
ATOM   895  N NE  . ARG A 1 122 ? 6.057   -4.369  10.478  1.00 48.22 ? 116  ARG A NE  1 
ATOM   896  C CZ  . ARG A 1 122 ? 6.859   -5.313  10.071  1.00 52.75 ? 116  ARG A CZ  1 
ATOM   897  N NH1 . ARG A 1 122 ? 7.021   -6.390  10.835  1.00 52.48 ? 116  ARG A NH1 1 
ATOM   898  N NH2 . ARG A 1 122 ? 7.475   -5.191  8.907   1.00 52.67 ? 116  ARG A NH2 1 
ATOM   899  N N   . PRO A 1 123 ? 2.807   -4.357  14.999  1.00 67.59 ? 117  PRO A N   1 
ATOM   900  C CA  . PRO A 1 123 ? 3.455   -3.914  16.267  1.00 67.75 ? 117  PRO A CA  1 
ATOM   901  C C   . PRO A 1 123 ? 4.813   -3.174  16.054  1.00 65.55 ? 117  PRO A C   1 
ATOM   902  O O   . PRO A 1 123 ? 5.036   -2.270  16.829  1.00 64.86 ? 117  PRO A O   1 
ATOM   903  C CB  . PRO A 1 123 ? 3.530   -5.230  17.129  1.00 68.21 ? 117  PRO A CB  1 
ATOM   904  C CG  . PRO A 1 123 ? 3.623   -6.373  16.001  1.00 69.77 ? 117  PRO A CG  1 
ATOM   905  C CD  . PRO A 1 123 ? 2.523   -5.807  15.009  1.00 67.89 ? 117  PRO A CD  1 
ATOM   906  N N   . LEU A 1 124 ? 5.647   -3.479  15.039  1.00 64.18 ? 118  LEU A N   1 
ATOM   907  C CA  . LEU A 1 124 ? 6.910   -2.736  14.952  1.00 62.41 ? 118  LEU A CA  1 
ATOM   908  C C   . LEU A 1 124 ? 6.692   -1.269  14.643  1.00 63.72 ? 118  LEU A C   1 
ATOM   909  O O   . LEU A 1 124 ? 7.565   -0.485  15.095  1.00 63.09 ? 118  LEU A O   1 
ATOM   910  C CB  . LEU A 1 124 ? 8.070   -3.388  14.122  1.00 61.28 ? 118  LEU A CB  1 
ATOM   911  C CG  . LEU A 1 124 ? 8.711   -2.842  12.820  1.00 59.09 ? 118  LEU A CG  1 
ATOM   912  C CD1 . LEU A 1 124 ? 8.813   -1.305  12.562  1.00 45.71 ? 118  LEU A CD1 1 
ATOM   913  C CD2 . LEU A 1 124 ? 10.124  -3.538  12.483  1.00 60.34 ? 118  LEU A CD2 1 
ATOM   914  N N   . LEU A 1 125 ? 5.581   -0.923  13.909  1.00 63.36 ? 119  LEU A N   1 
ATOM   915  C CA  . LEU A 1 125 ? 5.196   0.464   13.540  1.00 61.87 ? 119  LEU A CA  1 
ATOM   916  C C   . LEU A 1 125 ? 4.710   1.306   14.762  1.00 62.75 ? 119  LEU A C   1 
ATOM   917  O O   . LEU A 1 125 ? 4.598   2.543   14.709  1.00 61.54 ? 119  LEU A O   1 
ATOM   918  C CB  . LEU A 1 125 ? 4.225   0.538   12.332  1.00 61.05 ? 119  LEU A CB  1 
ATOM   919  C CG  . LEU A 1 125 ? 4.556   -0.025  10.854  1.00 63.83 ? 119  LEU A CG  1 
ATOM   920  C CD1 . LEU A 1 125 ? 3.603   0.345   9.660   1.00 50.88 ? 119  LEU A CD1 1 
ATOM   921  C CD2 . LEU A 1 125 ? 6.007   0.291   10.351  1.00 64.32 ? 119  LEU A CD2 1 
ATOM   922  N N   . ASN A 1 126 ? 4.489   0.660   15.887  1.00 62.66 ? 120  ASN A N   1 
ATOM   923  C CA  . ASN A 1 126 ? 4.357   1.439   17.127  1.00 64.93 ? 120  ASN A CA  1 
ATOM   924  C C   . ASN A 1 126 ? 5.693   1.650   17.865  1.00 63.96 ? 120  ASN A C   1 
ATOM   925  O O   . ASN A 1 126 ? 5.693   2.194   18.984  1.00 63.89 ? 120  ASN A O   1 
ATOM   926  C CB  . ASN A 1 126 ? 3.268   0.886   18.134  1.00 66.98 ? 120  ASN A CB  1 
ATOM   927  C CG  . ASN A 1 126 ? 2.545   -0.396  17.614  1.00 71.03 ? 120  ASN A CG  1 
ATOM   928  O OD1 . ASN A 1 126 ? 1.799   -0.350  16.599  1.00 79.66 ? 120  ASN A OD1 1 
ATOM   929  N ND2 . ASN A 1 126 ? 2.788   -1.546  18.288  1.00 73.30 ? 120  ASN A ND2 1 
ATOM   930  N N   . ASN A 1 127 ? 6.815   1.178   17.305  1.00 61.27 ? 121  ASN A N   1 
ATOM   931  C CA  . ASN A 1 127 ? 8.082   1.712   17.758  1.00 59.37 ? 121  ASN A CA  1 
ATOM   932  C C   . ASN A 1 127 ? 8.768   2.637   16.746  1.00 58.54 ? 121  ASN A C   1 
ATOM   933  O O   . ASN A 1 127 ? 9.374   2.141   15.712  1.00 59.21 ? 121  ASN A O   1 
ATOM   934  C CB  . ASN A 1 127 ? 9.029   0.634   18.232  1.00 59.00 ? 121  ASN A CB  1 
ATOM   935  C CG  . ASN A 1 127 ? 10.408  1.225   18.643  1.00 62.81 ? 121  ASN A CG  1 
ATOM   936  O OD1 . ASN A 1 127 ? 10.784  1.238   19.857  1.00 69.26 ? 121  ASN A OD1 1 
ATOM   937  N ND2 . ASN A 1 127 ? 11.134  1.772   17.660  1.00 55.17 ? 121  ASN A ND2 1 
ATOM   938  N N   . LEU A 1 128 ? 8.786   3.956   17.068  1.00 56.64 ? 122  LEU A N   1 
ATOM   939  C CA  . LEU A 1 128 ? 9.139   4.977   16.065  1.00 53.74 ? 122  LEU A CA  1 
ATOM   940  C C   . LEU A 1 128 ? 10.504  4.888   15.448  1.00 53.85 ? 122  LEU A C   1 
ATOM   941  O O   . LEU A 1 128 ? 10.683  5.149   14.265  1.00 53.51 ? 122  LEU A O   1 
ATOM   942  C CB  . LEU A 1 128 ? 8.786   6.337   16.521  1.00 53.01 ? 122  LEU A CB  1 
ATOM   943  C CG  . LEU A 1 128 ? 7.325   6.476   17.046  1.00 57.46 ? 122  LEU A CG  1 
ATOM   944  C CD1 . LEU A 1 128 ? 6.857   8.003   17.262  1.00 59.67 ? 122  LEU A CD1 1 
ATOM   945  C CD2 . LEU A 1 128 ? 6.287   5.815   16.165  1.00 55.99 ? 122  LEU A CD2 1 
ATOM   946  N N   . THR A 1 129 ? 11.480  4.417   16.204  1.00 54.96 ? 123  THR A N   1 
ATOM   947  C CA  . THR A 1 129 ? 12.874  4.249   15.689  1.00 54.36 ? 123  THR A CA  1 
ATOM   948  C C   . THR A 1 129 ? 12.958  3.053   14.819  1.00 53.73 ? 123  THR A C   1 
ATOM   949  O O   . THR A 1 129 ? 13.792  2.991   13.900  1.00 54.69 ? 123  THR A O   1 
ATOM   950  C CB  . THR A 1 129 ? 13.846  4.000   16.871  1.00 55.06 ? 123  THR A CB  1 
ATOM   951  O OG1 . THR A 1 129 ? 13.811  5.130   17.761  1.00 54.61 ? 123  THR A OG1 1 
ATOM   952  C CG2 . THR A 1 129 ? 15.384  3.890   16.367  1.00 57.50 ? 123  THR A CG2 1 
ATOM   953  N N   . GLN A 1 130 ? 12.106  2.075   15.097  1.00 53.06 ? 124  GLN A N   1 
ATOM   954  C CA  . GLN A 1 130 ? 12.054  0.912   14.225  1.00 52.84 ? 124  GLN A CA  1 
ATOM   955  C C   . GLN A 1 130 ? 11.294  1.338   13.005  1.00 50.60 ? 124  GLN A C   1 
ATOM   956  O O   . GLN A 1 130 ? 11.720  1.051   11.856  1.00 48.04 ? 124  GLN A O   1 
ATOM   957  C CB  . GLN A 1 130 ? 11.378  -0.215  14.926  1.00 54.10 ? 124  GLN A CB  1 
ATOM   958  C CG  . GLN A 1 130 ? 12.191  -0.734  16.150  1.00 61.13 ? 124  GLN A CG  1 
ATOM   959  C CD  . GLN A 1 130 ? 11.638  -2.104  16.625  1.00 68.30 ? 124  GLN A CD  1 
ATOM   960  O OE1 . GLN A 1 130 ? 10.561  -2.172  17.296  1.00 71.17 ? 124  GLN A OE1 1 
ATOM   961  N NE2 . GLN A 1 130 ? 12.289  -3.189  16.171  1.00 66.47 ? 124  GLN A NE2 1 
ATOM   962  N N   . ALA A 1 131 ? 10.211  2.095   13.256  1.00 48.61 ? 125  ALA A N   1 
ATOM   963  C CA  . ALA A 1 131 ? 9.429   2.691   12.144  1.00 47.80 ? 125  ALA A CA  1 
ATOM   964  C C   . ALA A 1 131 ? 10.327  3.473   11.163  1.00 48.36 ? 125  ALA A C   1 
ATOM   965  O O   . ALA A 1 131 ? 10.345  3.157   9.950   1.00 49.54 ? 125  ALA A O   1 
ATOM   966  C CB  . ALA A 1 131 ? 8.321   3.529   12.671  1.00 48.85 ? 125  ALA A CB  1 
ATOM   967  N N   . LYS A 1 132 ? 11.173  4.363   11.678  1.00 48.00 ? 126  LYS A N   1 
ATOM   968  C CA  . LYS A 1 132 ? 12.110  5.110   10.836  1.00 49.59 ? 126  LYS A CA  1 
ATOM   969  C C   . LYS A 1 132 ? 13.112  4.256   10.067  1.00 49.82 ? 126  LYS A C   1 
ATOM   970  O O   . LYS A 1 132 ? 13.336  4.513   8.891   1.00 48.94 ? 126  LYS A O   1 
ATOM   971  C CB  . LYS A 1 132 ? 12.893  6.152   11.641  1.00 52.18 ? 126  LYS A CB  1 
ATOM   972  C CG  . LYS A 1 132 ? 13.736  7.156   10.834  1.00 52.37 ? 126  LYS A CG  1 
ATOM   973  C CD  . LYS A 1 132 ? 13.412  8.556   11.233  1.00 55.02 ? 126  LYS A CD  1 
ATOM   974  C CE  . LYS A 1 132 ? 14.377  9.530   10.489  1.00 60.73 ? 126  LYS A CE  1 
ATOM   975  N NZ  . LYS A 1 132 ? 13.784  10.994  10.719  1.00 64.18 ? 126  LYS A NZ  1 
ATOM   976  N N   . GLU A 1 133 ? 13.668  3.246   10.724  1.00 49.91 ? 127  GLU A N   1 
ATOM   977  C CA  . GLU A 1 133 ? 14.581  2.291   10.097  1.00 51.26 ? 127  GLU A CA  1 
ATOM   978  C C   . GLU A 1 133 ? 13.921  1.478   8.984   1.00 48.97 ? 127  GLU A C   1 
ATOM   979  O O   . GLU A 1 133 ? 14.444  1.386   7.865   1.00 49.45 ? 127  GLU A O   1 
ATOM   980  C CB  . GLU A 1 133 ? 15.258  1.436   11.171  1.00 52.23 ? 127  GLU A CB  1 
ATOM   981  C CG  . GLU A 1 133 ? 16.210  0.410   10.525  1.00 63.57 ? 127  GLU A CG  1 
ATOM   982  C CD  . GLU A 1 133 ? 17.048  -0.461  11.545  1.00 72.80 ? 127  GLU A CD  1 
ATOM   983  O OE1 . GLU A 1 133 ? 18.221  -0.821  11.152  1.00 74.06 ? 127  GLU A OE1 1 
ATOM   984  O OE2 . GLU A 1 133 ? 16.570  -0.772  12.701  1.00 67.91 ? 127  GLU A OE2 1 
ATOM   985  N N   . LEU A 1 134 ? 12.701  0.986   9.248   1.00 48.65 ? 128  LEU A N   1 
ATOM   986  C CA  . LEU A 1 134 ? 11.839  0.316   8.213   1.00 46.00 ? 128  LEU A CA  1 
ATOM   987  C C   . LEU A 1 134 ? 11.617  1.286   7.064   1.00 46.06 ? 128  LEU A C   1 
ATOM   988  O O   . LEU A 1 134 ? 11.967  0.959   5.840   1.00 46.27 ? 128  LEU A O   1 
ATOM   989  C CB  . LEU A 1 134 ? 10.509  -0.043  8.789   1.00 45.24 ? 128  LEU A CB  1 
ATOM   990  C CG  . LEU A 1 134 ? 9.882   -1.393  8.428   1.00 44.70 ? 128  LEU A CG  1 
ATOM   991  C CD1 . LEU A 1 134 ? 8.370   -1.357  8.290   1.00 34.05 ? 128  LEU A CD1 1 
ATOM   992  C CD2 . LEU A 1 134 ? 10.624  -2.219  7.403   1.00 34.02 ? 128  LEU A CD2 1 
ATOM   993  N N   . PHE A 1 135 ? 11.132  2.502   7.421   1.00 45.68 ? 129  PHE A N   1 
ATOM   994  C CA  . PHE A 1 135 ? 10.908  3.570   6.409   1.00 46.44 ? 129  PHE A CA  1 
ATOM   995  C C   . PHE A 1 135 ? 12.149  3.777   5.518   1.00 47.26 ? 129  PHE A C   1 
ATOM   996  O O   . PHE A 1 135 ? 12.118  3.708   4.288   1.00 48.10 ? 129  PHE A O   1 
ATOM   997  C CB  . PHE A 1 135 ? 10.482  4.809   7.126   1.00 47.15 ? 129  PHE A CB  1 
ATOM   998  C CG  . PHE A 1 135 ? 10.393  6.019   6.249   1.00 50.43 ? 129  PHE A CG  1 
ATOM   999  C CD1 . PHE A 1 135 ? 9.152   6.404   5.690   1.00 49.86 ? 129  PHE A CD1 1 
ATOM   1000 C CD2 . PHE A 1 135 ? 11.560  6.824   5.995   1.00 46.35 ? 129  PHE A CD2 1 
ATOM   1001 C CE1 . PHE A 1 135 ? 9.070   7.532   4.864   1.00 47.42 ? 129  PHE A CE1 1 
ATOM   1002 C CE2 . PHE A 1 135 ? 11.483  7.907   5.176   1.00 47.60 ? 129  PHE A CE2 1 
ATOM   1003 C CZ  . PHE A 1 135 ? 10.240  8.280   4.602   1.00 47.39 ? 129  PHE A CZ  1 
ATOM   1004 N N   . GLU A 1 136 ? 13.300  3.937   6.138   1.00 49.36 ? 130  GLU A N   1 
ATOM   1005 C CA  . GLU A 1 136 ? 14.540  4.099   5.395   1.00 49.75 ? 130  GLU A CA  1 
ATOM   1006 C C   . GLU A 1 136 ? 14.846  2.875   4.506   1.00 50.37 ? 130  GLU A C   1 
ATOM   1007 O O   . GLU A 1 136 ? 15.199  2.996   3.292   1.00 51.07 ? 130  GLU A O   1 
ATOM   1008 C CB  . GLU A 1 136 ? 15.680  4.379   6.366   1.00 48.53 ? 130  GLU A CB  1 
ATOM   1009 C CG  . GLU A 1 136 ? 16.240  5.735   5.989   1.00 59.41 ? 130  GLU A CG  1 
ATOM   1010 C CD  . GLU A 1 136 ? 15.512  6.921   6.662   1.00 71.77 ? 130  GLU A CD  1 
ATOM   1011 O OE1 . GLU A 1 136 ? 15.225  6.830   7.887   1.00 74.73 ? 130  GLU A OE1 1 
ATOM   1012 O OE2 . GLU A 1 136 ? 15.284  7.979   6.001   1.00 71.94 ? 130  GLU A OE2 1 
ATOM   1013 N N   . LYS A 1 137 ? 14.726  1.688   5.088   1.00 50.32 ? 131  LYS A N   1 
ATOM   1014 C CA  . LYS A 1 137 ? 15.045  0.539   4.319   1.00 51.75 ? 131  LYS A CA  1 
ATOM   1015 C C   . LYS A 1 137 ? 13.964  0.426   3.184   1.00 52.25 ? 131  LYS A C   1 
ATOM   1016 O O   . LYS A 1 137 ? 14.241  -0.020  2.027   1.00 51.37 ? 131  LYS A O   1 
ATOM   1017 C CB  . LYS A 1 137 ? 15.068  -0.660  5.236   1.00 53.38 ? 131  LYS A CB  1 
ATOM   1018 C CG  . LYS A 1 137 ? 14.952  -1.941  4.470   1.00 55.57 ? 131  LYS A CG  1 
ATOM   1019 C CD  . LYS A 1 137 ? 14.749  -3.079  5.457   1.00 64.05 ? 131  LYS A CD  1 
ATOM   1020 C CE  . LYS A 1 137 ? 15.377  -4.372  4.932   1.00 66.29 ? 131  LYS A CE  1 
ATOM   1021 N NZ  . LYS A 1 137 ? 15.669  -5.213  6.100   1.00 69.47 ? 131  LYS A NZ  1 
ATOM   1022 N N   . ARG A 1 138 ? 12.737  0.874   3.474   1.00 50.58 ? 132  ARG A N   1 
ATOM   1023 C CA  . ARG A 1 138 ? 11.733  0.721   2.402   1.00 49.78 ? 132  ARG A CA  1 
ATOM   1024 C C   . ARG A 1 138 ? 11.860  1.751   1.209   1.00 50.04 ? 132  ARG A C   1 
ATOM   1025 O O   . ARG A 1 138 ? 11.433  1.437   0.044   1.00 48.54 ? 132  ARG A O   1 
ATOM   1026 C CB  . ARG A 1 138 ? 10.337  0.652   2.982   1.00 48.39 ? 132  ARG A CB  1 
ATOM   1027 C CG  . ARG A 1 138 ? 10.060  -0.645  3.773   1.00 47.03 ? 132  ARG A CG  1 
ATOM   1028 C CD  . ARG A 1 138 ? 9.203   -1.712  3.089   1.00 47.64 ? 132  ARG A CD  1 
ATOM   1029 N NE  . ARG A 1 138 ? 8.902   -2.812  4.016   1.00 47.07 ? 132  ARG A NE  1 
ATOM   1030 C CZ  . ARG A 1 138 ? 7.918   -2.730  4.871   1.00 47.23 ? 132  ARG A CZ  1 
ATOM   1031 N NH1 . ARG A 1 138 ? 7.250   -1.611  4.835   1.00 40.52 ? 132  ARG A NH1 1 
ATOM   1032 N NH2 . ARG A 1 138 ? 7.661   -3.686  5.800   1.00 48.47 ? 132  ARG A NH2 1 
ATOM   1033 N N   . GLN A 1 139 ? 12.427  2.954   1.474   1.00 49.76 ? 133  GLN A N   1 
ATOM   1034 C CA  . GLN A 1 139 ? 12.587  3.956   0.379   1.00 50.13 ? 133  GLN A CA  1 
ATOM   1035 C C   . GLN A 1 139 ? 13.046  3.282   -0.907  1.00 49.42 ? 133  GLN A C   1 
ATOM   1036 O O   . GLN A 1 139 ? 12.364  3.355   -1.981  1.00 49.22 ? 133  GLN A O   1 
ATOM   1037 C CB  . GLN A 1 139 ? 13.567  5.027   0.734   1.00 49.38 ? 133  GLN A CB  1 
ATOM   1038 C CG  . GLN A 1 139 ? 13.118  5.811   1.919   1.00 55.97 ? 133  GLN A CG  1 
ATOM   1039 C CD  . GLN A 1 139 ? 11.695  6.406   1.684   1.00 65.61 ? 133  GLN A CD  1 
ATOM   1040 O OE1 . GLN A 1 139 ? 11.482  7.144   0.663   1.00 68.29 ? 133  GLN A OE1 1 
ATOM   1041 N NE2 . GLN A 1 139 ? 10.713  6.081   2.609   1.00 62.64 ? 133  GLN A NE2 1 
ATOM   1042 N N   . ALA A 1 140 ? 14.155  2.569   -0.824  1.00 48.37 ? 134  ALA A N   1 
ATOM   1043 C CA  . ALA A 1 140 ? 14.716  1.925   -2.106  1.00 47.81 ? 134  ALA A CA  1 
ATOM   1044 C C   . ALA A 1 140 ? 13.812  0.952   -2.787  1.00 45.23 ? 134  ALA A C   1 
ATOM   1045 O O   . ALA A 1 140 ? 13.794  0.859   -3.998  1.00 48.32 ? 134  ALA A O   1 
ATOM   1046 C CB  . ALA A 1 140 ? 16.174  1.241   -1.890  1.00 47.92 ? 134  ALA A CB  1 
ATOM   1047 N N   . LEU A 1 141 ? 13.112  0.160   -2.012  1.00 44.31 ? 135  LEU A N   1 
ATOM   1048 C CA  . LEU A 1 141 ? 12.050  -0.729  -2.508  1.00 43.26 ? 135  LEU A CA  1 
ATOM   1049 C C   . LEU A 1 141 ? 10.820  -0.019  -3.117  1.00 43.14 ? 135  LEU A C   1 
ATOM   1050 O O   . LEU A 1 141 ? 10.257  -0.474  -4.181  1.00 41.64 ? 135  LEU A O   1 
ATOM   1051 C CB  . LEU A 1 141 ? 11.656  -1.636  -1.360  1.00 43.67 ? 135  LEU A CB  1 
ATOM   1052 C CG  . LEU A 1 141 ? 12.671  -2.685  -0.855  1.00 46.84 ? 135  LEU A CG  1 
ATOM   1053 C CD1 . LEU A 1 141 ? 12.123  -3.598  0.369   1.00 46.56 ? 135  LEU A CD1 1 
ATOM   1054 C CD2 . LEU A 1 141 ? 13.009  -3.486  -2.126  1.00 45.46 ? 135  LEU A CD2 1 
ATOM   1055 N N   . TYR A 1 142 ? 10.336  1.083   -2.482  1.00 43.73 ? 136  TYR A N   1 
ATOM   1056 C CA  . TYR A 1 142 ? 9.231   1.775   -3.159  1.00 43.51 ? 136  TYR A CA  1 
ATOM   1057 C C   . TYR A 1 142 ? 9.777   2.187   -4.551  1.00 47.03 ? 136  TYR A C   1 
ATOM   1058 O O   . TYR A 1 142 ? 9.230   1.723   -5.572  1.00 47.66 ? 136  TYR A O   1 
ATOM   1059 C CB  . TYR A 1 142 ? 8.730   2.919   -2.318  1.00 43.41 ? 136  TYR A CB  1 
ATOM   1060 C CG  . TYR A 1 142 ? 8.082   2.471   -1.003  1.00 38.16 ? 136  TYR A CG  1 
ATOM   1061 C CD1 . TYR A 1 142 ? 8.485   2.998   0.213   1.00 44.07 ? 136  TYR A CD1 1 
ATOM   1062 C CD2 . TYR A 1 142 ? 7.112   1.476   -0.979  1.00 34.02 ? 136  TYR A CD2 1 
ATOM   1063 C CE1 . TYR A 1 142 ? 7.888   2.575   1.461   1.00 49.28 ? 136  TYR A CE1 1 
ATOM   1064 C CE2 . TYR A 1 142 ? 6.592   1.011   0.185   1.00 42.81 ? 136  TYR A CE2 1 
ATOM   1065 C CZ  . TYR A 1 142 ? 6.909   1.596   1.407   1.00 46.22 ? 136  TYR A CZ  1 
ATOM   1066 O OH  . TYR A 1 142 ? 6.342   1.096   2.573   1.00 40.38 ? 136  TYR A OH  1 
ATOM   1067 N N   . GLU A 1 143 ? 10.956  2.873   -4.595  1.00 49.67 ? 137  GLU A N   1 
ATOM   1068 C CA  . GLU A 1 143 ? 11.537  3.476   -5.851  1.00 51.71 ? 137  GLU A CA  1 
ATOM   1069 C C   . GLU A 1 143 ? 11.741  2.394   -6.888  1.00 51.40 ? 137  GLU A C   1 
ATOM   1070 O O   . GLU A 1 143 ? 11.338  2.541   -8.044  1.00 51.03 ? 137  GLU A O   1 
ATOM   1071 C CB  . GLU A 1 143 ? 12.742  4.499   -5.733  1.00 51.57 ? 137  GLU A CB  1 
ATOM   1072 C CG  . GLU A 1 143 ? 13.060  5.101   -4.335  1.00 60.51 ? 137  GLU A CG  1 
ATOM   1073 C CD  . GLU A 1 143 ? 12.866  6.640   -4.123  1.00 68.61 ? 137  GLU A CD  1 
ATOM   1074 O OE1 . GLU A 1 143 ? 13.118  7.385   -5.126  1.00 66.28 ? 137  GLU A OE1 1 
ATOM   1075 O OE2 . GLU A 1 143 ? 12.447  7.108   -2.932  1.00 66.90 ? 137  GLU A OE2 1 
ATOM   1076 N N   . LYS A 1 144 ? 12.243  1.250   -6.470  1.00 53.48 ? 138  LYS A N   1 
ATOM   1077 C CA  . LYS A 1 144 ? 12.530  0.175   -7.430  1.00 55.11 ? 138  LYS A CA  1 
ATOM   1078 C C   . LYS A 1 144 ? 11.278  -0.372  -8.036  1.00 54.49 ? 138  LYS A C   1 
ATOM   1079 O O   . LYS A 1 144 ? 11.299  -0.697  -9.202  1.00 57.01 ? 138  LYS A O   1 
ATOM   1080 C CB  . LYS A 1 144 ? 13.328  -0.938  -6.738  1.00 57.26 ? 138  LYS A CB  1 
ATOM   1081 C CG  . LYS A 1 144 ? 13.636  -2.097  -7.634  1.00 62.08 ? 138  LYS A CG  1 
ATOM   1082 C CD  . LYS A 1 144 ? 14.084  -1.517  -9.027  1.00 76.67 ? 138  LYS A CD  1 
ATOM   1083 C CE  . LYS A 1 144 ? 14.297  -2.629  -10.161 1.00 82.12 ? 138  LYS A CE  1 
ATOM   1084 N NZ  . LYS A 1 144 ? 15.776  -2.850  -10.335 1.00 82.56 ? 138  LYS A NZ  1 
ATOM   1085 N N   . ASN A 1 145 ? 10.204  -0.506  -7.243  1.00 53.57 ? 139  ASN A N   1 
ATOM   1086 C CA  . ASN A 1 145 ? 8.872   -0.955  -7.713  1.00 53.52 ? 139  ASN A CA  1 
ATOM   1087 C C   . ASN A 1 145 ? 7.867   0.118   -8.285  1.00 53.04 ? 139  ASN A C   1 
ATOM   1088 O O   . ASN A 1 145 ? 6.821   -0.268  -8.719  1.00 51.34 ? 139  ASN A O   1 
ATOM   1089 C CB  . ASN A 1 145 ? 8.175   -1.870  -6.640  1.00 53.98 ? 139  ASN A CB  1 
ATOM   1090 C CG  . ASN A 1 145 ? 8.892   -3.302  -6.514  1.00 55.40 ? 139  ASN A CG  1 
ATOM   1091 O OD1 . ASN A 1 145 ? 8.648   -4.289  -7.294  1.00 52.42 ? 139  ASN A OD1 1 
ATOM   1092 N ND2 . ASN A 1 145 ? 9.811   -3.373  -5.556  1.00 56.05 ? 139  ASN A ND2 1 
ATOM   1093 N N   . ALA A 1 146 ? 8.214   1.433   -8.277  1.00 52.39 ? 140  ALA A N   1 
ATOM   1094 C CA  . ALA A 1 146 ? 7.446   2.496   -8.883  1.00 52.19 ? 140  ALA A CA  1 
ATOM   1095 C C   . ALA A 1 146 ? 7.480   2.729   -10.430 1.00 53.12 ? 140  ALA A C   1 
ATOM   1096 O O   . ALA A 1 146 ? 8.533   3.133   -11.010 1.00 54.00 ? 140  ALA A O   1 
ATOM   1097 C CB  . ALA A 1 146 ? 7.693   3.776   -8.140  1.00 54.29 ? 140  ALA A CB  1 
ATOM   1098 N N   . SER A 1 147 ? 6.323   2.487   -11.098 1.00 51.90 ? 141  SER A N   1 
ATOM   1099 C CA  . SER A 1 147 ? 6.149   2.989   -12.434 1.00 51.22 ? 141  SER A CA  1 
ATOM   1100 C C   . SER A 1 147 ? 6.262   4.492   -12.441 1.00 51.23 ? 141  SER A C   1 
ATOM   1101 O O   . SER A 1 147 ? 6.724   5.003   -13.445 1.00 53.34 ? 141  SER A O   1 
ATOM   1102 C CB  . SER A 1 147 ? 4.842   2.653   -13.037 1.00 49.26 ? 141  SER A CB  1 
ATOM   1103 O OG  . SER A 1 147 ? 4.735   1.267   -13.075 1.00 53.97 ? 141  SER A OG  1 
ATOM   1104 N N   . PHE A 1 148 ? 5.852   5.186   -11.372 1.00 49.84 ? 142  PHE A N   1 
ATOM   1105 C CA  . PHE A 1 148 ? 5.840   6.621   -11.310 1.00 48.28 ? 142  PHE A CA  1 
ATOM   1106 C C   . PHE A 1 148 ? 5.919   7.040   -9.847  1.00 49.27 ? 142  PHE A C   1 
ATOM   1107 O O   . PHE A 1 148 ? 5.381   6.363   -8.934  1.00 50.63 ? 142  PHE A O   1 
ATOM   1108 C CB  . PHE A 1 148 ? 4.491   7.114   -11.881 1.00 50.54 ? 142  PHE A CB  1 
ATOM   1109 C CG  . PHE A 1 148 ? 4.300   6.829   -13.351 1.00 46.46 ? 142  PHE A CG  1 
ATOM   1110 C CD1 . PHE A 1 148 ? 3.381   5.931   -13.754 1.00 44.68 ? 142  PHE A CD1 1 
ATOM   1111 C CD2 . PHE A 1 148 ? 5.034   7.510   -14.320 1.00 47.86 ? 142  PHE A CD2 1 
ATOM   1112 C CE1 . PHE A 1 148 ? 3.238   5.609   -15.177 1.00 51.78 ? 142  PHE A CE1 1 
ATOM   1113 C CE2 . PHE A 1 148 ? 4.858   7.255   -15.729 1.00 47.83 ? 142  PHE A CE2 1 
ATOM   1114 C CZ  . PHE A 1 148 ? 3.984   6.272   -16.164 1.00 46.39 ? 142  PHE A CZ  1 
ATOM   1115 N N   . ILE A 1 149 ? 6.513   8.183   -9.570  1.00 48.87 ? 143  ILE A N   1 
ATOM   1116 C CA  . ILE A 1 149 ? 6.725   8.522   -8.188  1.00 48.64 ? 143  ILE A CA  1 
ATOM   1117 C C   . ILE A 1 149 ? 5.975   9.734   -7.952  1.00 49.11 ? 143  ILE A C   1 
ATOM   1118 O O   . ILE A 1 149 ? 6.127   10.643  -8.685  1.00 50.88 ? 143  ILE A O   1 
ATOM   1119 C CB  . ILE A 1 149 ? 8.242   8.835   -7.908  1.00 49.34 ? 143  ILE A CB  1 
ATOM   1120 C CG1 . ILE A 1 149 ? 9.067   7.553   -8.013  1.00 49.88 ? 143  ILE A CG1 1 
ATOM   1121 C CG2 . ILE A 1 149 ? 8.413   9.645   -6.555  1.00 45.95 ? 143  ILE A CG2 1 
ATOM   1122 C CD1 . ILE A 1 149 ? 10.458  7.777   -8.336  1.00 55.65 ? 143  ILE A CD1 1 
ATOM   1123 N N   . ILE A 1 150 ? 5.240   9.819   -6.866  1.00 48.73 ? 144  ILE A N   1 
ATOM   1124 C CA  . ILE A 1 150 ? 4.310   10.872  -6.788  1.00 46.54 ? 144  ILE A CA  1 
ATOM   1125 C C   . ILE A 1 150 ? 4.584   11.650  -5.563  1.00 48.27 ? 144  ILE A C   1 
ATOM   1126 O O   . ILE A 1 150 ? 4.627   11.134  -4.525  1.00 50.27 ? 144  ILE A O   1 
ATOM   1127 C CB  . ILE A 1 150 ? 2.834   10.183  -6.855  1.00 45.47 ? 144  ILE A CB  1 
ATOM   1128 C CG1 . ILE A 1 150 ? 2.446   10.031  -8.342  1.00 42.46 ? 144  ILE A CG1 1 
ATOM   1129 C CG2 . ILE A 1 150 ? 1.838   10.983  -6.116  1.00 37.50 ? 144  ILE A CG2 1 
ATOM   1130 C CD1 . ILE A 1 150 ? 1.849   8.936   -8.571  1.00 37.93 ? 144  ILE A CD1 1 
ATOM   1131 N N   . ASP A 1 151 ? 4.709   12.938  -5.646  1.00 50.27 ? 145  ASP A N   1 
ATOM   1132 C CA  . ASP A 1 151 ? 4.948   13.736  -4.450  1.00 49.91 ? 145  ASP A CA  1 
ATOM   1133 C C   . ASP A 1 151 ? 3.666   13.753  -3.663  1.00 50.04 ? 145  ASP A C   1 
ATOM   1134 O O   . ASP A 1 151 ? 2.666   14.427  -4.040  1.00 49.14 ? 145  ASP A O   1 
ATOM   1135 C CB  . ASP A 1 151 ? 5.340   15.152  -4.871  1.00 50.88 ? 145  ASP A CB  1 
ATOM   1136 C CG  . ASP A 1 151 ? 5.714   16.026  -3.730  1.00 51.39 ? 145  ASP A CG  1 
ATOM   1137 O OD1 . ASP A 1 151 ? 6.502   16.965  -3.998  1.00 58.13 ? 145  ASP A OD1 1 
ATOM   1138 O OD2 . ASP A 1 151 ? 5.321   15.885  -2.557  1.00 53.42 ? 145  ASP A OD2 1 
ATOM   1139 N N   . ALA A 1 152 ? 3.672   13.008  -2.550  1.00 50.59 ? 146  ALA A N   1 
ATOM   1140 C CA  . ALA A 1 152 ? 2.474   12.856  -1.782  1.00 51.62 ? 146  ALA A CA  1 
ATOM   1141 C C   . ALA A 1 152 ? 2.418   13.876  -0.679  1.00 53.95 ? 146  ALA A C   1 
ATOM   1142 O O   . ALA A 1 152 ? 1.545   13.827  0.216   1.00 55.20 ? 146  ALA A O   1 
ATOM   1143 C CB  . ALA A 1 152 ? 2.360   11.467  -1.264  1.00 49.63 ? 146  ALA A CB  1 
ATOM   1144 N N   . ARG A 1 153 ? 3.287   14.868  -0.707  1.00 57.27 ? 147  ARG A N   1 
ATOM   1145 C CA  . ARG A 1 153 ? 3.301   15.703  0.524   1.00 61.52 ? 147  ARG A CA  1 
ATOM   1146 C C   . ARG A 1 153 ? 2.170   16.688  0.709   1.00 62.16 ? 147  ARG A C   1 
ATOM   1147 O O   . ARG A 1 153 ? 1.905   17.084  1.857   1.00 62.72 ? 147  ARG A O   1 
ATOM   1148 C CB  . ARG A 1 153 ? 4.621   16.435  0.719   1.00 63.27 ? 147  ARG A CB  1 
ATOM   1149 C CG  . ARG A 1 153 ? 5.577   15.614  1.580   1.00 65.56 ? 147  ARG A CG  1 
ATOM   1150 C CD  . ARG A 1 153 ? 6.965   16.148  1.559   1.00 69.55 ? 147  ARG A CD  1 
ATOM   1151 N NE  . ARG A 1 153 ? 7.705   16.158  0.272   1.00 67.94 ? 147  ARG A NE  1 
ATOM   1152 C CZ  . ARG A 1 153 ? 7.721   17.187  -0.594  1.00 69.12 ? 147  ARG A CZ  1 
ATOM   1153 N NH1 . ARG A 1 153 ? 6.903   18.269  -0.373  1.00 69.38 ? 147  ARG A NH1 1 
ATOM   1154 N NH2 . ARG A 1 153 ? 8.516   17.121  -1.680  1.00 54.32 ? 147  ARG A NH2 1 
ATOM   1155 N N   . GLY A 1 154 ? 1.567   17.093  -0.432  1.00 62.12 ? 148  GLY A N   1 
ATOM   1156 C CA  . GLY A 1 154 ? 0.416   17.967  -0.497  1.00 62.80 ? 148  GLY A CA  1 
ATOM   1157 C C   . GLY A 1 154 ? -0.857  17.212  -0.188  1.00 63.16 ? 148  GLY A C   1 
ATOM   1158 O O   . GLY A 1 154 ? -0.856  16.126  0.474   1.00 63.99 ? 148  GLY A O   1 
ATOM   1159 N N   . GLY A 1 155 ? -1.990  17.739  -0.619  1.00 61.51 ? 149  GLY A N   1 
ATOM   1160 C CA  . GLY A 1 155 ? -3.182  16.991  -0.177  1.00 58.28 ? 149  GLY A CA  1 
ATOM   1161 C C   . GLY A 1 155 ? -3.489  15.744  -0.961  1.00 55.39 ? 149  GLY A C   1 
ATOM   1162 O O   . GLY A 1 155 ? -2.643  15.309  -1.872  1.00 55.74 ? 149  GLY A O   1 
ATOM   1163 N N   . LEU A 1 156 ? -4.659  15.167  -0.656  1.00 52.29 ? 150  LEU A N   1 
ATOM   1164 C CA  . LEU A 1 156 ? -5.242  14.090  -1.527  1.00 51.37 ? 150  LEU A CA  1 
ATOM   1165 C C   . LEU A 1 156 ? -5.427  14.657  -2.953  1.00 50.16 ? 150  LEU A C   1 
ATOM   1166 O O   . LEU A 1 156 ? -5.006  14.095  -3.911  1.00 47.32 ? 150  LEU A O   1 
ATOM   1167 C CB  . LEU A 1 156 ? -6.591  13.581  -0.995  1.00 51.14 ? 150  LEU A CB  1 
ATOM   1168 C CG  . LEU A 1 156 ? -6.891  12.213  -1.649  1.00 52.53 ? 150  LEU A CG  1 
ATOM   1169 C CD1 . LEU A 1 156 ? -7.917  11.546  -0.819  1.00 50.35 ? 150  LEU A CD1 1 
ATOM   1170 C CD2 . LEU A 1 156 ? -7.394  12.321  -3.129  1.00 47.55 ? 150  LEU A CD2 1 
ATOM   1171 N N   . ASN A 1 157 ? -5.959  15.877  -3.057  1.00 49.17 ? 151  ASN A N   1 
ATOM   1172 C CA  . ASN A 1 157 ? -6.066  16.392  -4.396  1.00 48.32 ? 151  ASN A CA  1 
ATOM   1173 C C   . ASN A 1 157 ? -4.796  16.477  -5.204  1.00 45.85 ? 151  ASN A C   1 
ATOM   1174 O O   . ASN A 1 157 ? -4.812  16.199  -6.404  1.00 44.57 ? 151  ASN A O   1 
ATOM   1175 C CB  . ASN A 1 157 ? -6.929  17.641  -4.451  1.00 47.74 ? 151  ASN A CB  1 
ATOM   1176 C CG  . ASN A 1 157 ? -8.377  17.306  -4.148  1.00 51.53 ? 151  ASN A CG  1 
ATOM   1177 O OD1 . ASN A 1 157 ? -8.773  16.136  -4.086  1.00 44.71 ? 151  ASN A OD1 1 
ATOM   1178 N ND2 . ASN A 1 157 ? -9.156  18.320  -3.835  1.00 59.53 ? 151  ASN A ND2 1 
ATOM   1179 N N   . ASN A 1 158 ? -3.717  16.881  -4.546  1.00 44.74 ? 152  ASN A N   1 
ATOM   1180 C CA  . ASN A 1 158 ? -2.474  17.173  -5.206  1.00 44.19 ? 152  ASN A CA  1 
ATOM   1181 C C   . ASN A 1 158 ? -1.811  15.857  -5.635  1.00 41.68 ? 152  ASN A C   1 
ATOM   1182 O O   . ASN A 1 158 ? -1.219  15.745  -6.714  1.00 44.74 ? 152  ASN A O   1 
ATOM   1183 C CB  . ASN A 1 158 ? -1.593  18.079  -4.302  1.00 45.78 ? 152  ASN A CB  1 
ATOM   1184 C CG  . ASN A 1 158 ? -0.163  18.122  -4.784  1.00 51.14 ? 152  ASN A CG  1 
ATOM   1185 O OD1 . ASN A 1 158 ? 0.124   18.681  -5.853  1.00 54.60 ? 152  ASN A OD1 1 
ATOM   1186 N ND2 . ASN A 1 158 ? 0.730   17.406  -4.074  1.00 58.41 ? 152  ASN A ND2 1 
ATOM   1187 N N   . SER A 1 159 ? -2.038  14.813  -4.857  1.00 40.29 ? 153  SER A N   1 
ATOM   1188 C CA  . SER A 1 159 ? -1.702  13.473  -5.271  1.00 39.37 ? 153  SER A CA  1 
ATOM   1189 C C   . SER A 1 159 ? -2.592  13.028  -6.386  1.00 39.59 ? 153  SER A C   1 
ATOM   1190 O O   . SER A 1 159 ? -2.091  12.393  -7.377  1.00 35.02 ? 153  SER A O   1 
ATOM   1191 C CB  . SER A 1 159 ? -1.888  12.566  -4.065  1.00 40.82 ? 153  SER A CB  1 
ATOM   1192 O OG  . SER A 1 159 ? -0.828  12.771  -3.067  1.00 38.77 ? 153  SER A OG  1 
ATOM   1193 N N   . LEU A 1 160 ? -3.935  13.329  -6.261  1.00 37.29 ? 154  LEU A N   1 
ATOM   1194 C CA  . LEU A 1 160 ? -4.803  12.933  -7.350  1.00 38.78 ? 154  LEU A CA  1 
ATOM   1195 C C   . LEU A 1 160 ? -4.357  13.575  -8.701  1.00 40.21 ? 154  LEU A C   1 
ATOM   1196 O O   . LEU A 1 160 ? -4.097  12.829  -9.751  1.00 38.78 ? 154  LEU A O   1 
ATOM   1197 C CB  . LEU A 1 160 ? -6.242  13.140  -7.068  1.00 38.47 ? 154  LEU A CB  1 
ATOM   1198 C CG  . LEU A 1 160 ? -7.358  12.192  -7.556  1.00 42.74 ? 154  LEU A CG  1 
ATOM   1199 C CD1 . LEU A 1 160 ? -8.393  12.945  -8.089  1.00 37.44 ? 154  LEU A CD1 1 
ATOM   1200 C CD2 . LEU A 1 160 ? -7.051  10.872  -8.433  1.00 37.73 ? 154  LEU A CD2 1 
ATOM   1201 N N   . LYS A 1 161 ? -4.113  14.900  -8.639  1.00 37.51 ? 155  LYS A N   1 
ATOM   1202 C CA  . LYS A 1 161 ? -3.584  15.598  -9.839  1.00 38.25 ? 155  LYS A CA  1 
ATOM   1203 C C   . LYS A 1 161 ? -2.496  14.802  -10.598 1.00 38.58 ? 155  LYS A C   1 
ATOM   1204 O O   . LYS A 1 161 ? -2.623  14.515  -11.797 1.00 42.27 ? 155  LYS A O   1 
ATOM   1205 C CB  . LYS A 1 161 ? -3.087  16.968  -9.473  1.00 37.00 ? 155  LYS A CB  1 
ATOM   1206 C CG  . LYS A 1 161 ? -2.766  17.890  -10.689 1.00 41.34 ? 155  LYS A CG  1 
ATOM   1207 C CD  . LYS A 1 161 ? -2.166  19.164  -10.256 1.00 44.30 ? 155  LYS A CD  1 
ATOM   1208 C CE  . LYS A 1 161 ? -2.084  20.186  -11.394 1.00 56.78 ? 155  LYS A CE  1 
ATOM   1209 N NZ  . LYS A 1 161 ? -3.140  21.386  -11.214 1.00 65.91 ? 155  LYS A NZ  1 
ATOM   1210 N N   . GLN A 1 162 ? -1.463  14.369  -9.873  1.00 38.82 ? 156  GLN A N   1 
ATOM   1211 C CA  . GLN A 1 162 ? -0.266  13.725  -10.426 1.00 37.02 ? 156  GLN A CA  1 
ATOM   1212 C C   . GLN A 1 162 ? -0.575  12.331  -10.847 1.00 37.38 ? 156  GLN A C   1 
ATOM   1213 O O   . GLN A 1 162 ? -0.214  11.917  -11.940 1.00 37.95 ? 156  GLN A O   1 
ATOM   1214 C CB  . GLN A 1 162 ? 0.758   13.660  -9.358  1.00 40.42 ? 156  GLN A CB  1 
ATOM   1215 C CG  . GLN A 1 162 ? 1.365   15.022  -9.028  1.00 38.23 ? 156  GLN A CG  1 
ATOM   1216 C CD  . GLN A 1 162 ? 2.210   14.885  -7.729  1.00 44.50 ? 156  GLN A CD  1 
ATOM   1217 O OE1 . GLN A 1 162 ? 3.437   14.579  -7.792  1.00 37.26 ? 156  GLN A OE1 1 
ATOM   1218 N NE2 . GLN A 1 162 ? 1.553   15.117  -6.542  1.00 38.93 ? 156  GLN A NE2 1 
ATOM   1219 N N   . VAL A 1 163 ? -1.332  11.587  -10.031 1.00 36.18 ? 157  VAL A N   1 
ATOM   1220 C CA  . VAL A 1 163 ? -1.782  10.348  -10.600 1.00 33.24 ? 157  VAL A CA  1 
ATOM   1221 C C   . VAL A 1 163 ? -2.373  10.401  -11.954 1.00 35.43 ? 157  VAL A C   1 
ATOM   1222 O O   . VAL A 1 163 ? -2.022  9.552   -12.890 1.00 34.95 ? 157  VAL A O   1 
ATOM   1223 C CB  . VAL A 1 163 ? -2.580  9.423   -9.582  1.00 32.00 ? 157  VAL A CB  1 
ATOM   1224 C CG1 . VAL A 1 163 ? -2.916  7.942   -10.269 1.00 34.98 ? 157  VAL A CG1 1 
ATOM   1225 C CG2 . VAL A 1 163 ? -1.669  9.265   -8.293  1.00 27.49 ? 157  VAL A CG2 1 
ATOM   1226 N N   . LEU A 1 164 ? -3.406  11.230  -12.054 1.00 37.80 ? 158  LEU A N   1 
ATOM   1227 C CA  . LEU A 1 164 ? -4.221  11.211  -13.303 1.00 39.70 ? 158  LEU A CA  1 
ATOM   1228 C C   . LEU A 1 164 ? -3.414  11.515  -14.545 1.00 41.29 ? 158  LEU A C   1 
ATOM   1229 O O   . LEU A 1 164 ? -3.677  10.903  -15.576 1.00 42.47 ? 158  LEU A O   1 
ATOM   1230 C CB  . LEU A 1 164 ? -5.357  12.223  -13.254 1.00 37.77 ? 158  LEU A CB  1 
ATOM   1231 C CG  . LEU A 1 164 ? -6.281  11.765  -12.106 1.00 38.82 ? 158  LEU A CG  1 
ATOM   1232 C CD1 . LEU A 1 164 ? -7.203  12.949  -11.700 1.00 28.61 ? 158  LEU A CD1 1 
ATOM   1233 C CD2 . LEU A 1 164 ? -7.169  10.490  -12.445 1.00 33.47 ? 158  LEU A CD2 1 
ATOM   1234 N N   . GLN A 1 165 ? -2.449  12.453  -14.478 1.00 43.97 ? 159  GLN A N   1 
ATOM   1235 C CA  . GLN A 1 165 ? -1.533  12.756  -15.629 1.00 45.02 ? 159  GLN A CA  1 
ATOM   1236 C C   . GLN A 1 165 ? -0.745  11.621  -16.064 1.00 45.76 ? 159  GLN A C   1 
ATOM   1237 O O   . GLN A 1 165 ? -0.464  11.564  -17.273 1.00 45.17 ? 159  GLN A O   1 
ATOM   1238 C CB  . GLN A 1 165 ? -0.578  13.827  -15.295 1.00 46.92 ? 159  GLN A CB  1 
ATOM   1239 C CG  . GLN A 1 165 ? -1.426  14.890  -14.594 1.00 54.92 ? 159  GLN A CG  1 
ATOM   1240 C CD  . GLN A 1 165 ? -0.666  16.183  -14.345 1.00 63.15 ? 159  GLN A CD  1 
ATOM   1241 O OE1 . GLN A 1 165 ? 0.461   16.139  -13.755 1.00 63.13 ? 159  GLN A OE1 1 
ATOM   1242 N NE2 . GLN A 1 165 ? -1.310  17.367  -14.709 1.00 59.89 ? 159  GLN A NE2 1 
ATOM   1243 N N   . PHE A 1 166 ? -0.458  10.640  -15.196 1.00 46.18 ? 160  PHE A N   1 
ATOM   1244 C CA  . PHE A 1 166 ? -0.064  9.351   -15.812 1.00 50.23 ? 160  PHE A CA  1 
ATOM   1245 C C   . PHE A 1 166 ? -1.184  8.525   -16.383 1.00 51.75 ? 160  PHE A C   1 
ATOM   1246 O O   . PHE A 1 166 ? -0.957  7.411   -16.765 1.00 52.39 ? 160  PHE A O   1 
ATOM   1247 C CB  . PHE A 1 166 ? 0.872   8.604   -14.963 1.00 51.08 ? 160  PHE A CB  1 
ATOM   1248 C CG  . PHE A 1 166 ? 1.929   9.496   -14.380 1.00 54.53 ? 160  PHE A CG  1 
ATOM   1249 C CD1 . PHE A 1 166 ? 1.877   9.891   -13.043 1.00 57.35 ? 160  PHE A CD1 1 
ATOM   1250 C CD2 . PHE A 1 166 ? 2.929   10.038  -15.206 1.00 58.12 ? 160  PHE A CD2 1 
ATOM   1251 C CE1 . PHE A 1 166 ? 2.856   10.741  -12.465 1.00 60.87 ? 160  PHE A CE1 1 
ATOM   1252 C CE2 . PHE A 1 166 ? 3.907   10.929  -14.659 1.00 59.36 ? 160  PHE A CE2 1 
ATOM   1253 C CZ  . PHE A 1 166 ? 3.888   11.244  -13.256 1.00 62.17 ? 160  PHE A CZ  1 
ATOM   1254 N N   . ILE A 1 167 ? -2.386  9.110   -16.451 1.00 53.51 ? 161  ILE A N   1 
ATOM   1255 C CA  . ILE A 1 167 ? -3.593  8.499   -16.957 1.00 56.48 ? 161  ILE A CA  1 
ATOM   1256 C C   . ILE A 1 167 ? -3.851  7.249   -16.094 1.00 58.18 ? 161  ILE A C   1 
ATOM   1257 O O   . ILE A 1 167 ? -4.378  7.308   -14.981 1.00 60.19 ? 161  ILE A O   1 
ATOM   1258 C CB  . ILE A 1 167 ? -3.374  8.224   -18.533 1.00 55.51 ? 161  ILE A CB  1 
ATOM   1259 C CG1 . ILE A 1 167 ? -3.529  9.522   -19.371 1.00 56.56 ? 161  ILE A CG1 1 
ATOM   1260 C CG2 . ILE A 1 167 ? -3.994  6.899   -19.131 1.00 56.24 ? 161  ILE A CG2 1 
ATOM   1261 C CD1 . ILE A 1 167 ? -2.885  9.411   -20.998 1.00 47.93 ? 161  ILE A CD1 1 
HETATM 1262 P P   . PO4 B 2 .   ? -2.681  4.816   4.115   1.00 44.95 ? 1001 PO4 A P   1 
HETATM 1263 O O1  . PO4 B 2 .   ? -2.365  4.138   5.415   1.00 46.47 ? 1001 PO4 A O1  1 
HETATM 1264 O O2  . PO4 B 2 .   ? -4.005  4.509   3.481   1.00 50.13 ? 1001 PO4 A O2  1 
HETATM 1265 O O3  . PO4 B 2 .   ? -1.565  4.559   3.129   1.00 42.46 ? 1001 PO4 A O3  1 
HETATM 1266 O O4  . PO4 B 2 .   ? -2.827  6.227   4.541   1.00 51.83 ? 1001 PO4 A O4  1 
HETATM 1267 O O12 . SKM C 3 .   ? 0.427   -4.172  5.941   1.00 40.04 ? 2001 SKM A O12 1 
HETATM 1268 C C8  . SKM C 3 .   ? 0.065   -3.400  7.197   1.00 40.05 ? 2001 SKM A C8  1 
HETATM 1269 C C6  . SKM C 3 .   ? 0.947   -4.321  7.999   1.00 42.15 ? 2001 SKM A C6  1 
HETATM 1270 O O7  . SKM C 3 .   ? 0.922   -3.587  9.255   1.00 40.11 ? 2001 SKM A O7  1 
HETATM 1271 C C5  . SKM C 3 .   ? 2.411   -4.307  7.886   1.00 37.51 ? 2001 SKM A C5  1 
HETATM 1272 C C4  . SKM C 3 .   ? 2.965   -2.985  7.331   1.00 41.64 ? 2001 SKM A C4  1 
HETATM 1273 C C1  . SKM C 3 .   ? 4.405   -2.981  6.744   1.00 47.00 ? 2001 SKM A C1  1 
HETATM 1274 O O2  . SKM C 3 .   ? 5.163   -4.077  6.756   1.00 37.71 ? 2001 SKM A O2  1 
HETATM 1275 O O3  . SKM C 3 .   ? 4.768   -1.775  6.413   1.00 48.65 ? 2001 SKM A O3  1 
HETATM 1276 C C10 . SKM C 3 .   ? 2.051   -1.892  6.694   1.00 39.10 ? 2001 SKM A C10 1 
HETATM 1277 C C9  . SKM C 3 .   ? 0.543   -1.967  6.797   1.00 39.60 ? 2001 SKM A C9  1 
HETATM 1278 O O11 . SKM C 3 .   ? -0.072  -1.397  5.592   1.00 36.94 ? 2001 SKM A O11 1 
HETATM 1279 O O   . HOH D 4 .   ? 6.055   -7.230  14.317  1.00 34.63 ? 2002 HOH A O   1 
HETATM 1280 O O   . HOH D 4 .   ? 2.382   -4.844  3.757   1.00 37.11 ? 2003 HOH A O   1 
HETATM 1281 O O   . HOH D 4 .   ? 4.779   0.768   6.023   1.00 44.48 ? 2004 HOH A O   1 
HETATM 1282 O O   . HOH D 4 .   ? -6.627  18.222  -0.737  1.00 47.90 ? 2005 HOH A O   1 
HETATM 1283 O O   . HOH D 4 .   ? -3.864  -2.303  1.990   1.00 47.65 ? 2006 HOH A O   1 
HETATM 1284 O O   . HOH D 4 .   ? -11.674 14.386  -3.822  1.00 39.58 ? 2007 HOH A O   1 
HETATM 1285 O O   . HOH D 4 .   ? 11.342  -4.198  3.922   1.00 38.55 ? 2008 HOH A O   1 
HETATM 1286 O O   . HOH D 4 .   ? -13.042 -2.052  -11.886 1.00 37.33 ? 2009 HOH A O   1 
HETATM 1287 O O   . HOH D 4 .   ? 2.960   -0.499  -0.702  1.00 40.27 ? 2010 HOH A O   1 
HETATM 1288 O O   . HOH D 4 .   ? -11.010 -4.253  -0.469  1.00 33.61 ? 2011 HOH A O   1 
HETATM 1289 O O   . HOH D 4 .   ? -0.392  1.329   4.585   1.00 52.30 ? 2012 HOH A O   1 
HETATM 1290 O O   . HOH D 4 .   ? -1.287  -5.734  2.445   1.00 35.41 ? 2013 HOH A O   1 
HETATM 1291 O O   . HOH D 4 .   ? -5.463  6.948   3.355   1.00 48.99 ? 2014 HOH A O   1 
HETATM 1292 O O   . HOH D 4 .   ? 7.458   -14.520 11.260  1.00 43.33 ? 2015 HOH A O   1 
HETATM 1293 O O   . HOH D 4 .   ? -3.648  -0.430  5.399   1.00 42.12 ? 2016 HOH A O   1 
HETATM 1294 O O   . HOH D 4 .   ? -14.266 -5.055  -6.957  1.00 45.14 ? 2017 HOH A O   1 
HETATM 1295 O O   . HOH D 4 .   ? 11.996  11.887  6.419   1.00 49.65 ? 2018 HOH A O   1 
HETATM 1296 O O   . HOH D 4 .   ? 5.255   6.463   1.175   1.00 38.74 ? 2019 HOH A O   1 
HETATM 1297 O O   . HOH D 4 .   ? 11.633  13.815  7.904   1.00 51.63 ? 2020 HOH A O   1 
HETATM 1298 O O   . HOH D 4 .   ? -0.829  -18.085 18.514  1.00 45.23 ? 2021 HOH A O   1 
HETATM 1299 O O   . HOH D 4 .   ? -4.348  18.524  -2.352  1.00 60.79 ? 2022 HOH A O   1 
HETATM 1300 O O   . HOH D 4 .   ? -5.114  0.588   10.747  1.00 49.68 ? 2023 HOH A O   1 
HETATM 1301 O O   . HOH D 4 .   ? 7.034   -13.318 13.637  1.00 44.60 ? 2024 HOH A O   1 
HETATM 1302 O O   . HOH D 4 .   ? -3.751  -14.691 0.148   1.00 52.43 ? 2025 HOH A O   1 
HETATM 1303 O O   . HOH D 4 .   ? 7.637   -13.085 -2.435  1.00 51.38 ? 2026 HOH A O   1 
HETATM 1304 O O   . HOH D 4 .   ? 8.286   9.167   -12.062 1.00 47.30 ? 2027 HOH A O   1 
HETATM 1305 O O   . HOH D 4 .   ? -17.677 6.366   -10.243 1.00 53.54 ? 2028 HOH A O   1 
HETATM 1306 O O   . HOH D 4 .   ? 11.930  4.898   19.575  1.00 59.28 ? 2029 HOH A O   1 
HETATM 1307 O O   . HOH D 4 .   ? 7.671   -13.366 -0.171  1.00 47.96 ? 2030 HOH A O   1 
HETATM 1308 O O   . HOH D 4 .   ? 7.958   7.582   1.245   1.00 38.81 ? 2031 HOH A O   1 
HETATM 1309 O O   . HOH D 4 .   ? 9.012   -6.247  7.394   1.00 41.10 ? 2032 HOH A O   1 
HETATM 1310 O O   . HOH D 4 .   ? -3.696  8.574   13.993  1.00 65.06 ? 2033 HOH A O   1 
HETATM 1311 O O   . HOH D 4 .   ? 12.670  -1.560  11.967  1.00 50.96 ? 2034 HOH A O   1 
HETATM 1312 O O   . HOH D 4 .   ? -4.128  10.547  -0.100  1.00 39.19 ? 2035 HOH A O   1 
HETATM 1313 O O   . HOH D 4 .   ? -19.886 5.416   -12.313 1.00 52.57 ? 2036 HOH A O   1 
HETATM 1314 O O   . HOH D 4 .   ? -6.442  -5.742  -15.828 1.00 55.24 ? 2037 HOH A O   1 
HETATM 1315 O O   . HOH D 4 .   ? -12.026 -9.570  1.608   1.00 53.72 ? 2038 HOH A O   1 
HETATM 1316 O O   . HOH D 4 .   ? -6.754  -4.439  9.899   1.00 46.69 ? 2039 HOH A O   1 
HETATM 1317 O O   . HOH D 4 .   ? -5.710  17.717  0.992   1.00 63.35 ? 2040 HOH A O   1 
HETATM 1318 O O   . HOH D 4 .   ? 4.214   -16.373 10.863  1.00 53.57 ? 2041 HOH A O   1 
HETATM 1319 O O   . HOH D 4 .   ? 13.656  10.036  7.585   1.00 71.74 ? 2042 HOH A O   1 
HETATM 1320 O O   . HOH D 4 .   ? -5.834  9.316   4.274   1.00 54.82 ? 2043 HOH A O   1 
HETATM 1321 O O   . HOH D 4 .   ? 17.962  -3.819  7.480   1.00 54.84 ? 2044 HOH A O   1 
HETATM 1322 O O   . HOH D 4 .   ? 12.406  11.229  4.042   1.00 59.69 ? 2045 HOH A O   1 
HETATM 1323 O O   . HOH D 4 .   ? 6.619   3.657   -16.337 1.00 49.13 ? 2046 HOH A O   1 
HETATM 1324 O O   . HOH D 4 .   ? -10.794 4.801   1.875   1.00 48.96 ? 2047 HOH A O   1 
HETATM 1325 O O   . HOH D 4 .   ? -1.729  -0.783  16.654  1.00 58.13 ? 2048 HOH A O   1 
HETATM 1326 O O   . HOH D 4 .   ? 11.137  16.106  6.579   1.00 60.00 ? 2049 HOH A O   1 
HETATM 1327 O O   . HOH D 4 .   ? 15.816  1.284   -6.244  1.00 58.45 ? 2050 HOH A O   1 
HETATM 1328 O O   . HOH D 4 .   ? -2.529  -16.966 -5.373  1.00 50.54 ? 2051 HOH A O   1 
HETATM 1329 O O   . HOH D 4 .   ? -15.242 -0.115  -5.235  1.00 46.83 ? 2052 HOH A O   1 
HETATM 1330 O O   . HOH D 4 .   ? -3.498  0.616   2.527   1.00 56.57 ? 2053 HOH A O   1 
HETATM 1331 O O   . HOH D 4 .   ? -3.254  4.152   9.133   1.00 46.71 ? 2054 HOH A O   1 
HETATM 1332 O O   . HOH D 4 .   ? -13.085 -15.331 9.981   1.00 63.22 ? 2055 HOH A O   1 
HETATM 1333 O O   . HOH D 4 .   ? 4.162   17.805  -7.425  1.00 58.55 ? 2056 HOH A O   1 
HETATM 1334 O O   . HOH D 4 .   ? 12.608  -6.212  2.530   1.00 50.98 ? 2057 HOH A O   1 
HETATM 1335 O O   . HOH D 4 .   ? 2.898   -13.763 -10.177 1.00 55.02 ? 2058 HOH A O   1 
HETATM 1336 O O   . HOH D 4 .   ? 10.852  -4.829  -14.702 1.00 63.72 ? 2059 HOH A O   1 
HETATM 1337 O O   . HOH D 4 .   ? -11.073 8.828   -0.546  1.00 60.85 ? 2060 HOH A O   1 
HETATM 1338 O O   . HOH D 4 .   ? -12.798 -11.770 -1.297  1.00 30.10 ? 2061 HOH A O   1 
HETATM 1339 O O   . HOH D 4 .   ? -17.384 3.984   -8.714  1.00 49.84 ? 2062 HOH A O   1 
HETATM 1340 O O   . HOH D 4 .   ? -13.942 -8.431  -11.471 1.00 64.56 ? 2063 HOH A O   1 
HETATM 1341 O O   . HOH D 4 .   ? -14.767 14.130  -0.587  1.00 51.67 ? 2064 HOH A O   1 
HETATM 1342 O O   . HOH D 4 .   ? -3.177  -17.927 0.450   1.00 66.00 ? 2065 HOH A O   1 
HETATM 1343 O O   . HOH D 4 .   ? -11.864 -4.410  2.246   1.00 56.83 ? 2066 HOH A O   1 
HETATM 1344 O O   . HOH D 4 .   ? -13.067 -11.279 -11.764 1.00 70.06 ? 2067 HOH A O   1 
# 
